data_9EVH
#
_entry.id   9EVH
#
_cell.length_a   1.00
_cell.length_b   1.00
_cell.length_c   1.00
_cell.angle_alpha   90.00
_cell.angle_beta   90.00
_cell.angle_gamma   90.00
#
_symmetry.space_group_name_H-M   'P 1'
#
loop_
_entity.id
_entity.type
_entity.pdbx_description
1 polymer 'Large T antigen'
2 polymer DNA
3 non-polymer "ADENOSINE-5'-DIPHOSPHATE"
#
loop_
_entity_poly.entity_id
_entity_poly.type
_entity_poly.pdbx_seq_one_letter_code
_entity_poly.pdbx_strand_id
1 'polypeptide(L)'
;MDKVLNREESLQLMDLLGLERSAWGNIPLMRKAYLKKCKEFHPDKGGDEEKMKKMNTLYKKMEDGVKYAHQPDFGGFWDA
TEIPTYGTDEWEQWWNAFNEENLFCSEEMPSSDDEATADSQHSTPPKKKRKVEDPKDFPSELLSFLSHAVFSNRTLACFA
IYTTKEKAALLYKKIMEKYSVTFISRHNSYNHNILFFLTPHRHRVSAINNYAQKLCTFSFLICKGVNKEYLMYSALTRDP
FSVIEESLPGGLKEHDFNPEEAEETKQVSWKLVTEYAMETKCDDVLLLLGMYLEFQYSFEMCLKCIKKEQPSHYKYHEKH
YANAAIFADSKNQKTICQQAVDTVLAKKRVDSLQLTREQMLTNRFNDLLDRMDIMFGSTGSADIEEWMAGVAWLHCLLPK
MDSVVYDFLKCMVYNIPKKRYWLFKGPIDSGKTTLAAALLELCGGKALNVNLPLDRLNFELGVAIDQFLVVFEDVKGTGG
ESRDLPSGQGINNLDNLRDYLDGSVKVNLEKKHLNKRTQIFPPGIVTMNEYSVPKTLQARFVKQIDFRPKDYLKHCLERS
EFLLEKRIIQSGIALLLMLIWYRPVAEFAQSIQSRIVEWKERLDKEFSLSVYQKMKFNVAMGIGVLDWLRNSDDDDEDSQ
ENADKNEDGGEKNMEDSGHETGIDSQSQGSFQAPQSSQSVHDHNQPYHICRGFTCFKKPPTPPPEPET
;
A,B,C,D,E,F
2 'polydeoxyribonucleotide' (DT)(DT)(DT)(DT)(DT)(DT)(DT) S
#
loop_
_chem_comp.id
_chem_comp.type
_chem_comp.name
_chem_comp.formula
ADP non-polymer ADENOSINE-5'-DIPHOSPHATE 'C10 H15 N5 O10 P2'
DT DNA linking THYMIDINE-5'-MONOPHOSPHATE 'C10 H15 N2 O8 P'
#
# COMPACT_ATOMS: atom_id res chain seq x y z
N LYS A 266 9.00 -7.75 44.71
CA LYS A 266 10.03 -7.05 43.96
C LYS A 266 9.72 -6.99 42.47
N GLN A 267 8.78 -7.81 42.02
CA GLN A 267 8.26 -7.69 40.66
C GLN A 267 7.32 -6.50 40.52
N VAL A 268 7.26 -5.95 39.31
CA VAL A 268 6.24 -4.96 39.00
C VAL A 268 4.88 -5.61 39.07
N SER A 269 3.95 -4.99 39.77
CA SER A 269 2.57 -5.43 39.74
C SER A 269 1.87 -4.87 38.50
N TRP A 270 1.55 -5.74 37.54
CA TRP A 270 0.77 -5.32 36.38
C TRP A 270 -0.68 -5.05 36.76
N LYS A 271 -1.14 -5.63 37.86
CA LYS A 271 -2.47 -5.37 38.40
C LYS A 271 -2.66 -3.91 38.83
N LEU A 272 -1.70 -3.34 39.56
CA LEU A 272 -1.82 -1.94 39.97
C LEU A 272 -1.83 -0.97 38.79
N VAL A 273 -1.04 -1.23 37.75
CA VAL A 273 -1.06 -0.36 36.59
C VAL A 273 -2.42 -0.37 35.92
N THR A 274 -3.02 -1.55 35.79
CA THR A 274 -4.35 -1.66 35.19
C THR A 274 -5.40 -0.92 36.00
N GLU A 275 -5.29 -0.96 37.33
CA GLU A 275 -6.18 -0.16 38.18
C GLU A 275 -6.03 1.34 37.99
N TYR A 276 -4.80 1.84 37.86
CA TYR A 276 -4.63 3.25 37.54
C TYR A 276 -5.28 3.61 36.21
N ALA A 277 -5.09 2.80 35.18
CA ALA A 277 -5.72 3.08 33.89
C ALA A 277 -7.24 3.04 33.98
N MET A 278 -7.79 2.15 34.80
CA MET A 278 -9.24 2.10 34.96
C MET A 278 -9.77 3.30 35.74
N GLU A 279 -9.03 3.79 36.72
CA GLU A 279 -9.48 4.97 37.43
C GLU A 279 -9.22 6.26 36.66
N THR A 280 -8.15 6.33 35.89
CA THR A 280 -7.88 7.51 35.07
C THR A 280 -8.60 7.45 33.73
N LYS A 281 -8.87 6.24 33.22
CA LYS A 281 -9.54 6.02 31.94
C LYS A 281 -8.73 6.51 30.74
N CYS A 282 -7.43 6.21 30.74
CA CYS A 282 -6.54 6.46 29.61
C CYS A 282 -6.81 5.49 28.47
N ASP A 283 -6.66 5.99 27.24
CA ASP A 283 -6.72 5.13 26.06
C ASP A 283 -5.63 5.48 25.06
N ASP A 284 -4.49 5.99 25.56
CA ASP A 284 -3.29 6.14 24.75
C ASP A 284 -2.08 5.65 25.55
N VAL A 285 -1.20 4.90 24.90
CA VAL A 285 -0.12 4.19 25.60
C VAL A 285 0.99 5.14 26.03
N LEU A 286 1.34 6.11 25.19
CA LEU A 286 2.39 7.06 25.55
C LEU A 286 1.92 7.97 26.70
N LEU A 287 0.64 8.34 26.69
CA LEU A 287 0.10 9.14 27.79
C LEU A 287 0.16 8.40 29.12
N LEU A 288 -0.32 7.16 29.16
CA LEU A 288 -0.27 6.37 30.39
C LEU A 288 1.15 6.18 30.88
N LEU A 289 2.07 5.85 29.97
CA LEU A 289 3.48 5.72 30.31
C LEU A 289 4.02 7.00 30.95
N GLY A 290 3.79 8.14 30.30
CA GLY A 290 4.22 9.41 30.86
C GLY A 290 3.63 9.68 32.23
N MET A 291 2.32 9.46 32.38
CA MET A 291 1.66 9.68 33.67
C MET A 291 2.24 8.80 34.77
N TYR A 292 2.38 7.50 34.51
CA TYR A 292 2.87 6.60 35.55
C TYR A 292 4.33 6.86 35.92
N LEU A 293 5.17 7.26 34.96
CA LEU A 293 6.57 7.54 35.27
C LEU A 293 6.76 8.72 36.22
N GLU A 294 5.83 9.65 36.29
CA GLU A 294 5.99 10.79 37.21
C GLU A 294 5.96 10.38 38.68
N PHE A 295 5.46 9.20 39.00
CA PHE A 295 5.31 8.76 40.39
C PHE A 295 6.60 8.20 41.01
N GLN A 296 7.69 8.09 40.26
CA GLN A 296 8.90 7.46 40.79
C GLN A 296 9.65 8.32 41.79
N TYR A 297 9.51 9.65 41.73
CA TYR A 297 10.12 10.51 42.73
C TYR A 297 9.35 10.46 44.04
N SER A 298 10.05 10.79 45.14
CA SER A 298 9.48 10.61 46.47
C SER A 298 8.20 11.43 46.65
N PHE A 299 7.30 10.88 47.45
CA PHE A 299 6.00 11.52 47.70
C PHE A 299 6.12 12.79 48.52
N GLU A 300 6.97 12.80 49.54
CA GLU A 300 6.95 13.88 50.52
C GLU A 300 7.16 15.26 49.90
N MET A 301 8.18 15.39 49.06
CA MET A 301 8.59 16.69 48.55
C MET A 301 7.97 17.03 47.19
N CYS A 302 7.01 16.25 46.72
CA CYS A 302 6.51 16.38 45.36
C CYS A 302 5.86 17.74 45.11
N LEU A 303 6.50 18.57 44.28
CA LEU A 303 6.04 19.95 44.07
C LEU A 303 4.64 20.03 43.45
N LYS A 304 4.30 19.09 42.57
CA LYS A 304 2.96 19.08 41.99
C LYS A 304 1.88 18.70 42.99
N CYS A 305 2.17 17.76 43.88
CA CYS A 305 1.20 17.45 44.93
C CYS A 305 0.99 18.63 45.87
N ILE A 306 2.04 19.41 46.15
CA ILE A 306 1.85 20.56 47.03
C ILE A 306 1.02 21.65 46.36
N LYS A 307 1.26 21.95 45.09
CA LYS A 307 0.46 22.97 44.43
C LYS A 307 -0.91 22.45 43.97
N LYS A 308 -1.06 21.14 43.83
CA LYS A 308 -2.30 20.52 43.33
C LYS A 308 -2.68 21.02 41.93
N GLU A 309 -1.74 20.90 40.99
CA GLU A 309 -1.98 21.33 39.62
C GLU A 309 -3.06 20.49 38.94
N GLN A 310 -2.94 19.17 39.02
CA GLN A 310 -3.80 18.26 38.27
C GLN A 310 -4.34 17.15 39.15
N PRO A 311 -5.65 16.85 39.08
CA PRO A 311 -6.20 15.81 39.97
C PRO A 311 -5.66 14.42 39.68
N SER A 312 -5.35 14.12 38.43
CA SER A 312 -4.81 12.82 38.03
C SER A 312 -3.43 12.54 38.63
N HIS A 313 -2.85 13.49 39.34
CA HIS A 313 -1.59 13.27 40.05
C HIS A 313 -1.79 13.22 41.56
N TYR A 314 -2.34 14.26 42.17
CA TYR A 314 -2.36 14.33 43.63
C TYR A 314 -3.32 13.35 44.27
N LYS A 315 -4.32 12.83 43.55
CA LYS A 315 -5.13 11.76 44.11
C LYS A 315 -4.36 10.46 44.30
N TYR A 316 -3.38 10.16 43.44
CA TYR A 316 -2.88 8.80 43.26
C TYR A 316 -1.43 8.57 43.66
N HIS A 317 -0.61 9.62 43.74
CA HIS A 317 0.83 9.43 43.91
C HIS A 317 1.20 8.61 45.14
N GLU A 318 0.61 8.90 46.29
CA GLU A 318 1.00 8.20 47.53
C GLU A 318 0.74 6.70 47.45
N LYS A 319 -0.37 6.33 46.85
CA LYS A 319 -0.69 4.92 46.64
C LYS A 319 0.27 4.24 45.68
N HIS A 320 0.57 4.87 44.55
CA HIS A 320 1.30 4.21 43.46
C HIS A 320 2.82 4.36 43.55
N TYR A 321 3.34 5.17 44.46
CA TYR A 321 4.78 5.43 44.51
C TYR A 321 5.64 4.18 44.54
N ALA A 322 5.33 3.23 45.43
CA ALA A 322 6.20 2.07 45.60
C ALA A 322 6.28 1.22 44.34
N ASN A 323 5.16 1.06 43.66
CA ASN A 323 5.14 0.32 42.40
C ASN A 323 5.82 1.07 41.27
N ALA A 324 5.67 2.39 41.22
CA ALA A 324 6.29 3.18 40.15
C ALA A 324 7.82 3.20 40.22
N ALA A 325 8.41 3.15 41.41
CA ALA A 325 9.86 3.02 41.50
C ALA A 325 10.36 1.73 40.85
N ILE A 326 9.68 0.61 41.09
CA ILE A 326 10.07 -0.66 40.48
C ILE A 326 9.72 -0.70 39.00
N PHE A 327 8.63 -0.05 38.60
CA PHE A 327 8.33 0.14 37.18
C PHE A 327 9.44 0.90 36.45
N ALA A 328 10.03 1.91 37.08
CA ALA A 328 11.15 2.64 36.48
C ALA A 328 12.41 1.81 36.27
N ASP A 329 12.66 0.79 37.09
CA ASP A 329 13.76 -0.14 36.82
C ASP A 329 13.45 -1.15 35.71
N SER A 330 12.19 -1.50 35.52
CA SER A 330 11.82 -2.59 34.64
C SER A 330 12.13 -2.29 33.18
N LYS A 331 12.10 -3.34 32.37
CA LYS A 331 12.50 -3.32 30.96
C LYS A 331 11.44 -3.84 29.99
N ASN A 332 10.22 -4.13 30.48
CA ASN A 332 9.07 -4.47 29.66
C ASN A 332 8.08 -3.31 29.53
N GLN A 333 8.50 -2.09 29.87
CA GLN A 333 7.59 -1.00 30.24
C GLN A 333 6.43 -0.77 29.27
N LYS A 334 6.67 -0.83 27.96
CA LYS A 334 5.59 -0.57 27.01
C LYS A 334 4.61 -1.74 26.86
N THR A 335 5.05 -2.97 27.09
CA THR A 335 4.12 -4.10 27.11
C THR A 335 3.17 -4.04 28.31
N ILE A 336 3.66 -3.59 29.46
CA ILE A 336 2.79 -3.41 30.63
C ILE A 336 1.70 -2.38 30.34
N CYS A 337 2.06 -1.26 29.73
CA CYS A 337 1.08 -0.23 29.40
C CYS A 337 0.10 -0.65 28.30
N GLN A 338 0.54 -1.47 27.36
CA GLN A 338 -0.38 -1.99 26.34
C GLN A 338 -1.48 -2.86 26.95
N GLN A 339 -1.13 -3.77 27.84
CA GLN A 339 -2.14 -4.60 28.51
C GLN A 339 -3.10 -3.77 29.36
N ALA A 340 -2.62 -2.70 29.99
CA ALA A 340 -3.51 -1.78 30.71
C ALA A 340 -4.44 -1.01 29.78
N VAL A 341 -3.94 -0.47 28.68
CA VAL A 341 -4.80 0.24 27.72
C VAL A 341 -5.79 -0.71 27.05
N ASP A 342 -5.35 -1.91 26.69
CA ASP A 342 -6.28 -2.91 26.19
C ASP A 342 -7.43 -3.17 27.15
N THR A 343 -7.14 -3.22 28.46
CA THR A 343 -8.19 -3.43 29.44
C THR A 343 -9.22 -2.30 29.45
N VAL A 344 -8.80 -1.06 29.27
CA VAL A 344 -9.74 0.06 29.23
C VAL A 344 -10.57 0.04 27.94
N LEU A 345 -9.95 -0.22 26.80
CA LEU A 345 -10.72 -0.36 25.56
C LEU A 345 -11.68 -1.55 25.62
N ALA A 346 -11.26 -2.66 26.25
CA ALA A 346 -12.17 -3.78 26.43
C ALA A 346 -13.43 -3.43 27.21
N LYS A 347 -13.30 -2.67 28.30
CA LYS A 347 -14.49 -2.27 29.05
C LYS A 347 -15.46 -1.40 28.24
N LYS A 348 -14.94 -0.46 27.46
CA LYS A 348 -15.83 0.37 26.65
C LYS A 348 -16.66 -0.44 25.65
N ARG A 349 -16.10 -1.50 25.08
CA ARG A 349 -16.89 -2.37 24.21
C ARG A 349 -17.96 -3.16 24.98
N VAL A 350 -17.66 -3.59 26.21
CA VAL A 350 -18.69 -4.21 27.04
C VAL A 350 -19.83 -3.24 27.32
N ASP A 351 -19.51 -2.03 27.76
CA ASP A 351 -20.55 -1.01 27.93
C ASP A 351 -21.33 -0.79 26.65
N SER A 352 -20.63 -0.58 25.55
CA SER A 352 -21.24 -0.30 24.26
C SER A 352 -22.27 -1.36 23.84
N LEU A 353 -22.04 -2.63 24.15
CA LEU A 353 -23.06 -3.64 23.90
C LEU A 353 -24.10 -3.81 25.01
N GLN A 354 -23.69 -3.84 26.27
CA GLN A 354 -24.60 -4.28 27.33
C GLN A 354 -25.37 -3.16 28.05
N LEU A 355 -24.96 -1.91 27.99
CA LEU A 355 -25.76 -0.84 28.58
C LEU A 355 -26.99 -0.50 27.73
N THR A 356 -28.07 -0.15 28.42
CA THR A 356 -29.18 0.52 27.73
C THR A 356 -28.72 1.89 27.26
N ARG A 357 -29.23 2.30 26.11
CA ARG A 357 -28.79 3.54 25.48
C ARG A 357 -29.20 4.77 26.26
N GLU A 358 -30.27 4.70 27.05
CA GLU A 358 -30.58 5.76 28.01
C GLU A 358 -29.53 5.87 29.09
N GLN A 359 -29.00 4.76 29.56
CA GLN A 359 -28.02 4.82 30.63
C GLN A 359 -26.66 5.31 30.15
N MET A 360 -26.30 5.06 28.90
CA MET A 360 -25.08 5.67 28.36
C MET A 360 -25.15 7.19 28.43
N LEU A 361 -26.28 7.77 28.05
CA LEU A 361 -26.44 9.21 28.19
C LEU A 361 -26.44 9.63 29.66
N THR A 362 -27.05 8.83 30.53
CA THR A 362 -27.01 9.10 31.96
C THR A 362 -25.59 9.06 32.50
N ASN A 363 -24.76 8.11 32.05
CA ASN A 363 -23.36 8.06 32.43
C ASN A 363 -22.59 9.29 31.96
N ARG A 364 -22.79 9.69 30.71
CA ARG A 364 -22.11 10.88 30.17
C ARG A 364 -22.47 12.16 30.91
N PHE A 365 -23.73 12.32 31.34
CA PHE A 365 -24.07 13.46 32.18
C PHE A 365 -23.38 13.41 33.53
N ASN A 366 -23.29 12.22 34.13
CA ASN A 366 -22.52 12.11 35.37
C ASN A 366 -21.06 12.52 35.20
N ASP A 367 -20.44 12.20 34.07
CA ASP A 367 -19.07 12.67 33.84
C ASP A 367 -19.01 14.19 33.74
N LEU A 368 -19.95 14.80 32.99
CA LEU A 368 -20.00 16.27 32.93
C LEU A 368 -20.32 16.87 34.28
N LEU A 369 -21.28 16.30 35.01
CA LEU A 369 -21.69 16.89 36.28
C LEU A 369 -20.60 16.79 37.34
N ASP A 370 -19.80 15.71 37.33
CA ASP A 370 -18.58 15.71 38.12
C ASP A 370 -17.58 16.77 37.68
N ARG A 371 -17.38 16.93 36.36
CA ARG A 371 -16.45 17.94 35.88
C ARG A 371 -16.97 19.35 36.05
N MET A 372 -18.28 19.54 35.97
CA MET A 372 -18.86 20.87 36.12
C MET A 372 -18.76 21.36 37.57
N ASP A 373 -18.92 20.47 38.53
CA ASP A 373 -18.80 20.86 39.94
C ASP A 373 -17.40 21.33 40.32
N ILE A 374 -16.36 20.65 39.83
CA ILE A 374 -15.00 21.10 40.16
C ILE A 374 -14.65 22.45 39.52
N MET A 375 -15.07 22.70 38.29
CA MET A 375 -14.70 23.98 37.69
C MET A 375 -15.48 25.17 38.24
N PHE A 376 -16.68 24.95 38.78
CA PHE A 376 -17.37 26.01 39.52
C PHE A 376 -17.14 25.94 41.02
N GLY A 377 -16.24 25.09 41.46
CA GLY A 377 -15.80 25.12 42.85
C GLY A 377 -15.02 26.38 43.15
N SER A 378 -14.80 26.61 44.45
CA SER A 378 -13.96 27.73 44.87
C SER A 378 -12.55 27.61 44.31
N THR A 379 -12.10 26.40 44.01
CA THR A 379 -10.80 26.16 43.38
C THR A 379 -10.82 26.38 41.88
N GLY A 380 -11.99 26.49 41.27
CA GLY A 380 -12.10 26.53 39.82
C GLY A 380 -11.96 27.92 39.22
N SER A 381 -11.54 27.96 37.96
CA SER A 381 -11.27 29.22 37.27
C SER A 381 -12.52 29.92 36.77
N ALA A 382 -13.60 29.18 36.51
CA ALA A 382 -14.78 29.74 35.86
C ALA A 382 -15.68 30.47 36.85
N ASP A 383 -16.67 31.17 36.31
CA ASP A 383 -17.69 31.81 37.13
C ASP A 383 -19.05 31.72 36.46
N ILE A 384 -20.10 31.72 37.29
CA ILE A 384 -21.43 31.32 36.86
C ILE A 384 -21.99 32.29 35.83
N GLU A 385 -21.78 33.58 36.03
CA GLU A 385 -22.41 34.59 35.20
C GLU A 385 -21.92 34.58 33.76
N GLU A 386 -20.64 34.36 33.52
CA GLU A 386 -20.17 34.32 32.13
C GLU A 386 -20.66 33.08 31.40
N TRP A 387 -20.71 31.93 32.07
CA TRP A 387 -21.27 30.74 31.42
C TRP A 387 -22.79 30.84 31.24
N MET A 388 -23.49 31.54 32.14
CA MET A 388 -24.90 31.83 31.91
C MET A 388 -25.10 32.83 30.78
N ALA A 389 -24.16 33.75 30.57
CA ALA A 389 -24.21 34.54 29.35
C ALA A 389 -24.10 33.64 28.12
N GLY A 390 -23.34 32.56 28.23
CA GLY A 390 -23.37 31.54 27.18
C GLY A 390 -24.75 30.96 26.95
N VAL A 391 -25.43 30.56 28.02
CA VAL A 391 -26.81 30.08 27.90
C VAL A 391 -27.71 31.14 27.27
N ALA A 392 -27.59 32.37 27.73
CA ALA A 392 -28.41 33.44 27.20
C ALA A 392 -28.18 33.63 25.70
N TRP A 393 -26.92 33.77 25.30
CA TRP A 393 -26.59 34.00 23.90
C TRP A 393 -27.06 32.84 23.02
N LEU A 394 -26.74 31.62 23.41
CA LEU A 394 -27.07 30.46 22.57
C LEU A 394 -28.57 30.20 22.49
N HIS A 395 -29.31 30.37 23.59
CA HIS A 395 -30.76 30.23 23.51
C HIS A 395 -31.38 31.29 22.61
N CYS A 396 -30.75 32.45 22.50
CA CYS A 396 -31.19 33.47 21.56
C CYS A 396 -30.92 33.10 20.10
N LEU A 397 -30.02 32.14 19.86
CA LEU A 397 -29.59 31.85 18.49
C LEU A 397 -30.71 31.29 17.61
N LEU A 398 -31.61 30.50 18.17
CA LEU A 398 -32.62 29.79 17.41
C LEU A 398 -34.00 29.97 18.03
N PRO A 399 -35.06 29.71 17.28
CA PRO A 399 -36.39 29.61 17.89
C PRO A 399 -36.52 28.36 18.76
N LYS A 400 -37.06 28.55 19.97
CA LYS A 400 -37.37 27.45 20.88
C LYS A 400 -36.17 26.54 21.14
N MET A 401 -34.99 27.14 21.29
CA MET A 401 -33.74 26.38 21.33
C MET A 401 -33.78 25.18 22.28
N ASP A 402 -34.19 25.39 23.53
CA ASP A 402 -34.07 24.32 24.53
C ASP A 402 -34.94 23.11 24.20
N SER A 403 -36.09 23.30 23.57
CA SER A 403 -36.86 22.14 23.13
C SER A 403 -36.27 21.49 21.87
N VAL A 404 -35.56 22.24 21.04
CA VAL A 404 -34.85 21.64 19.92
C VAL A 404 -33.73 20.73 20.42
N VAL A 405 -33.00 21.14 21.46
CA VAL A 405 -32.00 20.26 22.05
C VAL A 405 -32.63 19.00 22.62
N TYR A 406 -33.77 19.13 23.30
CA TYR A 406 -34.45 17.96 23.84
C TYR A 406 -34.93 17.01 22.75
N ASP A 407 -35.50 17.55 21.67
CA ASP A 407 -35.87 16.70 20.53
C ASP A 407 -34.68 15.94 19.97
N PHE A 408 -33.52 16.59 19.86
CA PHE A 408 -32.33 15.87 19.41
C PHE A 408 -31.97 14.72 20.35
N LEU A 409 -31.87 15.00 21.64
CA LEU A 409 -31.50 13.96 22.61
C LEU A 409 -32.46 12.79 22.58
N LYS A 410 -33.76 13.06 22.52
CA LYS A 410 -34.74 11.98 22.42
C LYS A 410 -34.56 11.16 21.15
N CYS A 411 -34.35 11.83 20.02
CA CYS A 411 -34.18 11.08 18.77
C CYS A 411 -32.95 10.18 18.83
N MET A 412 -31.83 10.67 19.34
CA MET A 412 -30.63 9.84 19.44
C MET A 412 -30.80 8.68 20.42
N VAL A 413 -31.52 8.90 21.52
CA VAL A 413 -31.73 7.83 22.50
C VAL A 413 -32.56 6.68 21.92
N TYR A 414 -33.56 6.96 21.09
CA TYR A 414 -34.32 5.86 20.48
C TYR A 414 -33.52 5.09 19.43
N ASN A 415 -32.75 5.78 18.57
CA ASN A 415 -31.95 5.09 17.56
C ASN A 415 -32.77 4.11 16.72
N ILE A 416 -33.93 4.56 16.26
CA ILE A 416 -34.82 3.71 15.47
C ILE A 416 -34.17 3.44 14.11
N PRO A 417 -33.92 2.19 13.73
CA PRO A 417 -33.22 1.93 12.47
C PRO A 417 -33.87 2.55 11.24
N LYS A 418 -32.99 2.91 10.30
CA LYS A 418 -33.30 3.70 9.09
C LYS A 418 -34.08 5.00 9.37
N LYS A 419 -34.09 5.47 10.61
CA LYS A 419 -34.66 6.77 10.95
C LYS A 419 -33.78 7.45 11.99
N ARG A 420 -32.48 7.52 11.70
CA ARG A 420 -31.48 8.14 12.58
C ARG A 420 -31.17 9.60 12.24
N TYR A 421 -30.60 9.83 11.07
CA TYR A 421 -29.73 10.98 10.83
C TYR A 421 -30.51 12.28 10.62
N TRP A 422 -29.89 13.38 11.03
CA TRP A 422 -30.36 14.73 10.80
C TRP A 422 -29.50 15.44 9.75
N LEU A 423 -30.15 16.23 8.89
CA LEU A 423 -29.49 17.33 8.19
C LEU A 423 -29.55 18.66 8.93
N PHE A 424 -28.49 19.44 8.76
CA PHE A 424 -28.48 20.90 8.82
C PHE A 424 -28.13 21.43 7.43
N LYS A 425 -28.63 22.61 7.09
CA LYS A 425 -28.14 23.36 5.93
C LYS A 425 -28.16 24.86 6.22
N GLY A 426 -27.16 25.58 5.70
CA GLY A 426 -27.09 27.02 5.85
C GLY A 426 -25.72 27.58 5.57
N PRO A 427 -25.61 28.91 5.42
CA PRO A 427 -24.37 29.53 4.96
C PRO A 427 -23.32 29.68 6.06
N ILE A 428 -22.19 30.26 5.66
CA ILE A 428 -21.13 30.74 6.55
C ILE A 428 -21.64 31.69 7.64
N ASP A 429 -21.03 31.61 8.82
CA ASP A 429 -21.36 32.45 9.97
C ASP A 429 -22.85 32.49 10.29
N SER A 430 -23.51 31.34 10.13
CA SER A 430 -24.93 31.22 10.43
C SER A 430 -25.19 30.56 11.77
N GLY A 431 -24.31 29.67 12.21
CA GLY A 431 -24.31 29.13 13.56
C GLY A 431 -24.30 27.61 13.66
N LYS A 432 -24.40 26.96 12.51
CA LYS A 432 -24.57 25.50 12.49
C LYS A 432 -23.44 24.77 13.21
N THR A 433 -22.18 25.13 12.93
CA THR A 433 -21.06 24.37 13.47
C THR A 433 -20.90 24.57 14.98
N THR A 434 -21.21 25.75 15.51
CA THR A 434 -21.16 25.90 16.96
C THR A 434 -22.24 25.09 17.67
N LEU A 435 -23.42 24.93 17.07
CA LEU A 435 -24.40 24.05 17.70
C LEU A 435 -23.98 22.59 17.62
N ALA A 436 -23.45 22.15 16.49
CA ALA A 436 -23.00 20.77 16.36
C ALA A 436 -21.86 20.46 17.33
N ALA A 437 -20.93 21.39 17.51
CA ALA A 437 -19.86 21.19 18.49
C ALA A 437 -20.39 21.09 19.91
N ALA A 438 -21.38 21.92 20.26
CA ALA A 438 -21.97 21.86 21.60
C ALA A 438 -22.69 20.54 21.86
N LEU A 439 -23.45 20.05 20.87
CA LEU A 439 -24.06 18.73 21.00
C LEU A 439 -23.02 17.62 21.12
N LEU A 440 -21.95 17.70 20.33
CA LEU A 440 -20.93 16.67 20.35
C LEU A 440 -20.30 16.46 21.73
N GLU A 441 -20.02 17.54 22.46
CA GLU A 441 -19.50 17.39 23.82
C GLU A 441 -20.56 16.93 24.81
N LEU A 442 -21.83 17.31 24.59
CA LEU A 442 -22.89 16.85 25.48
C LEU A 442 -23.07 15.34 25.39
N CYS A 443 -23.11 14.80 24.20
CA CYS A 443 -22.99 13.36 24.00
C CYS A 443 -21.51 12.99 24.08
N GLY A 444 -21.19 11.73 23.79
CA GLY A 444 -19.88 11.37 23.26
C GLY A 444 -19.95 11.30 21.75
N GLY A 445 -18.92 11.77 21.08
CA GLY A 445 -18.97 11.73 19.63
C GLY A 445 -17.66 12.08 18.99
N LYS A 446 -17.59 11.81 17.68
CA LYS A 446 -16.43 12.10 16.86
C LYS A 446 -16.84 12.74 15.54
N ALA A 447 -16.09 13.76 15.12
CA ALA A 447 -16.26 14.40 13.83
C ALA A 447 -15.52 13.66 12.72
N LEU A 448 -16.15 13.57 11.53
CA LEU A 448 -15.53 12.95 10.36
C LEU A 448 -15.58 13.88 9.15
N ASN A 449 -14.55 13.78 8.31
CA ASN A 449 -14.39 14.56 7.08
C ASN A 449 -14.36 13.63 5.87
N VAL A 450 -15.50 13.43 5.22
CA VAL A 450 -15.59 12.53 4.06
C VAL A 450 -15.41 13.22 2.71
N ASN A 451 -14.82 14.42 2.69
CA ASN A 451 -14.54 15.09 1.42
C ASN A 451 -13.38 14.46 0.65
N LEU A 452 -12.56 13.64 1.27
CA LEU A 452 -11.47 12.95 0.59
C LEU A 452 -12.01 11.87 -0.36
N PRO A 453 -11.18 11.40 -1.31
CA PRO A 453 -11.63 10.37 -2.25
C PRO A 453 -12.01 9.06 -1.56
N LEU A 454 -13.03 8.42 -2.12
CA LEU A 454 -13.73 7.30 -1.47
C LEU A 454 -12.80 6.21 -0.96
N ASP A 455 -11.75 5.88 -1.72
CA ASP A 455 -10.84 4.81 -1.32
C ASP A 455 -10.00 5.14 -0.08
N ARG A 456 -9.83 6.41 0.28
CA ARG A 456 -9.16 6.78 1.52
C ARG A 456 -10.03 6.71 2.77
N LEU A 457 -11.35 6.72 2.63
CA LEU A 457 -12.26 6.83 3.76
C LEU A 457 -12.24 5.62 4.68
N ASN A 458 -11.62 4.51 4.29
CA ASN A 458 -11.64 3.30 5.10
C ASN A 458 -11.21 3.54 6.55
N PHE A 459 -10.05 4.18 6.75
CA PHE A 459 -9.60 4.48 8.10
C PHE A 459 -10.26 5.71 8.72
N GLU A 460 -10.85 6.59 7.91
CA GLU A 460 -11.58 7.72 8.48
C GLU A 460 -12.84 7.25 9.19
N LEU A 461 -13.62 6.40 8.52
CA LEU A 461 -14.79 5.81 9.15
C LEU A 461 -14.44 4.93 10.34
N GLY A 462 -13.23 4.36 10.35
CA GLY A 462 -12.74 3.58 11.49
C GLY A 462 -12.69 4.30 12.82
N VAL A 463 -12.79 5.63 12.85
CA VAL A 463 -12.83 6.34 14.12
C VAL A 463 -14.15 6.17 14.87
N ALA A 464 -15.25 5.87 14.18
CA ALA A 464 -16.55 5.72 14.81
C ALA A 464 -16.71 4.46 15.66
N ILE A 465 -15.72 3.58 15.71
CA ILE A 465 -15.82 2.32 16.43
C ILE A 465 -16.18 2.50 17.91
N ASP A 466 -17.36 2.02 18.29
CA ASP A 466 -17.94 2.16 19.63
C ASP A 466 -18.15 3.60 20.12
N GLN A 467 -18.48 4.53 19.23
CA GLN A 467 -18.90 5.88 19.61
C GLN A 467 -20.43 6.00 19.61
N PHE A 468 -20.92 7.03 20.33
CA PHE A 468 -22.35 7.31 20.42
C PHE A 468 -22.86 8.22 19.30
N LEU A 469 -22.24 9.38 19.08
CA LEU A 469 -22.56 10.26 17.95
C LEU A 469 -21.46 10.26 16.90
N VAL A 470 -21.86 10.39 15.65
CA VAL A 470 -20.99 10.81 14.57
C VAL A 470 -21.52 12.11 13.97
N VAL A 471 -20.62 13.04 13.65
CA VAL A 471 -20.96 14.28 12.98
C VAL A 471 -20.09 14.43 11.73
N PHE A 472 -20.73 14.66 10.60
CA PHE A 472 -20.04 14.93 9.34
C PHE A 472 -20.09 16.44 9.08
N GLU A 473 -18.92 17.06 9.04
CA GLU A 473 -18.80 18.52 9.02
C GLU A 473 -18.43 19.04 7.65
N ASP A 474 -19.15 20.06 7.19
CA ASP A 474 -18.85 20.76 5.94
C ASP A 474 -18.71 19.83 4.73
N VAL A 475 -19.67 18.92 4.57
CA VAL A 475 -19.66 17.99 3.43
C VAL A 475 -20.07 18.75 2.16
N LYS A 476 -19.31 18.56 1.09
CA LYS A 476 -19.45 19.36 -0.13
C LYS A 476 -20.12 18.59 -1.26
N GLY A 477 -21.01 19.30 -1.98
CA GLY A 477 -21.69 18.77 -3.14
C GLY A 477 -20.93 18.94 -4.45
N THR A 478 -21.64 18.63 -5.54
CA THR A 478 -21.18 18.88 -6.90
C THR A 478 -21.90 20.08 -7.51
N GLY A 479 -21.15 20.92 -8.21
CA GLY A 479 -21.68 22.15 -8.77
C GLY A 479 -21.92 23.25 -7.73
N GLY A 480 -22.68 24.25 -8.16
CA GLY A 480 -22.95 25.42 -7.33
C GLY A 480 -21.79 26.37 -7.19
N GLU A 481 -20.67 26.11 -7.86
CA GLU A 481 -19.44 26.89 -7.72
C GLU A 481 -19.64 28.36 -8.06
N SER A 482 -20.66 28.70 -8.85
CA SER A 482 -20.92 30.10 -9.19
C SER A 482 -21.17 30.97 -7.97
N ARG A 483 -21.63 30.38 -6.87
CA ARG A 483 -21.81 31.11 -5.62
C ARG A 483 -20.52 31.24 -4.81
N ASP A 484 -19.37 30.88 -5.39
CA ASP A 484 -18.12 30.74 -4.67
C ASP A 484 -18.16 29.63 -3.62
N LEU A 485 -18.92 28.57 -3.89
CA LEU A 485 -18.93 27.35 -3.08
C LEU A 485 -18.29 26.22 -3.87
N PRO A 486 -16.97 26.00 -3.75
CA PRO A 486 -16.33 24.96 -4.57
C PRO A 486 -16.86 23.57 -4.27
N SER A 487 -16.72 22.71 -5.28
CA SER A 487 -17.26 21.35 -5.28
C SER A 487 -16.32 20.34 -4.62
N GLY A 488 -16.86 19.15 -4.35
CA GLY A 488 -16.07 18.03 -3.87
C GLY A 488 -16.86 16.75 -3.95
N GLN A 489 -16.22 15.66 -3.50
CA GLN A 489 -16.80 14.31 -3.57
C GLN A 489 -17.73 13.95 -2.42
N GLY A 490 -17.93 14.83 -1.44
CA GLY A 490 -18.58 14.42 -0.20
C GLY A 490 -19.97 13.82 -0.36
N ILE A 491 -20.83 14.45 -1.15
CA ILE A 491 -22.21 13.96 -1.27
C ILE A 491 -22.30 12.71 -2.13
N ASN A 492 -21.47 12.59 -3.16
CA ASN A 492 -21.37 11.32 -3.88
C ASN A 492 -20.84 10.22 -3.00
N ASN A 493 -19.89 10.54 -2.11
CA ASN A 493 -19.44 9.57 -1.11
C ASN A 493 -20.56 9.13 -0.18
N LEU A 494 -21.34 10.07 0.35
CA LEU A 494 -22.43 9.68 1.24
C LEU A 494 -23.48 8.84 0.53
N ASP A 495 -23.77 9.14 -0.73
CA ASP A 495 -24.71 8.32 -1.48
C ASP A 495 -24.16 6.93 -1.76
N ASN A 496 -22.84 6.78 -1.83
CA ASN A 496 -22.23 5.46 -1.82
C ASN A 496 -22.27 4.81 -0.44
N LEU A 497 -22.03 5.59 0.60
CA LEU A 497 -22.00 5.10 1.98
C LEU A 497 -23.40 4.91 2.59
N ARG A 498 -24.44 4.90 1.75
CA ARG A 498 -25.84 4.75 2.14
C ARG A 498 -26.05 3.65 3.18
N ASP A 499 -25.34 2.53 3.00
CA ASP A 499 -25.45 1.38 3.88
C ASP A 499 -25.12 1.71 5.34
N TYR A 500 -24.27 2.69 5.58
CA TYR A 500 -23.91 3.07 6.94
C TYR A 500 -24.93 4.01 7.58
N LEU A 501 -25.55 4.89 6.81
CA LEU A 501 -26.63 5.71 7.35
C LEU A 501 -27.85 4.87 7.67
N ASP A 502 -28.26 4.01 6.75
CA ASP A 502 -29.38 3.11 7.02
C ASP A 502 -29.08 2.22 8.22
N GLY A 503 -27.89 1.64 8.23
CA GLY A 503 -27.39 0.89 9.37
C GLY A 503 -28.37 -0.11 9.94
N SER A 504 -29.19 -0.70 9.08
CA SER A 504 -30.08 -1.77 9.50
C SER A 504 -29.34 -3.08 9.69
N VAL A 505 -28.08 -3.16 9.26
CA VAL A 505 -27.25 -4.35 9.42
C VAL A 505 -25.85 -3.91 9.86
N LYS A 506 -25.14 -4.84 10.50
CA LYS A 506 -23.78 -4.56 10.98
C LYS A 506 -22.82 -4.37 9.81
N VAL A 507 -22.18 -3.20 9.76
CA VAL A 507 -21.07 -2.94 8.85
C VAL A 507 -19.75 -3.40 9.48
N ASN A 508 -18.69 -3.38 8.68
CA ASN A 508 -17.36 -3.83 9.08
C ASN A 508 -16.39 -2.65 9.08
N LEU A 509 -15.84 -2.32 10.25
CA LEU A 509 -15.05 -1.09 10.44
C LEU A 509 -13.62 -1.43 10.84
N GLU A 510 -12.64 -0.67 10.32
CA GLU A 510 -11.24 -1.09 10.32
C GLU A 510 -10.30 -0.07 10.95
N LYS A 511 -9.28 -0.56 11.69
CA LYS A 511 -8.20 0.29 12.18
C LYS A 511 -6.88 -0.48 12.25
N LYS A 512 -5.77 0.26 12.20
CA LYS A 512 -4.46 -0.27 11.81
C LYS A 512 -3.91 -1.30 12.80
N HIS A 513 -3.43 -2.42 12.25
CA HIS A 513 -2.81 -3.53 13.02
C HIS A 513 -3.71 -4.11 14.10
N LEU A 514 -5.01 -3.93 14.01
CA LEU A 514 -5.92 -4.45 15.01
C LEU A 514 -7.05 -5.20 14.31
N ASN A 515 -7.57 -6.24 14.96
CA ASN A 515 -8.67 -6.98 14.38
C ASN A 515 -9.90 -6.09 14.27
N LYS A 516 -10.59 -6.19 13.14
CA LYS A 516 -11.67 -5.27 12.78
C LYS A 516 -12.98 -5.53 13.54
N ARG A 517 -13.81 -4.49 13.57
CA ARG A 517 -15.03 -4.42 14.38
C ARG A 517 -16.30 -4.56 13.52
N THR A 518 -17.22 -5.43 13.96
CA THR A 518 -18.50 -5.66 13.28
C THR A 518 -19.62 -5.02 14.09
N GLN A 519 -20.24 -3.97 13.55
CA GLN A 519 -21.05 -3.08 14.38
C GLN A 519 -21.99 -2.24 13.50
N ILE A 520 -23.13 -1.79 14.07
CA ILE A 520 -23.96 -0.79 13.41
C ILE A 520 -23.36 0.61 13.58
N PHE A 521 -23.38 1.38 12.51
CA PHE A 521 -22.80 2.73 12.54
C PHE A 521 -23.69 3.66 13.37
N PRO A 522 -23.11 4.53 14.20
CA PRO A 522 -23.92 5.33 15.15
C PRO A 522 -24.82 6.34 14.47
N PRO A 523 -25.88 6.81 15.17
CA PRO A 523 -26.63 8.02 14.77
C PRO A 523 -25.78 9.28 14.59
N GLY A 524 -26.27 10.30 13.89
CA GLY A 524 -25.44 11.48 13.71
C GLY A 524 -26.10 12.63 12.95
N ILE A 525 -25.28 13.65 12.69
CA ILE A 525 -25.66 14.92 12.08
C ILE A 525 -24.77 15.20 10.87
N VAL A 526 -25.34 15.75 9.81
CA VAL A 526 -24.59 16.29 8.68
C VAL A 526 -24.77 17.81 8.61
N THR A 527 -23.66 18.55 8.50
CA THR A 527 -23.68 19.99 8.25
C THR A 527 -23.16 20.28 6.84
N MET A 528 -23.84 21.18 6.12
CA MET A 528 -23.51 21.50 4.73
C MET A 528 -23.79 22.97 4.45
N ASN A 529 -23.11 23.51 3.45
CA ASN A 529 -23.60 24.70 2.78
C ASN A 529 -24.69 24.32 1.77
N GLU A 530 -25.19 25.32 1.05
CA GLU A 530 -26.42 25.18 0.27
C GLU A 530 -26.28 24.42 -1.05
N TYR A 531 -25.66 23.24 -1.01
CA TYR A 531 -25.59 22.36 -2.18
C TYR A 531 -26.93 21.68 -2.46
N SER A 532 -27.04 21.11 -3.67
CA SER A 532 -28.10 20.17 -4.00
C SER A 532 -27.86 18.83 -3.32
N VAL A 533 -28.94 18.11 -3.02
CA VAL A 533 -28.84 16.76 -2.49
C VAL A 533 -29.60 15.78 -3.38
N PRO A 534 -28.95 14.73 -3.89
CA PRO A 534 -29.68 13.66 -4.61
C PRO A 534 -30.80 13.04 -3.80
N LYS A 535 -31.91 12.76 -4.48
CA LYS A 535 -33.10 12.23 -3.83
C LYS A 535 -32.82 10.91 -3.10
N THR A 536 -31.93 10.09 -3.64
CA THR A 536 -31.58 8.83 -2.99
C THR A 536 -31.01 9.05 -1.60
N LEU A 537 -30.16 10.05 -1.45
CA LEU A 537 -29.60 10.39 -0.15
C LEU A 537 -30.59 11.19 0.69
N GLN A 538 -31.29 12.12 0.06
CA GLN A 538 -32.27 12.96 0.76
C GLN A 538 -33.26 12.13 1.56
N ALA A 539 -33.62 10.96 1.06
CA ALA A 539 -34.55 10.06 1.75
C ALA A 539 -34.05 9.50 3.08
N ARG A 540 -32.74 9.53 3.36
CA ARG A 540 -32.24 8.94 4.61
C ARG A 540 -32.48 9.84 5.82
N PHE A 541 -32.39 11.14 5.62
CA PHE A 541 -32.43 12.09 6.73
C PHE A 541 -33.85 12.28 7.27
N VAL A 542 -33.99 12.18 8.59
CA VAL A 542 -35.30 12.27 9.21
C VAL A 542 -35.76 13.71 9.28
N LYS A 543 -34.88 14.62 9.69
CA LYS A 543 -35.25 16.01 9.92
C LYS A 543 -34.22 16.92 9.27
N GLN A 544 -34.67 18.14 8.96
CA GLN A 544 -33.89 19.10 8.20
C GLN A 544 -34.03 20.47 8.86
N ILE A 545 -33.36 20.65 10.00
CA ILE A 545 -33.35 21.92 10.71
C ILE A 545 -32.43 22.93 10.01
N ASP A 546 -33.00 23.66 9.04
CA ASP A 546 -32.30 24.67 8.26
C ASP A 546 -31.98 25.92 9.08
N PHE A 547 -30.96 26.67 8.62
CA PHE A 547 -30.43 27.84 9.32
C PHE A 547 -30.62 29.14 8.56
N ARG A 548 -30.69 30.26 9.30
CA ARG A 548 -30.66 31.64 8.75
C ARG A 548 -29.80 32.59 9.58
N PRO A 549 -28.92 33.38 8.95
CA PRO A 549 -28.08 34.34 9.70
C PRO A 549 -28.86 35.41 10.46
N LYS A 550 -28.18 36.04 11.43
CA LYS A 550 -28.72 37.15 12.20
C LYS A 550 -27.60 38.11 12.60
N ASP A 551 -27.98 39.39 12.76
CA ASP A 551 -27.02 40.51 12.78
C ASP A 551 -26.72 41.08 14.16
N TYR A 552 -27.71 41.25 15.04
CA TYR A 552 -27.41 41.84 16.35
C TYR A 552 -26.56 40.91 17.22
N LEU A 553 -26.62 39.60 16.97
CA LEU A 553 -25.74 38.67 17.68
C LEU A 553 -24.28 38.98 17.41
N LYS A 554 -23.94 39.26 16.16
CA LYS A 554 -22.58 39.61 15.78
C LYS A 554 -22.14 40.94 16.38
N HIS A 555 -23.04 41.93 16.40
CA HIS A 555 -22.76 43.14 17.15
C HIS A 555 -22.46 42.85 18.63
N CYS A 556 -23.17 41.90 19.23
CA CYS A 556 -22.93 41.58 20.64
C CYS A 556 -21.58 40.91 20.87
N LEU A 557 -21.22 39.92 20.05
CA LEU A 557 -19.93 39.24 20.20
C LEU A 557 -18.75 40.20 20.07
N GLU A 558 -18.84 41.18 19.19
CA GLU A 558 -17.77 42.15 19.05
C GLU A 558 -17.45 42.85 20.36
N ARG A 559 -18.42 42.92 21.25
CA ARG A 559 -18.33 43.69 22.49
C ARG A 559 -18.17 42.79 23.71
N SER A 560 -17.91 41.50 23.51
CA SER A 560 -18.09 40.49 24.55
C SER A 560 -17.10 39.35 24.34
N GLU A 561 -15.84 39.71 24.08
CA GLU A 561 -14.86 38.79 23.55
C GLU A 561 -14.52 37.62 24.48
N PHE A 562 -14.88 37.68 25.75
CA PHE A 562 -14.70 36.54 26.64
C PHE A 562 -15.41 35.28 26.15
N LEU A 563 -16.49 35.41 25.41
CA LEU A 563 -17.25 34.24 24.96
C LEU A 563 -16.42 33.32 24.07
N LEU A 564 -15.71 33.87 23.10
CA LEU A 564 -14.86 33.05 22.25
C LEU A 564 -13.52 32.71 22.92
N GLU A 565 -12.95 33.65 23.65
CA GLU A 565 -11.68 33.38 24.34
C GLU A 565 -11.76 32.15 25.23
N LYS A 566 -12.80 32.04 26.05
CA LYS A 566 -12.95 30.90 26.95
C LYS A 566 -13.73 29.74 26.33
N ARG A 567 -14.11 29.84 25.06
CA ARG A 567 -14.86 28.80 24.32
C ARG A 567 -16.20 28.47 24.95
N ILE A 568 -16.85 29.47 25.54
CA ILE A 568 -18.08 29.25 26.30
C ILE A 568 -19.20 28.73 25.41
N ILE A 569 -19.41 29.35 24.24
CA ILE A 569 -20.56 28.97 23.42
C ILE A 569 -20.43 27.58 22.79
N GLN A 570 -19.22 27.04 22.67
CA GLN A 570 -19.06 25.77 21.98
C GLN A 570 -19.20 24.56 22.88
N SER A 571 -19.14 24.72 24.20
CA SER A 571 -18.98 23.56 25.07
C SER A 571 -20.32 22.97 25.51
N GLY A 572 -20.32 21.65 25.70
CA GLY A 572 -21.48 20.93 26.18
C GLY A 572 -21.92 21.31 27.58
N ILE A 573 -21.01 21.88 28.36
CA ILE A 573 -21.38 22.41 29.67
C ILE A 573 -22.37 23.56 29.55
N ALA A 574 -22.26 24.37 28.49
CA ALA A 574 -23.22 25.45 28.27
C ALA A 574 -24.61 24.93 27.90
N LEU A 575 -24.71 23.88 27.09
CA LEU A 575 -26.02 23.29 26.85
C LEU A 575 -26.59 22.61 28.09
N LEU A 576 -25.74 21.99 28.89
CA LEU A 576 -26.24 21.35 30.11
C LEU A 576 -26.75 22.37 31.12
N LEU A 577 -26.09 23.51 31.24
CA LEU A 577 -26.66 24.61 32.02
C LEU A 577 -27.99 25.10 31.45
N MET A 578 -28.14 25.12 30.12
CA MET A 578 -29.43 25.45 29.54
C MET A 578 -30.50 24.39 29.83
N LEU A 579 -30.19 23.11 29.67
CA LEU A 579 -31.19 22.09 29.98
C LEU A 579 -31.56 22.09 31.45
N ILE A 580 -30.60 22.34 32.34
CA ILE A 580 -30.93 22.55 33.73
C ILE A 580 -31.88 23.74 33.91
N TRP A 581 -31.66 24.81 33.16
CA TRP A 581 -32.52 25.98 33.29
C TRP A 581 -33.96 25.71 32.83
N TYR A 582 -34.15 25.37 31.54
CA TYR A 582 -35.51 25.32 30.99
C TYR A 582 -36.26 24.01 31.24
N ARG A 583 -35.57 22.86 31.42
CA ARG A 583 -36.32 21.59 31.48
C ARG A 583 -36.98 21.37 32.85
N PRO A 584 -38.18 20.76 32.87
CA PRO A 584 -38.69 20.15 34.10
C PRO A 584 -37.84 19.00 34.61
N VAL A 585 -37.81 18.86 35.94
CA VAL A 585 -36.86 17.95 36.60
C VAL A 585 -37.22 16.47 36.44
N ALA A 586 -38.47 16.15 36.16
CA ALA A 586 -38.84 14.75 35.95
C ALA A 586 -38.43 14.19 34.60
N GLU A 587 -38.15 15.03 33.61
CA GLU A 587 -37.87 14.55 32.26
C GLU A 587 -36.55 13.82 32.13
N PHE A 588 -35.62 14.00 33.06
CA PHE A 588 -34.33 13.35 33.03
C PHE A 588 -34.42 11.91 33.53
N ALA A 589 -33.28 11.21 33.52
CA ALA A 589 -33.17 9.87 34.11
C ALA A 589 -33.19 9.92 35.64
N GLN A 590 -33.72 8.84 36.23
CA GLN A 590 -34.01 8.82 37.66
C GLN A 590 -32.77 8.84 38.56
N SER A 591 -31.63 8.32 38.12
CA SER A 591 -30.42 8.38 38.95
C SER A 591 -29.94 9.82 39.17
N ILE A 592 -29.94 10.63 38.12
CA ILE A 592 -29.44 12.00 38.23
C ILE A 592 -30.46 12.99 38.75
N GLN A 593 -31.70 12.55 38.96
CA GLN A 593 -32.75 13.44 39.46
C GLN A 593 -32.34 14.18 40.74
N SER A 594 -31.61 13.52 41.63
CA SER A 594 -31.11 14.19 42.85
C SER A 594 -29.99 15.20 42.60
N ARG A 595 -29.14 14.99 41.59
CA ARG A 595 -28.17 16.02 41.23
C ARG A 595 -28.82 17.25 40.59
N ILE A 596 -29.81 17.04 39.73
CA ILE A 596 -30.38 18.16 38.97
C ILE A 596 -31.11 19.16 39.86
N VAL A 597 -31.73 18.72 40.95
CA VAL A 597 -32.30 19.69 41.90
C VAL A 597 -31.21 20.49 42.62
N GLU A 598 -30.07 19.88 42.93
CA GLU A 598 -28.98 20.68 43.49
C GLU A 598 -28.49 21.77 42.54
N TRP A 599 -28.33 21.46 41.24
CA TRP A 599 -27.98 22.51 40.29
C TRP A 599 -29.14 23.47 40.03
N LYS A 600 -30.38 22.98 39.97
CA LYS A 600 -31.51 23.91 39.88
C LYS A 600 -31.48 24.93 41.01
N GLU A 601 -31.36 24.46 42.24
CA GLU A 601 -31.29 25.34 43.39
C GLU A 601 -30.03 26.20 43.39
N ARG A 602 -28.85 25.58 43.25
CA ARG A 602 -27.61 26.34 43.37
C ARG A 602 -27.53 27.43 42.31
N LEU A 603 -28.06 27.17 41.13
CA LEU A 603 -28.06 28.19 40.10
C LEU A 603 -29.06 29.31 40.43
N ASP A 604 -30.30 28.96 40.76
CA ASP A 604 -31.27 29.98 41.16
C ASP A 604 -30.84 30.77 42.39
N LYS A 605 -30.12 30.14 43.31
CA LYS A 605 -29.71 30.82 44.54
C LYS A 605 -28.94 32.09 44.26
N GLU A 606 -28.17 32.13 43.18
CA GLU A 606 -27.44 33.33 42.76
C GLU A 606 -28.15 34.09 41.65
N PHE A 607 -28.33 33.43 40.52
CA PHE A 607 -28.61 34.07 39.24
C PHE A 607 -30.11 34.16 39.01
N SER A 608 -30.73 35.23 39.52
CA SER A 608 -32.17 35.41 39.51
C SER A 608 -32.72 35.67 38.10
N LEU A 609 -34.02 35.44 37.95
CA LEU A 609 -34.66 35.57 36.64
C LEU A 609 -34.68 37.00 36.12
N SER A 610 -34.81 38.00 37.00
CA SER A 610 -34.80 39.38 36.55
C SER A 610 -33.48 39.75 35.87
N VAL A 611 -32.35 39.40 36.49
CA VAL A 611 -31.05 39.68 35.86
C VAL A 611 -30.85 38.84 34.61
N TYR A 612 -31.35 37.60 34.61
CA TYR A 612 -31.31 36.80 33.38
C TYR A 612 -32.07 37.48 32.24
N GLN A 613 -33.27 37.96 32.52
CA GLN A 613 -34.06 38.62 31.48
C GLN A 613 -33.37 39.88 30.97
N LYS A 614 -32.81 40.69 31.87
CA LYS A 614 -32.08 41.88 31.45
C LYS A 614 -30.91 41.57 30.52
N MET A 615 -30.04 40.63 30.89
CA MET A 615 -28.91 40.34 30.02
C MET A 615 -29.35 39.62 28.74
N LYS A 616 -30.44 38.86 28.79
CA LYS A 616 -30.99 38.31 27.55
C LYS A 616 -31.52 39.41 26.63
N PHE A 617 -32.11 40.46 27.20
CA PHE A 617 -32.42 41.65 26.43
C PHE A 617 -31.16 42.33 25.87
N ASN A 618 -30.08 42.38 26.66
CA ASN A 618 -28.83 42.95 26.14
C ASN A 618 -28.33 42.22 24.90
N VAL A 619 -28.47 40.90 24.87
CA VAL A 619 -28.19 40.17 23.64
C VAL A 619 -29.14 40.60 22.53
N ALA A 620 -30.43 40.58 22.82
CA ALA A 620 -31.43 40.88 21.79
C ALA A 620 -31.22 42.26 21.19
N MET A 621 -30.78 43.22 22.00
CA MET A 621 -30.53 44.58 21.56
C MET A 621 -29.13 44.79 21.00
N GLY A 622 -28.26 43.79 21.07
CA GLY A 622 -26.92 43.91 20.50
C GLY A 622 -25.98 44.80 21.28
N ILE A 623 -26.24 44.98 22.58
CA ILE A 623 -25.47 45.92 23.40
C ILE A 623 -24.08 45.40 23.74
N GLY A 624 -23.92 44.08 23.79
CA GLY A 624 -22.88 43.45 24.60
C GLY A 624 -23.44 43.05 25.96
N VAL A 625 -23.30 41.77 26.30
CA VAL A 625 -24.22 41.14 27.25
C VAL A 625 -24.17 41.78 28.64
N LEU A 626 -23.01 42.25 29.08
CA LEU A 626 -22.88 42.60 30.48
C LEU A 626 -23.59 43.90 30.86
N ASP A 627 -24.28 43.85 31.99
CA ASP A 627 -24.93 45.00 32.64
C ASP A 627 -25.72 45.83 31.65
N LYS B 266 26.99 -5.29 36.60
CA LYS B 266 27.59 -5.87 35.40
C LYS B 266 26.63 -5.86 34.21
N GLN B 267 25.34 -5.88 34.48
CA GLN B 267 24.35 -5.72 33.42
C GLN B 267 24.07 -4.24 33.13
N VAL B 268 23.69 -3.96 31.89
CA VAL B 268 23.39 -2.59 31.47
C VAL B 268 22.26 -2.05 32.32
N SER B 269 22.40 -0.81 32.79
CA SER B 269 21.29 -0.12 33.45
C SER B 269 20.55 0.75 32.45
N TRP B 270 19.34 0.33 32.09
CA TRP B 270 18.51 1.02 31.11
C TRP B 270 18.03 2.38 31.62
N LYS B 271 18.00 2.58 32.93
CA LYS B 271 17.60 3.85 33.52
C LYS B 271 18.59 4.98 33.26
N LEU B 272 19.90 4.68 33.24
CA LEU B 272 20.89 5.70 32.89
C LEU B 272 20.76 6.19 31.46
N VAL B 273 20.52 5.30 30.51
CA VAL B 273 20.27 5.74 29.13
C VAL B 273 19.01 6.60 29.06
N THR B 274 17.98 6.25 29.81
CA THR B 274 16.75 7.04 29.81
C THR B 274 16.99 8.45 30.33
N GLU B 275 17.76 8.59 31.43
CA GLU B 275 18.14 9.92 31.90
C GLU B 275 18.87 10.73 30.84
N TYR B 276 19.87 10.15 30.19
CA TYR B 276 20.58 10.87 29.14
C TYR B 276 19.65 11.35 28.04
N ALA B 277 18.77 10.46 27.56
CA ALA B 277 17.82 10.86 26.52
C ALA B 277 16.91 11.98 27.00
N MET B 278 16.43 11.89 28.24
CA MET B 278 15.57 12.92 28.80
C MET B 278 16.30 14.25 28.96
N GLU B 279 17.53 14.23 29.43
CA GLU B 279 18.31 15.46 29.56
C GLU B 279 18.74 16.03 28.22
N THR B 280 18.88 15.21 27.19
CA THR B 280 19.28 15.70 25.87
C THR B 280 18.10 16.01 24.94
N LYS B 281 16.94 15.40 25.16
CA LYS B 281 15.76 15.51 24.29
C LYS B 281 16.01 15.02 22.86
N CYS B 282 16.24 13.71 22.73
CA CYS B 282 16.37 13.05 21.44
C CYS B 282 15.05 12.39 21.05
N ASP B 283 14.57 12.67 19.84
CA ASP B 283 13.37 12.03 19.30
C ASP B 283 13.62 10.84 18.39
N ASP B 284 14.86 10.57 17.96
CA ASP B 284 15.10 9.45 17.06
C ASP B 284 16.15 8.49 17.62
N VAL B 285 15.90 7.21 17.36
CA VAL B 285 16.66 6.13 17.98
C VAL B 285 18.08 6.05 17.42
N LEU B 286 18.26 6.32 16.13
CA LEU B 286 19.59 6.24 15.55
C LEU B 286 20.52 7.31 16.11
N LEU B 287 19.99 8.49 16.37
CA LEU B 287 20.81 9.56 16.96
C LEU B 287 21.18 9.25 18.40
N LEU B 288 20.25 8.74 19.20
CA LEU B 288 20.57 8.37 20.58
C LEU B 288 21.63 7.27 20.63
N LEU B 289 21.49 6.24 19.79
CA LEU B 289 22.47 5.18 19.73
C LEU B 289 23.86 5.72 19.39
N GLY B 290 23.94 6.57 18.37
CA GLY B 290 25.23 7.10 17.95
C GLY B 290 25.92 7.95 19.00
N MET B 291 25.16 8.82 19.67
CA MET B 291 25.70 9.63 20.75
C MET B 291 26.27 8.77 21.87
N TYR B 292 25.55 7.72 22.28
CA TYR B 292 25.94 6.96 23.44
C TYR B 292 27.16 6.07 23.19
N LEU B 293 27.30 5.54 21.98
CA LEU B 293 28.43 4.67 21.69
C LEU B 293 29.78 5.39 21.76
N GLU B 294 29.79 6.71 21.64
CA GLU B 294 31.02 7.48 21.78
C GLU B 294 31.55 7.50 23.22
N PHE B 295 30.72 7.21 24.21
CA PHE B 295 31.14 7.24 25.61
C PHE B 295 31.96 6.02 26.05
N GLN B 296 32.12 4.99 25.21
CA GLN B 296 32.88 3.82 25.62
C GLN B 296 34.39 4.04 25.70
N TYR B 297 34.94 5.02 24.98
CA TYR B 297 36.37 5.31 25.02
C TYR B 297 36.73 6.09 26.30
N SER B 298 38.00 6.07 26.64
CA SER B 298 38.46 6.57 27.93
C SER B 298 38.26 8.08 28.09
N PHE B 299 37.72 8.46 29.24
CA PHE B 299 37.46 9.87 29.57
C PHE B 299 38.73 10.69 29.72
N GLU B 300 39.82 10.08 30.20
CA GLU B 300 41.04 10.81 30.49
C GLU B 300 41.78 11.31 29.24
N MET B 301 41.39 10.88 28.04
CA MET B 301 42.11 11.25 26.83
C MET B 301 41.25 11.84 25.73
N CYS B 302 39.93 11.89 25.88
CA CYS B 302 39.03 12.13 24.74
C CYS B 302 39.24 13.52 24.15
N LEU B 303 39.59 13.55 22.87
CA LEU B 303 39.83 14.82 22.17
C LEU B 303 38.58 15.69 22.09
N LYS B 304 37.41 15.07 21.91
CA LYS B 304 36.16 15.83 21.83
C LYS B 304 35.81 16.51 23.15
N CYS B 305 36.23 15.93 24.27
CA CYS B 305 36.12 16.61 25.56
C CYS B 305 37.11 17.76 25.69
N ILE B 306 38.35 17.56 25.25
CA ILE B 306 39.39 18.59 25.40
C ILE B 306 39.12 19.79 24.49
N LYS B 307 38.60 19.58 23.29
CA LYS B 307 38.23 20.72 22.43
C LYS B 307 36.94 21.42 22.82
N LYS B 308 36.10 20.85 23.68
CA LYS B 308 34.80 21.44 24.04
C LYS B 308 33.95 21.76 22.82
N GLU B 309 33.89 20.82 21.88
CA GLU B 309 33.35 21.11 20.56
C GLU B 309 31.83 21.06 20.52
N GLN B 310 31.22 19.97 20.99
CA GLN B 310 29.76 19.84 21.06
C GLN B 310 29.28 19.65 22.49
N PRO B 311 28.36 20.48 22.99
CA PRO B 311 27.98 20.42 24.41
C PRO B 311 27.26 19.15 24.81
N SER B 312 26.61 18.45 23.87
CA SER B 312 26.01 17.15 24.18
C SER B 312 27.02 16.10 24.59
N HIS B 313 28.30 16.28 24.31
CA HIS B 313 29.31 15.29 24.66
C HIS B 313 30.02 15.62 25.97
N TYR B 314 30.72 16.74 26.03
CA TYR B 314 31.67 16.95 27.12
C TYR B 314 31.00 17.10 28.50
N LYS B 315 29.74 17.50 28.56
CA LYS B 315 29.04 17.58 29.83
C LYS B 315 28.57 16.23 30.39
N TYR B 316 28.50 15.18 29.58
CA TYR B 316 27.92 13.90 30.01
C TYR B 316 28.88 12.72 30.01
N HIS B 317 29.97 12.73 29.24
CA HIS B 317 30.84 11.57 29.09
C HIS B 317 31.33 10.99 30.42
N GLU B 318 31.78 11.85 31.33
CA GLU B 318 32.40 11.37 32.57
C GLU B 318 31.44 10.54 33.43
N LYS B 319 30.18 10.95 33.48
CA LYS B 319 29.16 10.26 34.26
C LYS B 319 28.77 8.91 33.66
N HIS B 320 28.74 8.81 32.33
CA HIS B 320 28.20 7.63 31.66
C HIS B 320 29.23 6.59 31.25
N TYR B 321 30.52 6.92 31.28
CA TYR B 321 31.55 6.04 30.73
C TYR B 321 31.46 4.59 31.21
N ALA B 322 31.26 4.35 32.50
CA ALA B 322 31.24 2.98 32.99
C ALA B 322 30.12 2.16 32.37
N ASN B 323 28.94 2.74 32.25
CA ASN B 323 27.80 2.07 31.62
C ASN B 323 27.97 1.91 30.12
N ALA B 324 28.62 2.88 29.45
CA ALA B 324 28.78 2.81 28.01
C ALA B 324 29.62 1.62 27.55
N ALA B 325 30.66 1.25 28.30
CA ALA B 325 31.42 0.06 27.95
C ALA B 325 30.62 -1.24 28.09
N ILE B 326 29.65 -1.28 29.01
CA ILE B 326 28.78 -2.45 29.14
C ILE B 326 27.72 -2.45 28.04
N PHE B 327 27.23 -1.27 27.68
CA PHE B 327 26.31 -1.13 26.55
C PHE B 327 26.94 -1.57 25.23
N ALA B 328 28.21 -1.27 25.02
CA ALA B 328 28.88 -1.67 23.79
C ALA B 328 29.05 -3.18 23.62
N ASP B 329 29.07 -3.96 24.70
CA ASP B 329 29.08 -5.42 24.61
C ASP B 329 27.70 -6.05 24.41
N SER B 330 26.63 -5.27 24.59
CA SER B 330 25.29 -5.83 24.68
C SER B 330 24.75 -6.35 23.35
N LYS B 331 23.85 -7.32 23.45
CA LYS B 331 23.19 -7.99 22.34
C LYS B 331 21.84 -7.36 21.96
N ASN B 332 21.48 -6.24 22.58
CA ASN B 332 20.10 -5.79 22.68
C ASN B 332 19.96 -4.30 22.42
N GLN B 333 20.93 -3.69 21.74
CA GLN B 333 21.14 -2.24 21.79
C GLN B 333 19.94 -1.42 21.30
N LYS B 334 19.34 -1.77 20.16
CA LYS B 334 18.22 -0.94 19.69
C LYS B 334 17.00 -1.03 20.59
N THR B 335 16.76 -2.19 21.20
CA THR B 335 15.65 -2.31 22.15
C THR B 335 15.81 -1.36 23.33
N ILE B 336 17.03 -1.24 23.85
CA ILE B 336 17.30 -0.29 24.93
C ILE B 336 16.99 1.14 24.48
N CYS B 337 17.45 1.52 23.30
CA CYS B 337 17.25 2.88 22.81
C CYS B 337 15.79 3.18 22.46
N GLN B 338 15.05 2.21 21.94
CA GLN B 338 13.65 2.45 21.62
C GLN B 338 12.81 2.78 22.85
N GLN B 339 13.01 2.06 23.95
CA GLN B 339 12.34 2.40 25.20
C GLN B 339 12.68 3.80 25.69
N ALA B 340 13.95 4.20 25.58
CA ALA B 340 14.37 5.53 26.02
C ALA B 340 13.75 6.64 25.17
N VAL B 341 13.75 6.48 23.85
CA VAL B 341 13.14 7.47 22.97
C VAL B 341 11.64 7.58 23.22
N ASP B 342 10.96 6.46 23.41
CA ASP B 342 9.54 6.52 23.77
C ASP B 342 9.30 7.26 25.07
N THR B 343 10.23 7.19 26.03
CA THR B 343 10.08 7.95 27.27
C THR B 343 10.16 9.45 27.04
N VAL B 344 10.97 9.90 26.08
CA VAL B 344 10.99 11.32 25.74
C VAL B 344 9.72 11.74 25.01
N LEU B 345 9.24 10.94 24.06
CA LEU B 345 7.97 11.22 23.41
C LEU B 345 6.80 11.19 24.39
N ALA B 346 6.84 10.31 25.38
CA ALA B 346 5.79 10.26 26.38
C ALA B 346 5.67 11.56 27.18
N LYS B 347 6.79 12.14 27.61
CA LYS B 347 6.71 13.42 28.30
C LYS B 347 6.14 14.51 27.41
N LYS B 348 6.56 14.60 26.16
CA LYS B 348 6.02 15.63 25.28
C LYS B 348 4.52 15.46 25.05
N ARG B 349 3.99 14.25 25.03
CA ARG B 349 2.54 14.07 24.99
C ARG B 349 1.84 14.48 26.30
N VAL B 350 2.42 14.17 27.46
CA VAL B 350 1.83 14.61 28.71
C VAL B 350 1.71 16.13 28.75
N ASP B 351 2.81 16.84 28.48
CA ASP B 351 2.81 18.30 28.53
C ASP B 351 1.82 18.91 27.54
N SER B 352 1.64 18.29 26.38
CA SER B 352 0.70 18.80 25.38
C SER B 352 -0.76 18.73 25.79
N LEU B 353 -1.11 17.87 26.74
CA LEU B 353 -2.45 17.89 27.31
C LEU B 353 -2.55 18.73 28.58
N GLN B 354 -1.51 18.78 29.39
CA GLN B 354 -1.62 19.34 30.74
C GLN B 354 -1.20 20.80 30.89
N LEU B 355 -0.29 21.31 30.07
CA LEU B 355 0.18 22.69 30.22
C LEU B 355 -0.72 23.69 29.50
N THR B 356 -0.78 24.91 30.03
CA THR B 356 -1.37 26.01 29.29
C THR B 356 -0.35 26.56 28.28
N ARG B 357 -0.88 27.19 27.23
CA ARG B 357 -0.02 27.66 26.15
C ARG B 357 0.98 28.71 26.59
N GLU B 358 0.68 29.45 27.65
CA GLU B 358 1.66 30.40 28.18
C GLU B 358 2.89 29.70 28.71
N GLN B 359 2.70 28.57 29.40
CA GLN B 359 3.82 27.78 29.87
C GLN B 359 4.58 27.10 28.74
N MET B 360 3.88 26.66 27.69
CA MET B 360 4.58 26.12 26.53
C MET B 360 5.54 27.14 25.93
N LEU B 361 5.07 28.37 25.78
CA LEU B 361 5.93 29.43 25.25
C LEU B 361 7.04 29.81 26.23
N THR B 362 6.73 29.88 27.53
CA THR B 362 7.76 30.13 28.52
C THR B 362 8.86 29.08 28.48
N ASN B 363 8.49 27.81 28.32
CA ASN B 363 9.50 26.75 28.18
C ASN B 363 10.34 26.91 26.92
N ARG B 364 9.71 27.22 25.78
CA ARG B 364 10.45 27.44 24.54
C ARG B 364 11.38 28.65 24.62
N PHE B 365 10.99 29.72 25.34
CA PHE B 365 11.91 30.83 25.56
C PHE B 365 13.10 30.43 26.43
N ASN B 366 12.89 29.60 27.45
CA ASN B 366 14.02 29.10 28.23
C ASN B 366 15.02 28.32 27.37
N ASP B 367 14.53 27.46 26.46
CA ASP B 367 15.42 26.75 25.56
C ASP B 367 16.26 27.68 24.70
N LEU B 368 15.66 28.74 24.18
CA LEU B 368 16.40 29.71 23.38
C LEU B 368 17.44 30.45 24.20
N LEU B 369 17.09 30.86 25.42
CA LEU B 369 18.02 31.58 26.27
C LEU B 369 19.19 30.70 26.73
N ASP B 370 18.99 29.39 26.86
CA ASP B 370 20.11 28.47 27.06
C ASP B 370 21.08 28.48 25.88
N ARG B 371 20.58 28.45 24.64
CA ARG B 371 21.47 28.56 23.49
C ARG B 371 22.21 29.89 23.45
N MET B 372 21.54 30.99 23.79
CA MET B 372 22.19 32.28 23.83
C MET B 372 23.34 32.34 24.83
N ASP B 373 23.24 31.63 25.97
CA ASP B 373 24.36 31.56 26.90
C ASP B 373 25.59 30.91 26.29
N ILE B 374 25.39 29.90 25.44
CA ILE B 374 26.51 29.21 24.82
C ILE B 374 27.04 29.95 23.60
N MET B 375 26.16 30.52 22.78
CA MET B 375 26.61 31.28 21.61
C MET B 375 27.45 32.49 22.01
N PHE B 376 26.96 33.29 22.95
CA PHE B 376 27.63 34.53 23.35
C PHE B 376 28.48 34.37 24.59
N GLY B 377 28.76 33.14 25.01
CA GLY B 377 29.63 32.88 26.14
C GLY B 377 31.10 32.96 25.76
N SER B 378 31.95 32.61 26.73
CA SER B 378 33.38 32.62 26.50
C SER B 378 33.84 31.56 25.50
N THR B 379 33.03 30.55 25.22
CA THR B 379 33.46 29.35 24.51
C THR B 379 32.65 29.14 23.24
N GLY B 380 32.40 30.22 22.50
CA GLY B 380 31.62 30.15 21.29
C GLY B 380 32.00 31.25 20.32
N SER B 381 31.52 31.12 19.10
CA SER B 381 31.96 31.98 18.00
C SER B 381 31.15 33.26 17.83
N ALA B 382 29.94 33.34 18.35
CA ALA B 382 29.02 34.41 17.95
C ALA B 382 29.46 35.77 18.48
N ASP B 383 29.33 36.79 17.64
CA ASP B 383 29.60 38.18 17.99
C ASP B 383 28.28 38.92 18.18
N ILE B 384 28.08 39.47 19.38
CA ILE B 384 26.79 40.12 19.69
C ILE B 384 26.53 41.34 18.82
N GLU B 385 27.58 42.00 18.33
CA GLU B 385 27.37 43.12 17.41
C GLU B 385 26.80 42.66 16.07
N GLU B 386 27.29 41.56 15.51
CA GLU B 386 26.72 41.04 14.27
C GLU B 386 25.26 40.60 14.45
N TRP B 387 24.89 40.09 15.62
CA TRP B 387 23.50 39.70 15.83
C TRP B 387 22.58 40.90 16.10
N MET B 388 23.08 41.92 16.79
CA MET B 388 22.32 43.16 16.93
C MET B 388 22.24 43.97 15.64
N ALA B 389 23.17 43.76 14.71
CA ALA B 389 22.99 44.26 13.36
C ALA B 389 21.77 43.63 12.67
N GLY B 390 21.50 42.36 12.95
CA GLY B 390 20.27 41.75 12.45
C GLY B 390 19.01 42.39 12.99
N VAL B 391 18.99 42.76 14.27
CA VAL B 391 17.85 43.45 14.85
C VAL B 391 17.58 44.77 14.14
N ALA B 392 18.63 45.51 13.80
CA ALA B 392 18.45 46.74 13.05
C ALA B 392 17.81 46.50 11.67
N TRP B 393 18.23 45.48 10.94
CA TRP B 393 17.66 45.22 9.63
C TRP B 393 16.22 44.72 9.71
N LEU B 394 15.91 43.83 10.66
CA LEU B 394 14.53 43.39 10.83
C LEU B 394 13.61 44.51 11.30
N HIS B 395 14.11 45.40 12.16
CA HIS B 395 13.27 46.52 12.59
C HIS B 395 12.92 47.47 11.46
N CYS B 396 13.63 47.43 10.33
CA CYS B 396 13.27 48.25 9.17
C CYS B 396 12.30 47.56 8.20
N LEU B 397 12.10 46.25 8.31
CA LEU B 397 11.33 45.55 7.30
C LEU B 397 9.85 45.95 7.32
N LEU B 398 9.28 46.08 8.51
CA LEU B 398 7.93 46.59 8.68
C LEU B 398 7.95 47.74 9.68
N PRO B 399 7.07 48.71 9.53
CA PRO B 399 6.93 49.72 10.59
C PRO B 399 6.43 49.10 11.89
N LYS B 400 6.96 49.61 13.00
CA LYS B 400 6.61 49.16 14.36
C LYS B 400 6.76 47.64 14.51
N MET B 401 7.96 47.16 14.23
CA MET B 401 8.22 45.72 14.19
C MET B 401 7.95 45.02 15.52
N ASP B 402 8.37 45.60 16.65
CA ASP B 402 8.16 44.88 17.91
C ASP B 402 6.69 44.82 18.30
N SER B 403 5.88 45.76 17.85
CA SER B 403 4.44 45.65 18.04
C SER B 403 3.85 44.49 17.25
N VAL B 404 4.29 44.30 16.00
CA VAL B 404 3.83 43.15 15.22
C VAL B 404 4.23 41.83 15.87
N VAL B 405 5.48 41.69 16.29
CA VAL B 405 5.91 40.45 16.93
C VAL B 405 5.08 40.15 18.19
N TYR B 406 4.85 41.16 19.01
CA TYR B 406 4.11 40.92 20.25
C TYR B 406 2.64 40.58 19.99
N ASP B 407 1.99 41.22 19.02
CA ASP B 407 0.63 40.84 18.66
C ASP B 407 0.54 39.44 18.06
N PHE B 408 1.54 39.01 17.31
CA PHE B 408 1.56 37.64 16.84
C PHE B 408 1.62 36.65 18.01
N LEU B 409 2.53 36.88 18.95
CA LEU B 409 2.66 35.96 20.08
C LEU B 409 1.35 35.82 20.87
N LYS B 410 0.68 36.94 21.16
CA LYS B 410 -0.62 36.85 21.83
C LYS B 410 -1.64 36.04 21.05
N CYS B 411 -1.69 36.24 19.73
CA CYS B 411 -2.60 35.46 18.90
C CYS B 411 -2.36 33.96 19.03
N MET B 412 -1.10 33.53 19.05
CA MET B 412 -0.81 32.11 19.22
C MET B 412 -1.09 31.60 20.63
N VAL B 413 -0.94 32.44 21.65
CA VAL B 413 -1.20 31.99 23.02
C VAL B 413 -2.70 31.92 23.33
N TYR B 414 -3.48 32.91 22.92
CA TYR B 414 -4.91 32.88 23.20
C TYR B 414 -5.68 31.95 22.27
N ASN B 415 -5.28 31.83 21.00
CA ASN B 415 -5.78 30.78 20.12
C ASN B 415 -7.32 30.83 19.98
N ILE B 416 -7.83 32.04 19.77
CA ILE B 416 -9.26 32.32 19.66
C ILE B 416 -9.86 31.64 18.43
N PRO B 417 -10.88 30.80 18.57
CA PRO B 417 -11.37 30.02 17.42
C PRO B 417 -11.89 30.86 16.26
N LYS B 418 -11.58 30.41 15.05
CA LYS B 418 -11.77 31.12 13.77
C LYS B 418 -11.01 32.43 13.60
N LYS B 419 -10.30 32.90 14.63
CA LYS B 419 -9.43 34.07 14.48
C LYS B 419 -7.97 33.72 14.79
N ARG B 420 -7.40 32.81 14.00
CA ARG B 420 -6.14 32.16 14.32
C ARG B 420 -5.01 32.32 13.30
N TYR B 421 -5.31 32.60 12.02
CA TYR B 421 -4.31 32.61 10.96
C TYR B 421 -4.05 34.01 10.40
N TRP B 422 -2.78 34.28 10.03
CA TRP B 422 -2.32 35.52 9.42
C TRP B 422 -1.79 35.29 8.00
N LEU B 423 -2.04 36.25 7.10
CA LEU B 423 -1.72 36.14 5.67
C LEU B 423 -0.64 37.14 5.24
N PHE B 424 0.44 36.64 4.62
CA PHE B 424 1.51 37.46 4.06
C PHE B 424 1.45 37.47 2.54
N LYS B 425 1.33 38.67 1.95
CA LYS B 425 1.25 38.84 0.49
C LYS B 425 2.33 39.79 -0.01
N GLY B 426 2.78 39.57 -1.25
CA GLY B 426 3.65 40.49 -1.94
C GLY B 426 4.63 39.84 -2.90
N PRO B 427 5.38 40.65 -3.65
CA PRO B 427 6.31 40.12 -4.64
C PRO B 427 7.33 39.13 -4.08
N ILE B 428 7.90 38.36 -5.00
CA ILE B 428 9.13 37.62 -4.73
C ILE B 428 10.22 38.58 -4.25
N ASP B 429 11.06 38.09 -3.32
CA ASP B 429 12.08 38.89 -2.66
C ASP B 429 11.46 40.13 -1.99
N SER B 430 10.74 39.87 -0.90
CA SER B 430 10.23 40.99 -0.11
C SER B 430 10.19 40.71 1.39
N GLY B 431 10.84 39.66 1.88
CA GLY B 431 10.99 39.45 3.31
C GLY B 431 9.94 38.59 3.97
N LYS B 432 8.98 38.07 3.22
CA LYS B 432 7.91 37.27 3.82
C LYS B 432 8.41 35.89 4.28
N THR B 433 9.12 35.14 3.44
CA THR B 433 9.68 33.87 3.92
C THR B 433 10.75 34.11 5.00
N THR B 434 11.47 35.22 4.93
CA THR B 434 12.42 35.56 5.98
C THR B 434 11.75 35.68 7.36
N LEU B 435 10.74 36.54 7.46
CA LEU B 435 10.08 36.72 8.75
C LEU B 435 9.29 35.50 9.20
N ALA B 436 8.69 34.76 8.26
CA ALA B 436 8.01 33.53 8.64
C ALA B 436 8.96 32.53 9.29
N ALA B 437 10.15 32.34 8.72
CA ALA B 437 11.13 31.43 9.33
C ALA B 437 11.58 31.88 10.72
N ALA B 438 11.75 33.18 10.92
CA ALA B 438 12.13 33.70 12.23
C ALA B 438 11.03 33.51 13.28
N LEU B 439 9.78 33.78 12.92
CA LEU B 439 8.68 33.50 13.84
C LEU B 439 8.55 32.01 14.13
N LEU B 440 8.80 31.17 13.13
CA LEU B 440 8.70 29.73 13.32
C LEU B 440 9.74 29.17 14.28
N GLU B 441 10.97 29.70 14.26
CA GLU B 441 11.95 29.29 15.25
C GLU B 441 11.66 29.87 16.63
N LEU B 442 11.12 31.08 16.70
CA LEU B 442 10.79 31.66 17.99
C LEU B 442 9.73 30.84 18.73
N CYS B 443 8.70 30.40 18.03
CA CYS B 443 7.64 29.62 18.66
C CYS B 443 7.85 28.11 18.55
N GLY B 444 8.58 27.63 17.55
CA GLY B 444 8.67 26.21 17.27
C GLY B 444 7.45 25.66 16.55
N GLY B 445 7.68 24.82 15.54
CA GLY B 445 6.61 24.36 14.69
C GLY B 445 7.17 23.77 13.40
N LYS B 446 6.26 23.60 12.44
CA LYS B 446 6.58 22.92 11.19
C LYS B 446 6.08 23.70 9.98
N ALA B 447 6.84 23.61 8.89
CA ALA B 447 6.47 24.17 7.58
C ALA B 447 5.89 23.09 6.67
N LEU B 448 4.73 23.36 6.07
CA LEU B 448 3.97 22.38 5.30
C LEU B 448 3.74 22.84 3.86
N ASN B 449 3.78 21.90 2.93
CA ASN B 449 3.51 22.15 1.50
C ASN B 449 2.15 21.59 1.10
N VAL B 450 1.24 22.46 0.65
CA VAL B 450 -0.09 22.05 0.19
C VAL B 450 -0.27 22.23 -1.31
N ASN B 451 0.79 22.45 -2.06
CA ASN B 451 0.66 22.58 -3.51
C ASN B 451 0.53 21.24 -4.23
N LEU B 452 0.87 20.14 -3.57
CA LEU B 452 0.61 18.80 -4.11
C LEU B 452 -0.88 18.45 -4.07
N PRO B 453 -1.33 17.55 -4.95
CA PRO B 453 -2.76 17.24 -5.03
C PRO B 453 -3.30 16.54 -3.78
N LEU B 454 -4.62 16.58 -3.64
CA LEU B 454 -5.28 16.15 -2.40
C LEU B 454 -4.93 14.74 -1.95
N ASP B 455 -4.69 13.82 -2.87
CA ASP B 455 -4.69 12.40 -2.49
C ASP B 455 -3.56 11.98 -1.56
N ARG B 456 -2.47 12.73 -1.48
CA ARG B 456 -1.38 12.41 -0.53
C ARG B 456 -1.15 13.48 0.53
N LEU B 457 -2.12 14.39 0.74
CA LEU B 457 -2.04 15.34 1.83
C LEU B 457 -2.09 14.70 3.22
N ASN B 458 -2.63 13.49 3.35
CA ASN B 458 -2.79 12.88 4.67
C ASN B 458 -1.50 12.88 5.49
N PHE B 459 -0.42 12.41 4.90
CA PHE B 459 0.84 12.29 5.64
C PHE B 459 1.56 13.62 5.81
N GLU B 460 1.27 14.61 4.95
CA GLU B 460 1.81 15.94 5.13
C GLU B 460 1.16 16.64 6.33
N LEU B 461 -0.16 16.64 6.39
CA LEU B 461 -0.84 17.26 7.52
C LEU B 461 -0.52 16.56 8.84
N GLY B 462 -0.18 15.28 8.79
CA GLY B 462 0.31 14.56 9.95
C GLY B 462 1.60 15.09 10.56
N VAL B 463 2.34 15.90 9.82
CA VAL B 463 3.52 16.54 10.39
C VAL B 463 3.16 17.54 11.49
N ALA B 464 1.94 18.06 11.50
CA ALA B 464 1.50 19.05 12.48
C ALA B 464 1.16 18.47 13.86
N ILE B 465 1.23 17.16 14.05
CA ILE B 465 0.79 16.57 15.32
C ILE B 465 1.61 17.06 16.50
N ASP B 466 0.92 17.50 17.55
CA ASP B 466 1.45 18.04 18.80
C ASP B 466 2.32 19.30 18.65
N GLN B 467 2.30 19.98 17.51
CA GLN B 467 3.12 21.17 17.30
C GLN B 467 2.39 22.44 17.76
N PHE B 468 3.18 23.50 17.98
CA PHE B 468 2.65 24.80 18.38
C PHE B 468 2.23 25.68 17.18
N LEU B 469 3.01 25.72 16.10
CA LEU B 469 2.70 26.48 14.89
C LEU B 469 2.76 25.61 13.64
N VAL B 470 2.07 26.05 12.59
CA VAL B 470 2.40 25.65 11.22
C VAL B 470 2.50 26.87 10.31
N VAL B 471 3.40 26.77 9.33
CA VAL B 471 3.52 27.75 8.24
C VAL B 471 3.26 27.03 6.91
N PHE B 472 2.24 27.47 6.20
CA PHE B 472 1.95 26.97 4.85
C PHE B 472 2.72 27.81 3.84
N GLU B 473 3.77 27.23 3.28
CA GLU B 473 4.72 27.98 2.47
C GLU B 473 4.30 28.14 1.01
N ASP B 474 4.29 29.39 0.56
CA ASP B 474 4.24 29.76 -0.85
C ASP B 474 3.10 29.08 -1.62
N VAL B 475 1.88 29.30 -1.14
CA VAL B 475 0.69 28.69 -1.71
C VAL B 475 0.40 29.31 -3.08
N LYS B 476 0.12 28.47 -4.07
CA LYS B 476 -0.19 28.91 -5.43
C LYS B 476 -1.69 28.95 -5.71
N GLY B 477 -2.13 30.02 -6.37
CA GLY B 477 -3.48 30.11 -6.89
C GLY B 477 -3.62 29.50 -8.27
N THR B 478 -4.86 29.54 -8.79
CA THR B 478 -5.14 29.10 -10.15
C THR B 478 -4.92 30.19 -11.19
N GLY B 479 -5.38 31.40 -10.94
CA GLY B 479 -5.40 32.47 -11.92
C GLY B 479 -4.12 33.27 -12.00
N GLY B 480 -4.26 34.54 -12.37
CA GLY B 480 -3.16 35.49 -12.38
C GLY B 480 -2.14 35.27 -13.47
N GLU B 481 -2.38 34.34 -14.39
CA GLU B 481 -1.38 34.00 -15.40
C GLU B 481 -1.03 35.20 -16.28
N SER B 482 -1.97 36.13 -16.47
CA SER B 482 -1.67 37.37 -17.19
C SER B 482 -0.61 38.22 -16.49
N ARG B 483 -0.37 38.00 -15.20
CA ARG B 483 0.69 38.68 -14.47
C ARG B 483 2.02 37.95 -14.56
N ASP B 484 2.07 36.84 -15.33
CA ASP B 484 3.20 35.92 -15.38
C ASP B 484 3.42 35.15 -14.07
N LEU B 485 2.33 34.70 -13.43
CA LEU B 485 2.39 33.92 -12.19
C LEU B 485 1.98 32.47 -12.44
N PRO B 486 2.78 31.48 -12.04
CA PRO B 486 2.42 30.06 -12.29
C PRO B 486 1.14 29.64 -11.59
N SER B 487 0.38 28.78 -12.27
CA SER B 487 -0.85 28.19 -11.74
C SER B 487 -0.58 26.91 -10.95
N GLY B 488 -1.45 26.63 -9.98
CA GLY B 488 -1.33 25.41 -9.20
C GLY B 488 -2.53 25.19 -8.28
N GLN B 489 -2.45 24.12 -7.51
CA GLN B 489 -3.57 23.59 -6.73
C GLN B 489 -3.73 24.16 -5.32
N GLY B 490 -2.78 24.97 -4.84
CA GLY B 490 -2.78 25.35 -3.43
C GLY B 490 -4.08 25.93 -2.90
N ILE B 491 -4.59 26.99 -3.55
CA ILE B 491 -5.79 27.66 -3.04
C ILE B 491 -7.03 26.77 -3.17
N ASN B 492 -7.13 25.96 -4.21
CA ASN B 492 -8.20 24.97 -4.27
C ASN B 492 -8.11 23.97 -3.11
N ASN B 493 -6.91 23.48 -2.82
CA ASN B 493 -6.75 22.56 -1.69
C ASN B 493 -7.15 23.23 -0.38
N LEU B 494 -6.60 24.41 -0.15
CA LEU B 494 -6.79 25.09 1.13
C LEU B 494 -8.24 25.43 1.39
N ASP B 495 -9.01 25.70 0.35
CA ASP B 495 -10.44 25.94 0.49
C ASP B 495 -11.22 24.68 0.85
N ASN B 496 -10.73 23.50 0.45
CA ASN B 496 -11.24 22.26 1.02
C ASN B 496 -10.84 22.06 2.48
N LEU B 497 -9.68 22.56 2.90
CA LEU B 497 -9.21 22.40 4.28
C LEU B 497 -9.81 23.38 5.29
N ARG B 498 -10.84 24.15 4.93
CA ARG B 498 -11.37 25.19 5.82
C ARG B 498 -11.65 24.70 7.25
N ASP B 499 -12.10 23.45 7.39
CA ASP B 499 -12.36 22.88 8.72
C ASP B 499 -11.12 22.79 9.61
N TYR B 500 -9.93 22.61 9.03
CA TYR B 500 -8.71 22.55 9.84
C TYR B 500 -8.30 23.92 10.35
N LEU B 501 -8.49 24.97 9.56
CA LEU B 501 -8.09 26.30 9.97
C LEU B 501 -8.85 26.79 11.20
N ASP B 502 -10.16 26.55 11.25
CA ASP B 502 -11.01 27.17 12.26
C ASP B 502 -10.66 26.77 13.68
N GLY B 503 -10.37 25.50 13.92
CA GLY B 503 -10.05 25.07 15.25
C GLY B 503 -11.24 25.05 16.19
N SER B 504 -12.45 25.04 15.64
CA SER B 504 -13.65 24.82 16.43
C SER B 504 -13.88 23.35 16.74
N VAL B 505 -13.35 22.46 15.91
CA VAL B 505 -13.62 21.03 15.98
C VAL B 505 -12.29 20.28 15.93
N LYS B 506 -12.20 19.17 16.67
CA LYS B 506 -11.03 18.31 16.61
C LYS B 506 -10.97 17.55 15.28
N VAL B 507 -9.82 17.60 14.62
CA VAL B 507 -9.60 16.86 13.38
C VAL B 507 -8.85 15.57 13.66
N ASN B 508 -8.88 14.67 12.67
CA ASN B 508 -8.19 13.39 12.71
C ASN B 508 -6.92 13.47 11.86
N LEU B 509 -5.76 13.23 12.48
CA LEU B 509 -4.47 13.39 11.83
C LEU B 509 -3.71 12.06 11.82
N GLU B 510 -2.89 11.85 10.78
CA GLU B 510 -2.37 10.52 10.47
C GLU B 510 -0.89 10.51 10.13
N LYS B 511 -0.17 9.54 10.67
CA LYS B 511 1.19 9.20 10.24
C LYS B 511 1.25 7.74 9.80
N LYS B 512 2.26 7.41 8.99
CA LYS B 512 2.42 6.01 8.54
C LYS B 512 2.50 5.05 9.71
N HIS B 513 1.76 3.94 9.60
CA HIS B 513 1.70 2.88 10.61
C HIS B 513 1.13 3.26 11.98
N LEU B 514 0.67 4.49 12.19
CA LEU B 514 0.11 4.88 13.47
C LEU B 514 -1.35 5.29 13.35
N ASN B 515 -2.11 5.01 14.40
CA ASN B 515 -3.54 5.29 14.47
C ASN B 515 -3.83 6.80 14.45
N LYS B 516 -5.07 7.12 14.09
CA LYS B 516 -5.54 8.51 14.06
C LYS B 516 -5.36 9.20 15.42
N ARG B 517 -4.62 10.30 15.44
CA ARG B 517 -4.67 11.25 16.55
C ARG B 517 -5.86 12.19 16.36
N THR B 518 -6.57 12.50 17.45
CA THR B 518 -7.64 13.48 17.42
C THR B 518 -7.21 14.71 18.21
N GLN B 519 -7.08 15.86 17.54
CA GLN B 519 -6.64 17.10 18.19
C GLN B 519 -7.11 18.32 17.41
N ILE B 520 -7.10 19.48 18.08
CA ILE B 520 -7.27 20.76 17.39
C ILE B 520 -6.01 21.09 16.58
N PHE B 521 -6.20 21.50 15.33
CA PHE B 521 -5.07 21.81 14.46
C PHE B 521 -4.42 23.15 14.84
N PRO B 522 -3.09 23.24 14.85
CA PRO B 522 -2.36 24.48 15.28
C PRO B 522 -2.74 25.74 14.52
N PRO B 523 -2.55 26.92 15.15
CA PRO B 523 -2.55 28.22 14.44
C PRO B 523 -1.27 28.42 13.62
N GLY B 524 -1.21 29.49 12.82
CA GLY B 524 -0.10 29.60 11.88
C GLY B 524 -0.18 30.77 10.90
N ILE B 525 0.68 30.70 9.87
CA ILE B 525 0.88 31.74 8.86
C ILE B 525 0.77 31.16 7.45
N VAL B 526 0.10 31.90 6.55
CA VAL B 526 0.01 31.56 5.13
C VAL B 526 0.73 32.63 4.29
N THR B 527 1.56 32.18 3.34
CA THR B 527 2.42 33.05 2.54
C THR B 527 2.13 32.85 1.06
N MET B 528 1.90 33.95 0.32
CA MET B 528 1.59 33.82 -1.12
C MET B 528 1.96 35.08 -1.92
N ASN B 529 2.02 34.91 -3.23
CA ASN B 529 2.52 35.92 -4.18
C ASN B 529 1.42 36.49 -5.09
N GLU B 530 0.55 37.34 -4.53
CA GLU B 530 -0.39 38.14 -5.32
C GLU B 530 -1.39 37.34 -6.16
N TYR B 531 -1.74 36.13 -5.74
CA TYR B 531 -2.92 35.47 -6.29
C TYR B 531 -4.20 36.03 -5.66
N SER B 532 -5.29 36.03 -6.42
CA SER B 532 -6.59 36.36 -5.86
C SER B 532 -7.09 35.21 -4.98
N VAL B 533 -7.86 35.54 -3.95
CA VAL B 533 -8.25 34.57 -2.93
C VAL B 533 -9.78 34.48 -2.83
N PRO B 534 -10.35 33.27 -2.79
CA PRO B 534 -11.79 33.10 -2.53
C PRO B 534 -12.29 33.78 -1.26
N LYS B 535 -13.57 34.17 -1.29
CA LYS B 535 -14.19 34.87 -0.17
C LYS B 535 -14.32 33.99 1.08
N THR B 536 -14.44 32.66 0.93
CA THR B 536 -14.47 31.79 2.10
C THR B 536 -13.12 31.72 2.81
N LEU B 537 -12.02 31.74 2.07
CA LEU B 537 -10.71 31.81 2.74
C LEU B 537 -10.47 33.18 3.34
N GLN B 538 -10.85 34.24 2.63
CA GLN B 538 -10.64 35.59 3.14
C GLN B 538 -11.34 35.81 4.47
N ALA B 539 -12.42 35.09 4.75
CA ALA B 539 -13.12 35.17 6.03
C ALA B 539 -12.41 34.51 7.21
N ARG B 540 -11.42 33.65 6.98
CA ARG B 540 -10.77 32.90 8.06
C ARG B 540 -9.41 33.44 8.49
N PHE B 541 -8.92 34.53 7.90
CA PHE B 541 -7.70 35.20 8.35
C PHE B 541 -8.00 36.46 9.15
N VAL B 542 -7.25 36.67 10.25
CA VAL B 542 -7.45 37.85 11.07
C VAL B 542 -6.86 39.09 10.44
N LYS B 543 -5.60 39.01 10.02
CA LYS B 543 -4.84 40.20 9.64
C LYS B 543 -4.01 39.88 8.40
N GLN B 544 -3.95 40.83 7.49
CA GLN B 544 -3.16 40.72 6.27
C GLN B 544 -2.01 41.72 6.33
N ILE B 545 -0.80 41.27 6.05
CA ILE B 545 0.38 42.13 6.00
C ILE B 545 0.91 42.18 4.57
N ASP B 546 1.02 43.39 4.03
CA ASP B 546 1.49 43.63 2.68
C ASP B 546 2.97 44.01 2.67
N PHE B 547 3.78 43.22 1.98
CA PHE B 547 5.21 43.46 1.86
C PHE B 547 5.50 44.02 0.47
N ARG B 548 6.19 45.17 0.40
CA ARG B 548 6.63 45.75 -0.86
C ARG B 548 8.14 45.93 -0.87
N PRO B 549 8.83 45.57 -1.96
CA PRO B 549 10.30 45.68 -1.97
C PRO B 549 10.80 47.06 -1.61
N LYS B 550 11.87 47.09 -0.82
CA LYS B 550 12.54 48.31 -0.40
C LYS B 550 13.99 48.28 -0.88
N ASP B 551 14.34 49.22 -1.76
CA ASP B 551 15.63 49.17 -2.44
C ASP B 551 16.81 49.31 -1.48
N TYR B 552 16.71 50.23 -0.51
CA TYR B 552 17.81 50.45 0.43
C TYR B 552 18.12 49.22 1.28
N LEU B 553 17.13 48.38 1.54
CA LEU B 553 17.43 47.11 2.22
C LEU B 553 18.26 46.17 1.34
N LYS B 554 18.04 46.15 0.03
CA LYS B 554 18.84 45.30 -0.84
C LYS B 554 20.30 45.78 -0.92
N HIS B 555 20.51 47.07 -1.19
CA HIS B 555 21.87 47.59 -1.28
C HIS B 555 22.59 47.49 0.05
N CYS B 556 21.87 47.60 1.17
CA CYS B 556 22.46 47.29 2.47
C CYS B 556 22.88 45.83 2.55
N LEU B 557 21.95 44.93 2.29
CA LEU B 557 22.23 43.51 2.44
C LEU B 557 23.36 43.06 1.53
N GLU B 558 23.41 43.63 0.32
CA GLU B 558 24.50 43.34 -0.62
C GLU B 558 25.87 43.68 -0.06
N ARG B 559 25.99 44.76 0.70
CA ARG B 559 27.25 45.11 1.35
C ARG B 559 27.41 44.49 2.74
N SER B 560 26.47 43.67 3.19
CA SER B 560 26.41 43.13 4.55
C SER B 560 26.26 41.61 4.53
N GLU B 561 27.03 40.93 3.68
CA GLU B 561 26.83 39.52 3.39
C GLU B 561 27.02 38.59 4.58
N PHE B 562 27.64 39.05 5.67
CA PHE B 562 27.70 38.27 6.90
C PHE B 562 26.33 37.99 7.53
N LEU B 563 25.32 38.82 7.26
CA LEU B 563 23.98 38.50 7.73
C LEU B 563 23.44 37.22 7.12
N LEU B 564 23.67 37.01 5.82
CA LEU B 564 23.12 35.85 5.15
C LEU B 564 23.90 34.57 5.45
N GLU B 565 25.22 34.63 5.46
CA GLU B 565 26.01 33.42 5.72
C GLU B 565 25.70 32.82 7.08
N LYS B 566 25.63 33.64 8.12
CA LYS B 566 25.29 33.16 9.45
C LYS B 566 23.78 33.02 9.66
N ARG B 567 22.98 33.32 8.64
CA ARG B 567 21.52 33.21 8.63
C ARG B 567 20.82 34.07 9.68
N ILE B 568 21.45 35.17 10.10
CA ILE B 568 21.00 35.95 11.24
C ILE B 568 19.57 36.48 11.06
N ILE B 569 19.25 37.00 9.87
CA ILE B 569 17.93 37.58 9.65
C ILE B 569 16.80 36.55 9.63
N GLN B 570 17.10 35.25 9.56
CA GLN B 570 16.07 34.24 9.70
C GLN B 570 15.94 33.67 11.11
N SER B 571 16.90 33.93 11.99
CA SER B 571 17.00 33.16 13.23
C SER B 571 16.04 33.67 14.29
N GLY B 572 15.44 32.74 15.03
CA GLY B 572 14.53 33.12 16.10
C GLY B 572 15.19 33.93 17.19
N ILE B 573 16.48 33.70 17.42
CA ILE B 573 17.25 34.43 18.41
C ILE B 573 17.30 35.92 18.12
N ALA B 574 17.29 36.30 16.84
CA ALA B 574 17.26 37.72 16.47
C ALA B 574 15.93 38.40 16.87
N LEU B 575 14.81 37.71 16.76
CA LEU B 575 13.55 38.28 17.25
C LEU B 575 13.47 38.27 18.78
N LEU B 576 14.07 37.28 19.43
CA LEU B 576 14.13 37.31 20.89
C LEU B 576 15.01 38.45 21.39
N LEU B 577 16.14 38.72 20.72
CA LEU B 577 16.96 39.88 21.05
C LEU B 577 16.21 41.19 20.83
N MET B 578 15.36 41.27 19.81
CA MET B 578 14.53 42.44 19.59
C MET B 578 13.54 42.67 20.72
N LEU B 579 12.93 41.60 21.23
CA LEU B 579 12.01 41.72 22.36
C LEU B 579 12.72 42.15 23.63
N ILE B 580 13.94 41.66 23.86
CA ILE B 580 14.71 42.11 25.02
C ILE B 580 15.08 43.59 24.90
N TRP B 581 15.37 44.06 23.70
CA TRP B 581 15.71 45.48 23.54
C TRP B 581 14.49 46.39 23.73
N TYR B 582 13.37 46.10 23.08
CA TYR B 582 12.26 47.06 23.12
C TYR B 582 11.20 46.85 24.21
N ARG B 583 10.79 45.63 24.52
CA ARG B 583 9.61 45.49 25.38
C ARG B 583 9.92 45.76 26.86
N PRO B 584 8.94 46.29 27.62
CA PRO B 584 9.05 46.32 29.09
C PRO B 584 9.33 44.95 29.71
N VAL B 585 9.88 44.93 30.93
CA VAL B 585 10.18 43.67 31.60
C VAL B 585 8.93 42.93 32.07
N ALA B 586 7.90 43.66 32.49
CA ALA B 586 6.76 43.06 33.16
C ALA B 586 5.95 42.11 32.31
N GLU B 587 6.01 42.20 30.99
CA GLU B 587 5.12 41.45 30.12
C GLU B 587 5.73 40.14 29.59
N PHE B 588 6.86 39.71 30.14
CA PHE B 588 7.26 38.31 30.14
C PHE B 588 6.77 37.62 31.42
N ALA B 589 6.59 36.30 31.35
CA ALA B 589 6.05 35.53 32.47
C ALA B 589 6.97 35.54 33.70
N GLN B 590 6.35 35.28 34.86
CA GLN B 590 6.95 35.57 36.15
C GLN B 590 8.27 34.84 36.41
N SER B 591 8.41 33.60 35.93
CA SER B 591 9.67 32.90 36.14
C SER B 591 10.78 33.39 35.23
N ILE B 592 10.45 33.81 34.00
CA ILE B 592 11.48 34.16 33.04
C ILE B 592 11.93 35.62 33.16
N GLN B 593 11.16 36.49 33.82
CA GLN B 593 11.58 37.86 34.06
C GLN B 593 12.97 37.96 34.69
N SER B 594 13.25 37.12 35.68
CA SER B 594 14.54 37.21 36.36
C SER B 594 15.73 36.85 35.49
N ARG B 595 15.55 36.02 34.48
CA ARG B 595 16.63 35.83 33.50
C ARG B 595 16.67 36.94 32.45
N ILE B 596 15.52 37.48 32.06
CA ILE B 596 15.48 38.61 31.13
C ILE B 596 16.21 39.84 31.67
N VAL B 597 16.05 40.15 32.96
CA VAL B 597 16.74 41.33 33.49
C VAL B 597 18.26 41.20 33.43
N GLU B 598 18.79 39.99 33.60
CA GLU B 598 20.21 39.79 33.31
C GLU B 598 20.58 40.15 31.88
N TRP B 599 19.74 39.77 30.91
CA TRP B 599 20.03 40.07 29.51
C TRP B 599 19.84 41.55 29.18
N LYS B 600 18.90 42.24 29.83
CA LYS B 600 18.83 43.69 29.69
C LYS B 600 20.16 44.37 29.99
N GLU B 601 20.79 43.99 31.11
CA GLU B 601 22.05 44.60 31.53
C GLU B 601 23.22 44.35 30.57
N ARG B 602 23.34 43.16 29.99
CA ARG B 602 24.39 42.93 29.00
C ARG B 602 24.28 43.88 27.81
N LEU B 603 23.08 44.05 27.27
CA LEU B 603 22.90 44.84 26.07
C LEU B 603 23.19 46.33 26.30
N ASP B 604 22.78 46.86 27.44
CA ASP B 604 23.11 48.25 27.77
C ASP B 604 24.58 48.44 28.15
N LYS B 605 25.31 47.37 28.46
CA LYS B 605 26.75 47.49 28.66
C LYS B 605 27.52 47.41 27.35
N GLU B 606 27.17 46.47 26.49
CA GLU B 606 27.91 46.26 25.25
C GLU B 606 27.46 47.16 24.10
N PHE B 607 26.30 47.81 24.21
CA PHE B 607 25.88 48.85 23.27
C PHE B 607 25.42 50.09 24.01
N SER B 608 25.76 51.25 23.48
CA SER B 608 24.98 52.45 23.74
C SER B 608 23.75 52.49 22.85
N LEU B 609 22.89 53.47 23.06
CA LEU B 609 21.90 53.81 22.03
C LEU B 609 22.57 54.27 20.74
N SER B 610 23.63 55.07 20.85
CA SER B 610 24.14 55.77 19.68
C SER B 610 24.77 54.83 18.67
N VAL B 611 25.47 53.78 19.14
CA VAL B 611 25.95 52.76 18.22
C VAL B 611 24.78 52.02 17.55
N TYR B 612 23.71 51.75 18.29
CA TYR B 612 22.52 51.16 17.67
C TYR B 612 21.79 52.14 16.74
N GLN B 613 21.73 53.41 17.10
CA GLN B 613 21.12 54.39 16.20
C GLN B 613 21.94 54.61 14.94
N LYS B 614 23.27 54.52 15.03
CA LYS B 614 24.09 54.59 13.82
C LYS B 614 23.83 53.41 12.89
N MET B 615 23.72 52.20 13.44
CA MET B 615 23.39 51.03 12.62
C MET B 615 22.05 51.20 11.91
N LYS B 616 21.03 51.68 12.61
CA LYS B 616 19.74 51.86 11.93
C LYS B 616 19.80 52.97 10.87
N PHE B 617 20.55 54.04 11.10
CA PHE B 617 20.73 55.02 10.03
C PHE B 617 21.46 54.44 8.82
N ASN B 618 22.47 53.60 9.05
CA ASN B 618 23.14 52.96 7.91
C ASN B 618 22.18 52.16 7.04
N VAL B 619 21.26 51.41 7.64
CA VAL B 619 20.32 50.61 6.87
C VAL B 619 19.41 51.48 6.00
N ALA B 620 18.99 52.64 6.50
CA ALA B 620 18.21 53.54 5.65
C ALA B 620 19.01 54.05 4.47
N MET B 621 20.32 54.21 4.61
CA MET B 621 21.17 54.79 3.58
C MET B 621 21.68 53.78 2.56
N GLY B 622 21.40 52.49 2.75
CA GLY B 622 21.91 51.48 1.84
C GLY B 622 23.40 51.27 1.94
N ILE B 623 24.00 51.74 3.02
CA ILE B 623 25.39 51.45 3.35
C ILE B 623 25.42 50.14 4.15
N GLY B 624 26.60 49.53 4.26
CA GLY B 624 26.71 48.36 5.12
C GLY B 624 26.34 48.67 6.56
N VAL B 625 25.79 47.66 7.24
CA VAL B 625 25.27 47.89 8.59
C VAL B 625 26.37 48.31 9.55
N LEU B 626 27.56 47.77 9.40
CA LEU B 626 28.66 48.11 10.29
C LEU B 626 29.60 49.11 9.62
N ASP B 627 29.89 50.20 10.33
CA ASP B 627 30.94 51.14 9.95
C ASP B 627 31.20 52.13 11.08
N LYS C 266 31.84 -22.20 22.71
CA LYS C 266 32.25 -20.80 22.76
C LYS C 266 31.23 -19.92 22.03
N GLN C 267 31.26 -18.62 22.29
CA GLN C 267 30.24 -17.71 21.77
C GLN C 267 30.82 -16.67 20.81
N VAL C 268 29.99 -16.29 19.83
CA VAL C 268 30.37 -15.26 18.86
C VAL C 268 30.60 -13.94 19.56
N SER C 269 31.67 -13.25 19.16
CA SER C 269 31.88 -11.86 19.55
C SER C 269 31.13 -10.92 18.59
N TRP C 270 30.06 -10.30 19.07
CA TRP C 270 29.33 -9.32 18.26
C TRP C 270 30.14 -8.04 18.06
N LYS C 271 31.02 -7.74 19.01
CA LYS C 271 31.87 -6.55 18.96
C LYS C 271 32.84 -6.55 17.78
N LEU C 272 33.45 -7.70 17.48
CA LEU C 272 34.35 -7.78 16.33
C LEU C 272 33.61 -7.59 14.99
N VAL C 273 32.38 -8.08 14.87
CA VAL C 273 31.63 -7.82 13.64
C VAL C 273 31.32 -6.34 13.50
N THR C 274 30.94 -5.69 14.60
CA THR C 274 30.64 -4.27 14.56
C THR C 274 31.87 -3.46 14.20
N GLU C 275 33.04 -3.90 14.68
CA GLU C 275 34.29 -3.26 14.34
C GLU C 275 34.62 -3.36 12.85
N TYR C 276 34.45 -4.56 12.26
CA TYR C 276 34.63 -4.71 10.81
C TYR C 276 33.72 -3.80 10.00
N ALA C 277 32.45 -3.69 10.37
CA ALA C 277 31.53 -2.85 9.62
C ALA C 277 31.90 -1.37 9.70
N MET C 278 32.42 -0.93 10.84
CA MET C 278 32.88 0.46 10.96
C MET C 278 34.14 0.72 10.15
N GLU C 279 35.05 -0.26 10.06
CA GLU C 279 36.24 -0.07 9.25
C GLU C 279 35.97 -0.11 7.76
N THR C 280 35.04 -0.96 7.29
CA THR C 280 34.73 -1.02 5.87
C THR C 280 33.49 -0.20 5.46
N LYS C 281 32.71 0.31 6.41
CA LYS C 281 31.60 1.25 6.16
C LYS C 281 30.41 0.69 5.36
N CYS C 282 30.08 -0.59 5.54
CA CYS C 282 28.96 -1.23 4.83
C CYS C 282 27.60 -0.75 5.33
N ASP C 283 26.72 -0.37 4.40
CA ASP C 283 25.30 -0.17 4.74
C ASP C 283 24.42 -1.39 4.50
N ASP C 284 24.73 -2.23 3.52
CA ASP C 284 23.87 -3.35 3.17
C ASP C 284 24.06 -4.51 4.16
N VAL C 285 22.96 -5.00 4.71
CA VAL C 285 23.02 -6.15 5.60
C VAL C 285 23.42 -7.41 4.83
N LEU C 286 22.94 -7.55 3.60
CA LEU C 286 23.32 -8.71 2.80
C LEU C 286 24.80 -8.67 2.40
N LEU C 287 25.30 -7.49 2.05
CA LEU C 287 26.71 -7.36 1.71
C LEU C 287 27.63 -7.66 2.89
N LEU C 288 27.30 -7.15 4.07
CA LEU C 288 28.09 -7.48 5.25
C LEU C 288 28.07 -8.97 5.56
N LEU C 289 26.90 -9.61 5.47
CA LEU C 289 26.80 -11.04 5.73
C LEU C 289 27.67 -11.84 4.76
N GLY C 290 27.59 -11.53 3.47
CA GLY C 290 28.39 -12.24 2.48
C GLY C 290 29.88 -12.08 2.69
N MET C 291 30.32 -10.85 2.93
CA MET C 291 31.73 -10.58 3.20
C MET C 291 32.23 -11.39 4.39
N TYR C 292 31.51 -11.35 5.50
CA TYR C 292 32.01 -11.97 6.71
C TYR C 292 32.05 -13.49 6.63
N LEU C 293 31.11 -14.11 5.91
CA LEU C 293 31.11 -15.57 5.81
C LEU C 293 32.37 -16.13 5.16
N GLU C 294 32.89 -15.48 4.12
CA GLU C 294 34.01 -16.08 3.42
C GLU C 294 35.34 -16.03 4.19
N PHE C 295 35.39 -15.35 5.33
CA PHE C 295 36.55 -15.46 6.22
C PHE C 295 36.67 -16.81 6.93
N GLN C 296 35.64 -17.67 6.88
CA GLN C 296 35.67 -18.92 7.63
C GLN C 296 36.73 -19.93 7.15
N TYR C 297 37.20 -19.83 5.92
CA TYR C 297 38.20 -20.77 5.42
C TYR C 297 39.61 -20.37 5.86
N SER C 298 40.50 -21.37 5.94
CA SER C 298 41.80 -21.20 6.57
C SER C 298 42.59 -20.07 5.94
N PHE C 299 43.09 -19.16 6.78
CA PHE C 299 43.87 -18.03 6.28
C PHE C 299 45.16 -18.48 5.59
N GLU C 300 45.82 -19.49 6.13
CA GLU C 300 47.10 -19.95 5.59
C GLU C 300 47.03 -20.36 4.11
N MET C 301 45.85 -20.66 3.60
CA MET C 301 45.69 -21.15 2.24
C MET C 301 44.95 -20.19 1.33
N CYS C 302 44.42 -19.09 1.86
CA CYS C 302 43.34 -18.34 1.21
C CYS C 302 43.74 -17.75 -0.13
N LEU C 303 43.07 -18.19 -1.19
CA LEU C 303 43.47 -17.86 -2.56
C LEU C 303 43.31 -16.37 -2.88
N LYS C 304 42.24 -15.71 -2.41
CA LYS C 304 42.08 -14.28 -2.67
C LYS C 304 43.08 -13.42 -1.91
N CYS C 305 43.56 -13.89 -0.77
CA CYS C 305 44.66 -13.22 -0.10
C CYS C 305 45.96 -13.37 -0.91
N ILE C 306 46.26 -14.59 -1.36
CA ILE C 306 47.45 -14.80 -2.19
C ILE C 306 47.38 -13.98 -3.47
N LYS C 307 46.21 -13.96 -4.12
CA LYS C 307 46.07 -13.18 -5.35
C LYS C 307 45.99 -11.67 -5.12
N LYS C 308 45.84 -11.20 -3.87
CA LYS C 308 45.59 -9.79 -3.55
C LYS C 308 44.43 -9.22 -4.36
N GLU C 309 43.29 -9.89 -4.29
CA GLU C 309 42.16 -9.55 -5.14
C GLU C 309 41.47 -8.25 -4.71
N GLN C 310 40.78 -8.25 -3.57
CA GLN C 310 39.99 -7.10 -3.09
C GLN C 310 40.47 -6.58 -1.75
N PRO C 311 40.77 -5.28 -1.63
CA PRO C 311 41.24 -4.72 -0.35
C PRO C 311 40.33 -4.93 0.85
N SER C 312 39.02 -5.05 0.65
CA SER C 312 38.07 -5.30 1.74
C SER C 312 38.21 -6.69 2.36
N HIS C 313 38.99 -7.58 1.76
CA HIS C 313 39.16 -8.95 2.24
C HIS C 313 40.54 -9.18 2.84
N TYR C 314 41.60 -9.06 2.04
CA TYR C 314 42.92 -9.51 2.48
C TYR C 314 43.51 -8.64 3.59
N LYS C 315 43.01 -7.43 3.82
CA LYS C 315 43.47 -6.64 4.95
C LYS C 315 42.96 -7.13 6.29
N TYR C 316 41.92 -7.98 6.31
CA TYR C 316 41.21 -8.31 7.54
C TYR C 316 41.12 -9.81 7.84
N HIS C 317 41.22 -10.69 6.84
CA HIS C 317 40.92 -12.10 7.01
C HIS C 317 41.66 -12.74 8.18
N GLU C 318 42.96 -12.49 8.29
CA GLU C 318 43.76 -13.11 9.34
C GLU C 318 43.28 -12.74 10.74
N LYS C 319 42.77 -11.53 10.92
CA LYS C 319 42.26 -11.09 12.20
C LYS C 319 40.91 -11.70 12.56
N HIS C 320 39.99 -11.81 11.61
CA HIS C 320 38.62 -12.25 11.86
C HIS C 320 38.39 -13.76 11.70
N TYR C 321 39.40 -14.51 11.25
CA TYR C 321 39.25 -15.94 11.01
C TYR C 321 38.67 -16.73 12.19
N ALA C 322 39.18 -16.49 13.41
CA ALA C 322 38.71 -17.26 14.56
C ALA C 322 37.23 -17.03 14.84
N ASN C 323 36.77 -15.80 14.72
CA ASN C 323 35.37 -15.47 14.96
C ASN C 323 34.46 -15.93 13.84
N ALA C 324 34.92 -15.84 12.58
CA ALA C 324 34.09 -16.26 11.45
C ALA C 324 33.76 -17.75 11.46
N ALA C 325 34.66 -18.59 11.98
CA ALA C 325 34.33 -20.01 12.10
C ALA C 325 33.18 -20.25 13.07
N ILE C 326 33.15 -19.53 14.18
CA ILE C 326 32.05 -19.66 15.15
C ILE C 326 30.77 -18.97 14.65
N PHE C 327 30.89 -17.89 13.89
CA PHE C 327 29.74 -17.24 13.27
C PHE C 327 29.05 -18.14 12.23
N ALA C 328 29.81 -18.93 11.48
CA ALA C 328 29.20 -19.88 10.55
C ALA C 328 28.37 -20.98 11.23
N ASP C 329 28.60 -21.28 12.50
CA ASP C 329 27.74 -22.22 13.21
C ASP C 329 26.47 -21.59 13.78
N SER C 330 26.39 -20.28 13.85
CA SER C 330 25.39 -19.62 14.68
C SER C 330 24.01 -19.57 14.03
N LYS C 331 22.99 -19.34 14.86
CA LYS C 331 21.59 -19.47 14.53
C LYS C 331 20.84 -18.14 14.45
N ASN C 332 21.51 -17.03 14.67
CA ASN C 332 20.90 -15.69 14.65
C ASN C 332 21.78 -14.73 13.86
N GLN C 333 22.37 -15.24 12.78
CA GLN C 333 23.34 -14.48 11.99
C GLN C 333 22.83 -13.12 11.52
N LYS C 334 21.59 -13.05 11.05
CA LYS C 334 21.07 -11.79 10.53
C LYS C 334 20.76 -10.78 11.64
N THR C 335 20.46 -11.25 12.86
CA THR C 335 20.37 -10.32 13.97
C THR C 335 21.72 -9.67 14.28
N ILE C 336 22.80 -10.44 14.21
CA ILE C 336 24.15 -9.90 14.39
C ILE C 336 24.47 -8.86 13.30
N CYS C 337 24.20 -9.18 12.05
CA CYS C 337 24.49 -8.26 10.95
C CYS C 337 23.62 -7.01 10.99
N GLN C 338 22.36 -7.13 11.37
CA GLN C 338 21.50 -5.96 11.46
C GLN C 338 21.99 -4.95 12.49
N GLN C 339 22.41 -5.42 13.66
CA GLN C 339 22.97 -4.51 14.66
C GLN C 339 24.23 -3.80 14.16
N ALA C 340 25.07 -4.50 13.42
CA ALA C 340 26.27 -3.86 12.87
C ALA C 340 25.94 -2.77 11.86
N VAL C 341 24.94 -2.99 11.00
CA VAL C 341 24.49 -1.97 10.06
C VAL C 341 23.83 -0.79 10.78
N ASP C 342 23.04 -1.05 11.83
CA ASP C 342 22.55 0.04 12.67
C ASP C 342 23.68 0.90 13.23
N THR C 343 24.80 0.27 13.60
CA THR C 343 25.92 1.03 14.15
C THR C 343 26.55 1.96 13.12
N VAL C 344 26.71 1.51 11.87
CA VAL C 344 27.25 2.38 10.82
C VAL C 344 26.28 3.50 10.46
N LEU C 345 24.98 3.21 10.39
CA LEU C 345 23.99 4.26 10.18
C LEU C 345 23.99 5.30 11.29
N ALA C 346 24.18 4.87 12.54
CA ALA C 346 24.20 5.81 13.66
C ALA C 346 25.33 6.83 13.53
N LYS C 347 26.53 6.39 13.16
CA LYS C 347 27.60 7.35 12.94
C LYS C 347 27.30 8.34 11.80
N LYS C 348 26.71 7.87 10.71
CA LYS C 348 26.34 8.79 9.64
C LYS C 348 25.35 9.87 10.10
N ARG C 349 24.33 9.53 10.89
CA ARG C 349 23.42 10.57 11.34
C ARG C 349 24.05 11.49 12.39
N VAL C 350 24.87 10.97 13.30
CA VAL C 350 25.60 11.85 14.21
C VAL C 350 26.49 12.81 13.44
N ASP C 351 27.28 12.30 12.50
CA ASP C 351 28.14 13.18 11.71
C ASP C 351 27.34 14.19 10.89
N SER C 352 26.16 13.81 10.40
CA SER C 352 25.33 14.74 9.64
C SER C 352 24.84 15.92 10.47
N LEU C 353 24.46 15.70 11.73
CA LEU C 353 24.00 16.84 12.52
C LEU C 353 25.13 17.64 13.17
N GLN C 354 26.28 17.03 13.46
CA GLN C 354 27.30 17.74 14.24
C GLN C 354 28.46 18.33 13.44
N LEU C 355 28.80 17.82 12.25
CA LEU C 355 29.94 18.35 11.51
C LEU C 355 29.58 19.60 10.69
N THR C 356 30.53 20.53 10.62
CA THR C 356 30.47 21.62 9.66
C THR C 356 30.75 21.09 8.26
N ARG C 357 30.20 21.79 7.26
CA ARG C 357 30.27 21.29 5.88
C ARG C 357 31.71 21.28 5.35
N GLU C 358 32.56 22.14 5.89
CA GLU C 358 33.99 22.06 5.58
C GLU C 358 34.60 20.75 6.04
N GLN C 359 34.21 20.24 7.21
CA GLN C 359 34.68 18.93 7.66
C GLN C 359 34.06 17.79 6.89
N MET C 360 32.78 17.87 6.54
CA MET C 360 32.18 16.86 5.67
C MET C 360 32.94 16.75 4.35
N LEU C 361 33.31 17.88 3.75
CA LEU C 361 34.08 17.86 2.51
C LEU C 361 35.51 17.36 2.72
N THR C 362 36.15 17.76 3.82
CA THR C 362 37.47 17.25 4.14
C THR C 362 37.47 15.73 4.31
N ASN C 363 36.44 15.17 4.93
CA ASN C 363 36.30 13.71 5.03
C ASN C 363 36.09 13.04 3.67
N ARG C 364 35.35 13.68 2.76
CA ARG C 364 35.19 13.12 1.41
C ARG C 364 36.49 13.16 0.60
N PHE C 365 37.29 14.21 0.76
CA PHE C 365 38.62 14.22 0.13
C PHE C 365 39.54 13.13 0.70
N ASN C 366 39.50 12.91 2.01
CA ASN C 366 40.26 11.81 2.59
C ASN C 366 39.88 10.44 2.03
N ASP C 367 38.58 10.16 1.83
CA ASP C 367 38.19 8.93 1.17
C ASP C 367 38.76 8.81 -0.24
N LEU C 368 38.69 9.88 -1.01
CA LEU C 368 39.20 9.84 -2.38
C LEU C 368 40.70 9.60 -2.41
N LEU C 369 41.45 10.24 -1.52
CA LEU C 369 42.90 10.04 -1.49
C LEU C 369 43.28 8.62 -1.12
N ASP C 370 42.51 7.94 -0.27
CA ASP C 370 42.74 6.51 -0.07
C ASP C 370 42.56 5.71 -1.36
N ARG C 371 41.50 5.99 -2.13
CA ARG C 371 41.33 5.33 -3.42
C ARG C 371 42.48 5.62 -4.37
N MET C 372 42.97 6.86 -4.39
CA MET C 372 44.09 7.21 -5.26
C MET C 372 45.38 6.51 -4.86
N ASP C 373 45.64 6.32 -3.56
CA ASP C 373 46.81 5.55 -3.14
C ASP C 373 46.78 4.11 -3.65
N ILE C 374 45.64 3.44 -3.53
CA ILE C 374 45.52 2.08 -4.05
C ILE C 374 45.61 2.09 -5.57
N MET C 375 44.87 2.98 -6.20
CA MET C 375 44.72 3.00 -7.65
C MET C 375 46.02 3.32 -8.38
N PHE C 376 46.86 4.18 -7.82
CA PHE C 376 48.14 4.55 -8.43
C PHE C 376 49.34 3.96 -7.68
N GLY C 377 49.13 2.92 -6.88
CA GLY C 377 50.19 2.20 -6.22
C GLY C 377 50.73 1.05 -7.06
N SER C 378 51.32 0.08 -6.37
CA SER C 378 51.87 -1.09 -7.06
C SER C 378 50.80 -2.13 -7.39
N THR C 379 49.72 -2.18 -6.62
CA THR C 379 48.62 -3.10 -6.90
C THR C 379 47.71 -2.58 -8.01
N GLY C 380 47.60 -1.26 -8.14
CA GLY C 380 46.59 -0.66 -9.00
C GLY C 380 46.84 -0.88 -10.48
N SER C 381 45.75 -0.76 -11.23
CA SER C 381 45.76 -0.98 -12.67
C SER C 381 46.06 0.26 -13.51
N ALA C 382 45.64 1.46 -13.07
CA ALA C 382 45.80 2.66 -13.88
C ALA C 382 47.19 3.27 -13.73
N ASP C 383 47.50 4.27 -14.55
CA ASP C 383 48.72 5.06 -14.39
C ASP C 383 48.47 6.54 -14.68
N ILE C 384 49.39 7.38 -14.19
CA ILE C 384 49.14 8.82 -14.08
C ILE C 384 49.09 9.53 -15.43
N GLU C 385 49.88 9.10 -16.41
CA GLU C 385 49.90 9.85 -17.67
C GLU C 385 48.58 9.74 -18.42
N GLU C 386 47.85 8.65 -18.28
CA GLU C 386 46.48 8.62 -18.80
C GLU C 386 45.57 9.60 -18.07
N TRP C 387 45.50 9.51 -16.75
CA TRP C 387 44.55 10.33 -16.00
C TRP C 387 44.93 11.81 -16.01
N MET C 388 46.22 12.13 -16.07
CA MET C 388 46.62 13.52 -16.19
C MET C 388 46.30 14.11 -17.56
N ALA C 389 46.33 13.32 -18.62
CA ALA C 389 45.78 13.78 -19.88
C ALA C 389 44.29 14.10 -19.78
N GLY C 390 43.57 13.42 -18.88
CA GLY C 390 42.21 13.83 -18.56
C GLY C 390 42.10 15.23 -17.97
N VAL C 391 42.99 15.56 -17.02
CA VAL C 391 43.06 16.92 -16.48
C VAL C 391 43.41 17.94 -17.53
N ALA C 392 44.29 17.59 -18.47
CA ALA C 392 44.54 18.47 -19.61
C ALA C 392 43.33 18.65 -20.51
N TRP C 393 42.56 17.58 -20.76
CA TRP C 393 41.36 17.71 -21.57
C TRP C 393 40.29 18.57 -20.90
N LEU C 394 39.99 18.30 -19.63
CA LEU C 394 38.97 19.08 -18.92
C LEU C 394 39.29 20.57 -18.90
N HIS C 395 40.56 20.94 -18.78
CA HIS C 395 40.91 22.36 -18.78
C HIS C 395 40.58 23.09 -20.08
N CYS C 396 40.47 22.39 -21.21
CA CYS C 396 40.03 23.08 -22.42
C CYS C 396 38.52 23.24 -22.55
N LEU C 397 37.72 22.60 -21.71
CA LEU C 397 36.28 22.73 -21.85
C LEU C 397 35.80 24.16 -21.55
N LEU C 398 36.14 24.70 -20.38
CA LEU C 398 35.73 26.05 -20.01
C LEU C 398 36.94 26.93 -19.72
N PRO C 399 36.87 28.23 -20.03
CA PRO C 399 37.94 29.13 -19.61
C PRO C 399 38.09 29.21 -18.10
N LYS C 400 39.35 29.09 -17.63
CA LYS C 400 39.72 29.11 -16.22
C LYS C 400 38.95 28.07 -15.39
N MET C 401 39.13 26.81 -15.78
CA MET C 401 38.42 25.71 -15.15
C MET C 401 38.73 25.58 -13.66
N ASP C 402 39.97 25.80 -13.24
CA ASP C 402 40.29 25.63 -11.83
C ASP C 402 39.65 26.71 -10.95
N SER C 403 39.49 27.93 -11.44
CA SER C 403 38.71 28.91 -10.69
C SER C 403 37.23 28.54 -10.62
N VAL C 404 36.65 28.07 -11.72
CA VAL C 404 35.24 27.68 -11.70
C VAL C 404 34.98 26.53 -10.74
N VAL C 405 35.84 25.49 -10.77
CA VAL C 405 35.68 24.39 -9.82
C VAL C 405 35.81 24.87 -8.38
N TYR C 406 36.83 25.67 -8.09
CA TYR C 406 37.00 26.18 -6.74
C TYR C 406 35.84 27.06 -6.29
N ASP C 407 35.38 27.97 -7.14
CA ASP C 407 34.24 28.81 -6.76
C ASP C 407 32.97 28.00 -6.53
N PHE C 408 32.78 26.90 -7.25
CA PHE C 408 31.66 26.02 -6.96
C PHE C 408 31.78 25.38 -5.58
N LEU C 409 32.94 24.81 -5.26
CA LEU C 409 33.13 24.21 -3.95
C LEU C 409 32.87 25.20 -2.83
N LYS C 410 33.34 26.44 -3.00
CA LYS C 410 33.08 27.50 -2.03
C LYS C 410 31.59 27.73 -1.82
N CYS C 411 30.83 27.85 -2.91
CA CYS C 411 29.38 28.02 -2.82
C CYS C 411 28.70 26.88 -2.07
N MET C 412 29.04 25.63 -2.38
CA MET C 412 28.38 24.51 -1.72
C MET C 412 28.71 24.41 -0.24
N VAL C 413 29.92 24.81 0.16
CA VAL C 413 30.28 24.82 1.58
C VAL C 413 29.56 25.93 2.34
N TYR C 414 29.41 27.11 1.75
CA TYR C 414 28.70 28.19 2.43
C TYR C 414 27.19 28.01 2.46
N ASN C 415 26.59 27.44 1.42
CA ASN C 415 25.18 27.06 1.45
C ASN C 415 24.27 28.24 1.80
N ILE C 416 24.53 29.40 1.20
CA ILE C 416 23.80 30.63 1.49
C ILE C 416 22.39 30.56 0.90
N PRO C 417 21.33 30.88 1.64
CA PRO C 417 19.97 30.77 1.07
C PRO C 417 19.73 31.74 -0.09
N LYS C 418 18.87 31.30 -1.02
CA LYS C 418 18.69 31.91 -2.34
C LYS C 418 19.92 31.84 -3.24
N LYS C 419 21.09 32.24 -2.74
CA LYS C 419 22.32 32.35 -3.53
C LYS C 419 23.02 30.99 -3.70
N ARG C 420 22.30 30.01 -4.27
CA ARG C 420 22.60 28.61 -3.96
C ARG C 420 22.69 27.62 -5.13
N TYR C 421 22.05 27.87 -6.28
CA TYR C 421 22.02 26.91 -7.38
C TYR C 421 22.66 27.47 -8.65
N TRP C 422 23.35 26.59 -9.40
CA TRP C 422 24.00 26.92 -10.66
C TRP C 422 23.29 26.27 -11.86
N LEU C 423 23.14 27.03 -12.94
CA LEU C 423 22.42 26.59 -14.15
C LEU C 423 23.38 26.34 -15.31
N PHE C 424 23.41 25.11 -15.81
CA PHE C 424 24.20 24.72 -16.98
C PHE C 424 23.24 24.54 -18.16
N LYS C 425 23.44 25.30 -19.23
CA LYS C 425 22.60 25.13 -20.42
C LYS C 425 23.44 25.12 -21.68
N GLY C 426 22.90 24.50 -22.73
CA GLY C 426 23.50 24.51 -24.04
C GLY C 426 23.07 23.35 -24.93
N PRO C 427 23.48 23.39 -26.20
CA PRO C 427 23.21 22.27 -27.11
C PRO C 427 23.67 20.92 -26.61
N ILE C 428 23.04 19.87 -27.15
CA ILE C 428 23.45 18.50 -26.91
C ILE C 428 24.89 18.26 -27.37
N ASP C 429 25.57 17.32 -26.69
CA ASP C 429 27.02 17.09 -26.85
C ASP C 429 27.81 18.40 -26.66
N SER C 430 27.82 18.86 -25.41
CA SER C 430 28.56 20.07 -25.05
C SER C 430 29.19 19.97 -23.67
N GLY C 431 29.15 18.81 -23.02
CA GLY C 431 29.94 18.58 -21.82
C GLY C 431 29.24 18.87 -20.52
N LYS C 432 27.96 19.19 -20.55
CA LYS C 432 27.22 19.48 -19.32
C LYS C 432 27.24 18.30 -18.36
N THR C 433 26.78 17.13 -18.82
CA THR C 433 26.77 15.94 -17.99
C THR C 433 28.17 15.43 -17.65
N THR C 434 29.15 15.66 -18.51
CA THR C 434 30.52 15.31 -18.17
C THR C 434 31.03 16.10 -16.97
N LEU C 435 30.83 17.42 -16.96
CA LEU C 435 31.24 18.20 -15.80
C LEU C 435 30.37 17.91 -14.59
N ALA C 436 29.05 17.80 -14.78
CA ALA C 436 28.14 17.60 -13.67
C ALA C 436 28.37 16.27 -12.96
N ALA C 437 28.63 15.20 -13.71
CA ALA C 437 28.97 13.92 -13.09
C ALA C 437 30.30 13.95 -12.35
N ALA C 438 31.29 14.67 -12.89
CA ALA C 438 32.58 14.81 -12.19
C ALA C 438 32.46 15.62 -10.91
N LEU C 439 31.70 16.72 -10.93
CA LEU C 439 31.45 17.48 -9.72
C LEU C 439 30.65 16.67 -8.71
N LEU C 440 29.69 15.88 -9.18
CA LEU C 440 28.93 15.01 -8.30
C LEU C 440 29.81 13.98 -7.60
N GLU C 441 30.70 13.34 -8.35
CA GLU C 441 31.61 12.35 -7.75
C GLU C 441 32.58 12.99 -6.76
N LEU C 442 33.00 14.22 -7.02
CA LEU C 442 33.92 14.90 -6.10
C LEU C 442 33.25 15.26 -4.78
N CYS C 443 32.05 15.83 -4.81
CA CYS C 443 31.34 16.22 -3.60
C CYS C 443 30.51 15.11 -2.97
N GLY C 444 30.01 14.17 -3.77
CA GLY C 444 29.03 13.21 -3.32
C GLY C 444 27.61 13.73 -3.40
N GLY C 445 26.71 12.94 -3.95
CA GLY C 445 25.33 13.38 -4.12
C GLY C 445 24.59 12.46 -5.06
N LYS C 446 23.41 12.90 -5.47
CA LYS C 446 22.54 12.10 -6.32
C LYS C 446 21.97 12.92 -7.47
N ALA C 447 21.65 12.22 -8.56
CA ALA C 447 21.00 12.79 -9.74
C ALA C 447 19.50 12.51 -9.70
N LEU C 448 18.69 13.53 -9.98
CA LEU C 448 17.23 13.42 -9.95
C LEU C 448 16.63 13.75 -11.30
N ASN C 449 15.57 13.02 -11.67
CA ASN C 449 14.83 13.18 -12.92
C ASN C 449 13.41 13.72 -12.63
N VAL C 450 13.29 15.05 -12.57
CA VAL C 450 12.00 15.70 -12.26
C VAL C 450 11.07 15.89 -13.46
N ASN C 451 11.36 15.26 -14.59
CA ASN C 451 10.48 15.33 -15.75
C ASN C 451 9.17 14.57 -15.58
N LEU C 452 9.01 13.86 -14.47
CA LEU C 452 7.88 12.96 -14.20
C LEU C 452 6.54 13.67 -13.96
N PRO C 453 5.45 12.90 -13.86
CA PRO C 453 4.20 13.42 -13.28
C PRO C 453 4.32 13.74 -11.80
N LEU C 454 3.49 14.69 -11.35
CA LEU C 454 3.58 15.19 -9.98
C LEU C 454 3.28 14.12 -8.93
N ASP C 455 2.38 13.20 -9.22
CA ASP C 455 1.98 12.22 -8.20
C ASP C 455 3.06 11.21 -7.87
N ARG C 456 4.22 11.22 -8.53
CA ARG C 456 5.35 10.40 -8.11
C ARG C 456 6.66 11.17 -7.92
N LEU C 457 6.64 12.50 -7.94
CA LEU C 457 7.84 13.26 -7.60
C LEU C 457 8.27 13.08 -6.15
N ASN C 458 7.32 12.87 -5.23
CA ASN C 458 7.68 12.85 -3.81
C ASN C 458 8.69 11.75 -3.49
N PHE C 459 8.58 10.59 -4.13
CA PHE C 459 9.59 9.55 -3.93
C PHE C 459 10.89 9.81 -4.69
N GLU C 460 10.84 10.56 -5.79
CA GLU C 460 12.08 10.96 -6.46
C GLU C 460 12.89 11.92 -5.59
N LEU C 461 12.24 12.95 -5.06
CA LEU C 461 12.94 13.91 -4.21
C LEU C 461 13.44 13.29 -2.91
N GLY C 462 12.81 12.21 -2.44
CA GLY C 462 13.29 11.47 -1.28
C GLY C 462 14.68 10.88 -1.41
N VAL C 463 15.23 10.81 -2.63
CA VAL C 463 16.59 10.37 -2.83
C VAL C 463 17.63 11.39 -2.35
N ALA C 464 17.23 12.64 -2.13
CA ALA C 464 18.13 13.68 -1.64
C ALA C 464 18.46 13.60 -0.15
N ILE C 465 17.79 12.74 0.62
CA ILE C 465 17.93 12.76 2.08
C ILE C 465 19.38 12.54 2.51
N ASP C 466 19.90 13.48 3.30
CA ASP C 466 21.27 13.59 3.83
C ASP C 466 22.37 13.76 2.77
N GLN C 467 22.03 13.89 1.49
CA GLN C 467 23.07 14.07 0.49
C GLN C 467 23.67 15.48 0.55
N PHE C 468 24.89 15.61 0.04
CA PHE C 468 25.58 16.89 -0.05
C PHE C 468 25.22 17.69 -1.31
N LEU C 469 25.07 17.03 -2.47
CA LEU C 469 24.65 17.69 -3.72
C LEU C 469 23.42 17.03 -4.32
N VAL C 470 22.68 17.80 -5.11
CA VAL C 470 21.65 17.31 -6.02
C VAL C 470 21.91 17.83 -7.42
N VAL C 471 21.77 16.96 -8.43
CA VAL C 471 21.85 17.37 -9.83
C VAL C 471 20.54 16.99 -10.54
N PHE C 472 19.85 18.01 -11.07
CA PHE C 472 18.60 17.84 -11.79
C PHE C 472 18.91 17.73 -13.29
N GLU C 473 18.82 16.54 -13.86
CA GLU C 473 19.45 16.29 -15.15
C GLU C 473 18.51 16.49 -16.33
N ASP C 474 18.99 17.28 -17.29
CA ASP C 474 18.38 17.42 -18.61
C ASP C 474 16.87 17.66 -18.56
N VAL C 475 16.45 18.67 -17.80
CA VAL C 475 15.02 18.92 -17.66
C VAL C 475 14.45 19.42 -18.98
N LYS C 476 13.36 18.81 -19.42
CA LYS C 476 12.62 19.22 -20.60
C LYS C 476 11.73 20.42 -20.31
N GLY C 477 11.52 21.27 -21.32
CA GLY C 477 10.55 22.34 -21.25
C GLY C 477 9.38 22.20 -22.21
N THR C 478 8.75 23.32 -22.58
CA THR C 478 7.73 23.36 -23.62
C THR C 478 7.94 24.58 -24.49
N GLY C 479 7.59 24.45 -25.77
CA GLY C 479 7.97 25.41 -26.79
C GLY C 479 9.19 25.03 -27.58
N GLY C 480 9.68 23.82 -27.44
CA GLY C 480 10.92 23.38 -28.08
C GLY C 480 10.88 23.30 -29.59
N GLU C 481 9.69 23.20 -30.19
CA GLU C 481 9.61 23.08 -31.64
C GLU C 481 10.22 24.27 -32.36
N SER C 482 10.29 25.42 -31.70
CA SER C 482 11.02 26.58 -32.23
C SER C 482 12.48 26.27 -32.49
N ARG C 483 13.00 25.18 -31.90
CA ARG C 483 14.38 24.79 -31.99
C ARG C 483 14.50 23.34 -32.44
N ASP C 484 13.38 22.66 -32.69
CA ASP C 484 13.29 21.21 -32.85
C ASP C 484 13.73 20.43 -31.61
N LEU C 485 13.09 20.74 -30.47
CA LEU C 485 13.35 20.10 -29.18
C LEU C 485 12.10 19.43 -28.61
N PRO C 486 12.24 18.29 -27.91
CA PRO C 486 11.08 17.63 -27.32
C PRO C 486 10.45 18.43 -26.19
N SER C 487 9.21 18.09 -25.85
CA SER C 487 8.45 18.77 -24.80
C SER C 487 8.22 17.88 -23.58
N GLY C 488 8.28 18.49 -22.41
CA GLY C 488 8.06 17.78 -21.15
C GLY C 488 7.84 18.76 -20.01
N GLN C 489 7.32 18.23 -18.90
CA GLN C 489 6.80 19.05 -17.81
C GLN C 489 7.87 19.62 -16.87
N GLY C 490 9.13 19.23 -17.02
CA GLY C 490 10.09 19.43 -15.93
C GLY C 490 10.18 20.84 -15.39
N ILE C 491 10.27 21.82 -16.28
CA ILE C 491 10.40 23.22 -15.85
C ILE C 491 9.16 23.72 -15.10
N ASN C 492 7.98 23.20 -15.41
CA ASN C 492 6.80 23.56 -14.62
C ASN C 492 6.82 22.91 -13.24
N ASN C 493 7.29 21.67 -13.13
CA ASN C 493 7.44 21.04 -11.83
C ASN C 493 8.43 21.80 -10.94
N LEU C 494 9.55 22.19 -11.53
CA LEU C 494 10.55 22.95 -10.80
C LEU C 494 9.98 24.26 -10.25
N ASP C 495 9.11 24.90 -11.02
CA ASP C 495 8.43 26.10 -10.56
C ASP C 495 7.48 25.85 -9.39
N ASN C 496 6.96 24.65 -9.24
CA ASN C 496 6.22 24.29 -8.03
C ASN C 496 7.11 23.93 -6.84
N LEU C 497 8.38 23.58 -7.07
CA LEU C 497 9.32 23.24 -6.01
C LEU C 497 10.18 24.42 -5.54
N ARG C 498 9.83 25.65 -5.91
CA ARG C 498 10.67 26.82 -5.62
C ARG C 498 11.13 26.88 -4.16
N ASP C 499 10.28 26.46 -3.23
CA ASP C 499 10.65 26.36 -1.83
C ASP C 499 11.87 25.47 -1.57
N TYR C 500 12.01 24.38 -2.32
CA TYR C 500 13.15 23.49 -2.16
C TYR C 500 14.46 24.10 -2.64
N LEU C 501 14.42 24.92 -3.68
CA LEU C 501 15.64 25.55 -4.17
C LEU C 501 16.16 26.62 -3.20
N ASP C 502 15.28 27.47 -2.67
CA ASP C 502 15.72 28.58 -1.82
C ASP C 502 16.44 28.12 -0.56
N GLY C 503 15.96 27.08 0.10
CA GLY C 503 16.61 26.61 1.30
C GLY C 503 16.46 27.52 2.51
N SER C 504 15.53 28.47 2.47
CA SER C 504 15.26 29.30 3.64
C SER C 504 14.61 28.51 4.77
N VAL C 505 13.73 27.56 4.44
CA VAL C 505 12.96 26.85 5.44
C VAL C 505 12.91 25.36 5.11
N LYS C 506 12.77 24.55 6.16
CA LYS C 506 12.90 23.11 6.02
C LYS C 506 11.74 22.47 5.26
N VAL C 507 12.06 21.42 4.51
CA VAL C 507 11.11 20.66 3.72
C VAL C 507 11.01 19.23 4.26
N ASN C 508 9.88 18.60 3.98
CA ASN C 508 9.57 17.24 4.44
C ASN C 508 9.79 16.23 3.31
N LEU C 509 10.69 15.27 3.54
CA LEU C 509 11.10 14.29 2.52
C LEU C 509 10.77 12.88 3.00
N GLU C 510 10.41 11.98 2.07
CA GLU C 510 9.99 10.63 2.44
C GLU C 510 10.62 9.53 1.60
N LYS C 511 11.03 8.45 2.27
CA LYS C 511 11.32 7.16 1.65
C LYS C 511 10.12 6.24 1.79
N LYS C 512 9.95 5.33 0.83
CA LYS C 512 8.84 4.37 0.88
C LYS C 512 8.80 3.63 2.21
N HIS C 513 7.60 3.50 2.76
CA HIS C 513 7.32 2.84 4.04
C HIS C 513 7.94 3.50 5.26
N LEU C 514 8.56 4.67 5.14
CA LEU C 514 9.17 5.33 6.29
C LEU C 514 8.57 6.73 6.50
N ASN C 515 8.54 7.14 7.77
CA ASN C 515 8.03 8.44 8.17
C ASN C 515 8.83 9.60 7.55
N LYS C 516 8.18 10.75 7.39
CA LYS C 516 8.82 11.90 6.77
C LYS C 516 9.95 12.46 7.65
N ARG C 517 11.03 12.88 7.01
CA ARG C 517 12.12 13.61 7.66
C ARG C 517 12.13 15.08 7.25
N THR C 518 12.51 15.95 8.18
CA THR C 518 12.54 17.40 7.97
C THR C 518 13.98 17.89 7.91
N GLN C 519 14.35 18.53 6.80
CA GLN C 519 15.71 19.08 6.65
C GLN C 519 15.71 20.14 5.56
N ILE C 520 16.85 20.83 5.43
CA ILE C 520 17.06 21.81 4.36
C ILE C 520 17.57 21.08 3.12
N PHE C 521 16.89 21.30 2.00
CA PHE C 521 17.22 20.58 0.76
C PHE C 521 18.63 20.95 0.26
N PRO C 522 19.41 19.98 -0.21
CA PRO C 522 20.82 20.23 -0.64
C PRO C 522 20.97 21.25 -1.77
N PRO C 523 22.13 21.90 -1.86
CA PRO C 523 22.47 22.75 -3.02
C PRO C 523 22.96 21.93 -4.22
N GLY C 524 23.07 22.58 -5.39
CA GLY C 524 23.47 21.79 -6.58
C GLY C 524 23.20 22.47 -7.93
N ILE C 525 23.05 21.62 -8.96
CA ILE C 525 23.21 22.00 -10.37
C ILE C 525 22.01 21.57 -11.20
N VAL C 526 21.49 22.47 -12.04
CA VAL C 526 20.45 22.16 -13.04
C VAL C 526 21.07 22.17 -14.44
N THR C 527 20.82 21.11 -15.21
CA THR C 527 21.27 21.00 -16.60
C THR C 527 20.07 20.97 -17.53
N MET C 528 20.08 21.78 -18.59
CA MET C 528 18.97 21.81 -19.54
C MET C 528 19.45 22.18 -20.93
N ASN C 529 18.69 21.72 -21.94
CA ASN C 529 18.76 22.30 -23.27
C ASN C 529 18.11 23.69 -23.30
N GLU C 530 18.28 24.38 -24.42
CA GLU C 530 17.98 25.81 -24.51
C GLU C 530 16.50 26.21 -24.52
N TYR C 531 15.69 25.63 -23.63
CA TYR C 531 14.31 26.07 -23.45
C TYR C 531 14.24 27.51 -22.95
N SER C 532 13.11 28.16 -23.19
CA SER C 532 12.79 29.44 -22.54
C SER C 532 12.47 29.23 -21.06
N VAL C 533 13.08 30.03 -20.21
CA VAL C 533 12.95 29.91 -18.77
C VAL C 533 12.02 30.99 -18.25
N PRO C 534 11.02 30.68 -17.42
CA PRO C 534 10.21 31.75 -16.83
C PRO C 534 11.05 32.57 -15.86
N LYS C 535 10.95 33.89 -15.98
CA LYS C 535 11.88 34.78 -15.29
C LYS C 535 11.87 34.63 -13.78
N THR C 536 10.78 34.14 -13.19
CA THR C 536 10.77 33.79 -11.77
C THR C 536 11.73 32.65 -11.40
N LEU C 537 12.02 31.72 -12.31
CA LEU C 537 13.08 30.74 -12.05
C LEU C 537 14.47 31.27 -12.32
N GLN C 538 14.66 32.07 -13.36
CA GLN C 538 15.96 32.67 -13.60
C GLN C 538 16.41 33.53 -12.42
N ALA C 539 15.46 34.12 -11.70
CA ALA C 539 15.77 34.86 -10.48
C ALA C 539 16.37 34.02 -9.37
N ARG C 540 16.13 32.71 -9.35
CA ARG C 540 16.64 31.86 -8.28
C ARG C 540 18.02 31.24 -8.56
N PHE C 541 18.60 31.39 -9.75
CA PHE C 541 19.89 30.80 -10.08
C PHE C 541 20.99 31.86 -10.03
N VAL C 542 22.03 31.58 -9.25
CA VAL C 542 23.04 32.59 -8.98
C VAL C 542 24.10 32.66 -10.08
N LYS C 543 24.37 31.58 -10.80
CA LYS C 543 25.29 31.65 -11.94
C LYS C 543 24.76 30.80 -13.08
N GLN C 544 24.89 31.32 -14.31
CA GLN C 544 24.60 30.57 -15.52
C GLN C 544 25.87 30.39 -16.35
N ILE C 545 26.19 29.15 -16.67
CA ILE C 545 27.36 28.81 -17.49
C ILE C 545 26.88 28.28 -18.83
N ASP C 546 27.28 28.97 -19.90
CA ASP C 546 26.95 28.58 -21.27
C ASP C 546 27.95 27.56 -21.79
N PHE C 547 27.45 26.42 -22.26
CA PHE C 547 28.24 25.44 -22.98
C PHE C 547 27.93 25.52 -24.47
N ARG C 548 28.96 25.49 -25.30
CA ARG C 548 28.77 25.53 -26.75
C ARG C 548 29.56 24.42 -27.44
N PRO C 549 29.11 23.95 -28.60
CA PRO C 549 29.92 23.00 -29.38
C PRO C 549 31.31 23.53 -29.66
N LYS C 550 32.31 22.69 -29.42
CA LYS C 550 33.69 22.90 -29.87
C LYS C 550 34.15 21.67 -30.63
N ASP C 551 34.48 21.85 -31.91
CA ASP C 551 34.85 20.71 -32.75
C ASP C 551 36.20 20.10 -32.36
N TYR C 552 37.18 20.90 -31.91
CA TYR C 552 38.47 20.33 -31.54
C TYR C 552 38.37 19.37 -30.36
N LEU C 553 37.53 19.67 -29.37
CA LEU C 553 37.31 18.70 -28.31
C LEU C 553 36.74 17.40 -28.84
N LYS C 554 35.76 17.48 -29.75
CA LYS C 554 35.14 16.29 -30.32
C LYS C 554 36.14 15.45 -31.12
N HIS C 555 36.92 16.08 -32.00
CA HIS C 555 37.93 15.34 -32.76
C HIS C 555 38.94 14.67 -31.83
N CYS C 556 39.32 15.35 -30.75
CA CYS C 556 40.32 14.78 -29.85
C CYS C 556 39.84 13.52 -29.15
N LEU C 557 38.58 13.46 -28.71
CA LEU C 557 38.10 12.23 -28.09
C LEU C 557 38.15 11.03 -29.03
N GLU C 558 37.78 11.23 -30.30
CA GLU C 558 37.73 10.09 -31.22
C GLU C 558 39.10 9.47 -31.41
N ARG C 559 40.14 10.29 -31.42
CA ARG C 559 41.51 9.82 -31.53
C ARG C 559 42.13 9.45 -30.19
N SER C 560 41.47 9.76 -29.08
CA SER C 560 42.01 9.52 -27.73
C SER C 560 41.05 8.69 -26.89
N GLU C 561 40.46 7.66 -27.49
CA GLU C 561 39.26 7.07 -26.92
C GLU C 561 39.44 6.40 -25.55
N PHE C 562 40.68 6.15 -25.09
CA PHE C 562 40.88 5.70 -23.72
C PHE C 562 40.29 6.67 -22.68
N LEU C 563 40.08 7.93 -23.03
CA LEU C 563 39.39 8.86 -22.14
C LEU C 563 37.96 8.44 -21.83
N LEU C 564 37.28 7.82 -22.77
CA LEU C 564 35.93 7.30 -22.54
C LEU C 564 35.92 5.87 -22.04
N GLU C 565 36.74 5.01 -22.60
CA GLU C 565 36.67 3.59 -22.27
C GLU C 565 36.92 3.35 -20.78
N LYS C 566 37.79 4.13 -20.17
CA LYS C 566 38.09 4.02 -18.74
C LYS C 566 37.34 5.04 -17.87
N ARG C 567 36.40 5.79 -18.45
CA ARG C 567 35.63 6.82 -17.72
C ARG C 567 36.48 7.87 -17.03
N ILE C 568 37.62 8.23 -17.62
CA ILE C 568 38.53 9.19 -17.00
C ILE C 568 37.90 10.58 -16.90
N ILE C 569 37.22 11.05 -17.96
CA ILE C 569 36.72 12.42 -17.94
C ILE C 569 35.48 12.64 -17.06
N GLN C 570 34.69 11.61 -16.75
CA GLN C 570 33.54 11.84 -15.88
C GLN C 570 33.87 11.82 -14.38
N SER C 571 35.10 11.49 -13.99
CA SER C 571 35.35 11.00 -12.64
C SER C 571 36.00 12.07 -11.74
N GLY C 572 35.49 12.16 -10.51
CA GLY C 572 35.93 13.17 -9.55
C GLY C 572 37.38 13.07 -9.14
N ILE C 573 37.98 11.89 -9.28
CA ILE C 573 39.41 11.72 -9.06
C ILE C 573 40.22 12.57 -10.05
N ALA C 574 39.72 12.71 -11.27
CA ALA C 574 40.36 13.61 -12.23
C ALA C 574 40.29 15.07 -11.79
N LEU C 575 39.12 15.53 -11.35
CA LEU C 575 39.01 16.91 -10.86
C LEU C 575 39.87 17.16 -9.62
N LEU C 576 40.01 16.18 -8.74
CA LEU C 576 40.92 16.37 -7.60
C LEU C 576 42.38 16.46 -8.04
N LEU C 577 42.78 15.70 -9.05
CA LEU C 577 44.11 15.87 -9.62
C LEU C 577 44.29 17.26 -10.24
N MET C 578 43.26 17.78 -10.89
CA MET C 578 43.29 19.18 -11.35
C MET C 578 43.50 20.17 -10.22
N LEU C 579 42.77 20.00 -9.10
CA LEU C 579 42.96 20.89 -7.97
C LEU C 579 44.36 20.76 -7.36
N ILE C 580 44.87 19.54 -7.24
CA ILE C 580 46.21 19.32 -6.71
C ILE C 580 47.26 19.99 -7.60
N TRP C 581 47.09 19.92 -8.92
CA TRP C 581 48.06 20.58 -9.81
C TRP C 581 48.01 22.10 -9.70
N TYR C 582 46.83 22.70 -9.82
CA TYR C 582 46.75 24.16 -9.90
C TYR C 582 46.69 24.91 -8.57
N ARG C 583 45.91 24.45 -7.59
CA ARG C 583 45.69 25.24 -6.38
C ARG C 583 46.93 25.35 -5.50
N PRO C 584 47.14 26.48 -4.82
CA PRO C 584 48.17 26.54 -3.80
C PRO C 584 47.78 25.72 -2.58
N VAL C 585 48.78 25.19 -1.87
CA VAL C 585 48.52 24.29 -0.76
C VAL C 585 47.66 24.91 0.34
N ALA C 586 47.73 26.23 0.53
CA ALA C 586 47.01 26.86 1.63
C ALA C 586 45.48 26.79 1.53
N GLU C 587 44.90 26.56 0.35
CA GLU C 587 43.44 26.60 0.23
C GLU C 587 42.75 25.32 0.66
N PHE C 588 43.47 24.22 0.83
CA PHE C 588 42.91 23.05 1.47
C PHE C 588 42.90 23.24 2.99
N ALA C 589 41.96 22.58 3.65
CA ALA C 589 41.86 22.69 5.10
C ALA C 589 43.12 22.12 5.75
N GLN C 590 43.46 22.71 6.91
CA GLN C 590 44.75 22.45 7.54
C GLN C 590 44.98 20.97 7.88
N SER C 591 43.91 20.20 8.09
CA SER C 591 44.08 18.77 8.34
C SER C 591 44.71 18.02 7.16
N ILE C 592 44.28 18.30 5.94
CA ILE C 592 44.65 17.49 4.78
C ILE C 592 45.86 18.02 4.02
N GLN C 593 46.40 19.18 4.40
CA GLN C 593 47.51 19.80 3.69
C GLN C 593 48.77 18.92 3.65
N SER C 594 49.14 18.27 4.75
CA SER C 594 50.35 17.45 4.74
C SER C 594 50.23 16.26 3.79
N ARG C 595 49.05 15.67 3.68
CA ARG C 595 48.82 14.63 2.69
C ARG C 595 48.86 15.15 1.25
N ILE C 596 48.48 16.40 1.02
CA ILE C 596 48.49 16.95 -0.34
C ILE C 596 49.90 17.34 -0.81
N VAL C 597 50.76 17.86 0.06
CA VAL C 597 52.11 18.20 -0.40
C VAL C 597 52.86 16.95 -0.85
N GLU C 598 52.60 15.81 -0.21
CA GLU C 598 53.10 14.53 -0.70
C GLU C 598 52.64 14.23 -2.12
N TRP C 599 51.38 14.53 -2.47
CA TRP C 599 50.91 14.31 -3.83
C TRP C 599 51.45 15.34 -4.82
N LYS C 600 51.59 16.61 -4.42
CA LYS C 600 52.28 17.56 -5.29
C LYS C 600 53.70 17.10 -5.61
N GLU C 601 54.40 16.56 -4.63
CA GLU C 601 55.71 15.98 -4.88
C GLU C 601 55.66 14.78 -5.84
N ARG C 602 54.71 13.86 -5.67
CA ARG C 602 54.57 12.77 -6.64
C ARG C 602 54.38 13.28 -8.06
N LEU C 603 53.44 14.21 -8.25
CA LEU C 603 53.13 14.67 -9.60
C LEU C 603 54.28 15.48 -10.19
N ASP C 604 54.91 16.33 -9.39
CA ASP C 604 56.04 17.09 -9.89
C ASP C 604 57.30 16.25 -10.07
N LYS C 605 57.36 15.06 -9.47
CA LYS C 605 58.39 14.09 -9.85
C LYS C 605 58.10 13.48 -11.22
N GLU C 606 56.90 12.94 -11.42
CA GLU C 606 56.60 12.14 -12.60
C GLU C 606 56.31 12.96 -13.85
N PHE C 607 56.17 14.28 -13.75
CA PHE C 607 55.83 15.12 -14.88
C PHE C 607 56.75 16.33 -14.97
N SER C 608 56.65 17.00 -16.11
CA SER C 608 57.24 18.31 -16.32
C SER C 608 56.20 19.22 -16.95
N LEU C 609 56.39 20.53 -16.77
CA LEU C 609 55.57 21.52 -17.44
C LEU C 609 55.49 21.29 -18.95
N SER C 610 56.61 20.94 -19.57
CA SER C 610 56.61 20.74 -21.02
C SER C 610 55.72 19.57 -21.44
N VAL C 611 55.68 18.51 -20.63
CA VAL C 611 54.80 17.38 -20.95
C VAL C 611 53.34 17.82 -20.91
N TYR C 612 52.93 18.50 -19.84
CA TYR C 612 51.56 18.98 -19.73
C TYR C 612 51.23 20.09 -20.74
N GLN C 613 52.16 21.01 -20.98
CA GLN C 613 51.99 21.99 -22.05
C GLN C 613 51.85 21.35 -23.43
N LYS C 614 52.55 20.25 -23.68
CA LYS C 614 52.35 19.52 -24.93
C LYS C 614 51.00 18.82 -24.98
N MET C 615 50.53 18.25 -23.87
CA MET C 615 49.20 17.65 -23.88
C MET C 615 48.10 18.66 -24.21
N LYS C 616 48.16 19.85 -23.63
CA LYS C 616 47.19 20.88 -24.01
C LYS C 616 47.41 21.36 -25.44
N PHE C 617 48.66 21.45 -25.89
CA PHE C 617 48.93 21.75 -27.29
C PHE C 617 48.33 20.73 -28.24
N ASN C 618 48.43 19.43 -27.92
CA ASN C 618 47.79 18.41 -28.76
C ASN C 618 46.27 18.58 -28.81
N VAL C 619 45.62 18.77 -27.67
CA VAL C 619 44.17 18.97 -27.65
C VAL C 619 43.74 20.17 -28.51
N ALA C 620 44.44 21.30 -28.38
CA ALA C 620 44.01 22.49 -29.09
C ALA C 620 44.06 22.36 -30.60
N MET C 621 44.74 21.35 -31.13
CA MET C 621 44.80 21.09 -32.57
C MET C 621 44.00 19.87 -33.00
N GLY C 622 43.24 19.26 -32.09
CA GLY C 622 42.50 18.05 -32.41
C GLY C 622 43.36 16.84 -32.65
N ILE C 623 44.63 16.91 -32.25
CA ILE C 623 45.55 15.79 -32.31
C ILE C 623 45.31 14.89 -31.09
N GLY C 624 45.79 13.64 -31.15
CA GLY C 624 45.63 12.75 -30.01
C GLY C 624 46.46 13.20 -28.82
N VAL C 625 45.87 13.09 -27.62
CA VAL C 625 46.49 13.69 -26.44
C VAL C 625 47.85 13.10 -26.10
N LEU C 626 48.13 11.87 -26.52
CA LEU C 626 49.44 11.27 -26.29
C LEU C 626 50.40 11.36 -27.47
N ASP C 627 50.01 11.98 -28.57
CA ASP C 627 50.85 11.96 -29.76
C ASP C 627 52.18 12.66 -29.51
N LYS D 266 19.26 -35.69 19.10
CA LYS D 266 20.22 -35.07 18.19
C LYS D 266 19.69 -33.75 17.64
N GLN D 267 20.57 -32.92 17.10
CA GLN D 267 20.22 -31.59 16.64
C GLN D 267 20.42 -31.44 15.13
N VAL D 268 19.58 -30.60 14.53
CA VAL D 268 19.70 -30.27 13.11
C VAL D 268 21.00 -29.50 12.90
N SER D 269 21.78 -29.90 11.91
CA SER D 269 22.87 -29.06 11.42
C SER D 269 22.30 -28.01 10.47
N TRP D 270 22.33 -26.74 10.88
CA TRP D 270 21.92 -25.66 9.98
C TRP D 270 22.94 -25.45 8.87
N LYS D 271 24.18 -25.89 9.11
CA LYS D 271 25.29 -25.78 8.16
C LYS D 271 25.11 -26.69 6.94
N LEU D 272 24.64 -27.92 7.14
CA LEU D 272 24.31 -28.79 6.01
C LEU D 272 23.18 -28.26 5.15
N VAL D 273 22.17 -27.63 5.75
CA VAL D 273 21.12 -27.01 4.94
C VAL D 273 21.69 -25.89 4.10
N THR D 274 22.53 -25.06 4.68
CA THR D 274 23.10 -23.92 3.95
C THR D 274 24.00 -24.37 2.81
N GLU D 275 24.76 -25.46 3.01
CA GLU D 275 25.54 -26.04 1.91
C GLU D 275 24.66 -26.48 0.75
N TYR D 276 23.57 -27.20 1.04
CA TYR D 276 22.68 -27.65 -0.04
C TYR D 276 22.14 -26.48 -0.84
N ALA D 277 21.72 -25.41 -0.16
CA ALA D 277 21.20 -24.24 -0.86
C ALA D 277 22.27 -23.60 -1.74
N MET D 278 23.49 -23.47 -1.24
CA MET D 278 24.59 -22.92 -2.02
C MET D 278 24.90 -23.74 -3.27
N GLU D 279 24.97 -25.05 -3.14
CA GLU D 279 25.30 -25.90 -4.28
C GLU D 279 24.15 -26.09 -5.25
N THR D 280 22.90 -25.94 -4.80
CA THR D 280 21.76 -25.93 -5.70
C THR D 280 21.47 -24.55 -6.28
N LYS D 281 22.04 -23.49 -5.72
CA LYS D 281 21.81 -22.11 -6.15
C LYS D 281 20.33 -21.72 -6.10
N CYS D 282 19.74 -21.88 -4.91
CA CYS D 282 18.31 -21.80 -4.71
C CYS D 282 17.95 -20.48 -4.03
N ASP D 283 17.15 -19.66 -4.69
CA ASP D 283 16.73 -18.36 -4.15
C ASP D 283 15.47 -18.41 -3.29
N ASP D 284 14.82 -19.56 -3.14
CA ASP D 284 13.39 -19.58 -2.85
C ASP D 284 13.07 -20.46 -1.64
N VAL D 285 12.45 -19.86 -0.61
CA VAL D 285 12.26 -20.52 0.68
C VAL D 285 11.35 -21.74 0.58
N LEU D 286 10.28 -21.64 -0.22
CA LEU D 286 9.38 -22.78 -0.41
C LEU D 286 10.00 -23.88 -1.26
N LEU D 287 10.74 -23.53 -2.31
CA LEU D 287 11.40 -24.54 -3.12
C LEU D 287 12.45 -25.29 -2.31
N LEU D 288 13.28 -24.57 -1.56
CA LEU D 288 14.25 -25.23 -0.68
C LEU D 288 13.58 -26.16 0.31
N LEU D 289 12.55 -25.68 1.01
CA LEU D 289 11.87 -26.48 2.01
C LEU D 289 11.30 -27.77 1.41
N GLY D 290 10.63 -27.64 0.26
CA GLY D 290 10.07 -28.82 -0.39
C GLY D 290 11.14 -29.81 -0.84
N MET D 291 12.17 -29.30 -1.50
CA MET D 291 13.27 -30.15 -1.94
C MET D 291 13.90 -30.92 -0.77
N TYR D 292 14.14 -30.23 0.34
CA TYR D 292 14.83 -30.83 1.46
C TYR D 292 13.97 -31.85 2.20
N LEU D 293 12.67 -31.64 2.29
CA LEU D 293 11.79 -32.63 2.90
C LEU D 293 11.71 -33.95 2.13
N GLU D 294 12.00 -33.95 0.82
CA GLU D 294 12.01 -35.21 0.07
C GLU D 294 13.16 -36.13 0.44
N PHE D 295 14.15 -35.67 1.20
CA PHE D 295 15.28 -36.51 1.61
C PHE D 295 15.00 -37.38 2.83
N GLN D 296 13.85 -37.21 3.51
CA GLN D 296 13.57 -37.99 4.71
C GLN D 296 13.26 -39.46 4.43
N TYR D 297 12.72 -39.79 3.27
CA TYR D 297 12.40 -41.17 2.94
C TYR D 297 13.67 -41.98 2.65
N SER D 298 13.58 -43.29 2.87
CA SER D 298 14.75 -44.15 2.85
C SER D 298 15.51 -44.09 1.52
N PHE D 299 16.83 -43.93 1.63
CA PHE D 299 17.70 -43.78 0.47
C PHE D 299 17.72 -45.02 -0.42
N GLU D 300 17.80 -46.20 0.17
CA GLU D 300 18.08 -47.43 -0.56
C GLU D 300 16.97 -47.83 -1.53
N MET D 301 15.81 -47.18 -1.47
CA MET D 301 14.66 -47.62 -2.25
C MET D 301 13.94 -46.46 -2.94
N CYS D 302 14.59 -45.30 -3.05
CA CYS D 302 13.97 -44.09 -3.58
C CYS D 302 13.75 -44.17 -5.08
N LEU D 303 12.48 -44.14 -5.51
CA LEU D 303 12.14 -44.20 -6.93
C LEU D 303 12.67 -43.03 -7.73
N LYS D 304 12.76 -41.86 -7.12
CA LYS D 304 13.27 -40.68 -7.82
C LYS D 304 14.77 -40.79 -8.11
N CYS D 305 15.51 -41.42 -7.21
CA CYS D 305 16.90 -41.76 -7.51
C CYS D 305 16.97 -42.80 -8.63
N ILE D 306 16.17 -43.86 -8.54
CA ILE D 306 16.35 -45.00 -9.43
C ILE D 306 15.96 -44.69 -10.88
N LYS D 307 14.95 -43.85 -11.10
CA LYS D 307 14.72 -43.33 -12.46
C LYS D 307 15.73 -42.26 -12.88
N LYS D 308 16.59 -41.79 -11.97
CA LYS D 308 17.59 -40.75 -12.25
C LYS D 308 16.98 -39.51 -12.90
N GLU D 309 15.81 -39.11 -12.44
CA GLU D 309 15.00 -38.17 -13.20
C GLU D 309 15.45 -36.72 -13.04
N GLN D 310 15.62 -36.24 -11.81
CA GLN D 310 16.02 -34.86 -11.55
C GLN D 310 17.40 -34.75 -10.90
N PRO D 311 18.37 -34.08 -11.53
CA PRO D 311 19.74 -34.07 -10.99
C PRO D 311 19.88 -33.51 -9.59
N SER D 312 19.16 -32.44 -9.26
CA SER D 312 19.27 -31.82 -7.94
C SER D 312 18.68 -32.65 -6.82
N HIS D 313 18.08 -33.80 -7.11
CA HIS D 313 17.73 -34.77 -6.09
C HIS D 313 18.77 -35.89 -5.98
N TYR D 314 18.98 -36.64 -7.05
CA TYR D 314 19.72 -37.89 -6.91
C TYR D 314 21.20 -37.70 -6.58
N LYS D 315 21.77 -36.52 -6.86
CA LYS D 315 23.15 -36.25 -6.47
C LYS D 315 23.33 -36.00 -4.97
N TYR D 316 22.27 -35.63 -4.25
CA TYR D 316 22.40 -35.13 -2.88
C TYR D 316 21.72 -36.00 -1.83
N HIS D 317 20.71 -36.79 -2.19
CA HIS D 317 19.94 -37.56 -1.21
C HIS D 317 20.83 -38.43 -0.32
N GLU D 318 21.86 -39.04 -0.88
CA GLU D 318 22.76 -39.88 -0.09
C GLU D 318 23.38 -39.15 1.10
N LYS D 319 23.90 -37.94 0.89
CA LYS D 319 24.51 -37.18 1.98
C LYS D 319 23.49 -36.74 3.03
N HIS D 320 22.36 -36.21 2.60
CA HIS D 320 21.53 -35.39 3.46
C HIS D 320 20.49 -36.17 4.28
N TYR D 321 20.36 -37.47 4.04
CA TYR D 321 19.38 -38.31 4.73
C TYR D 321 19.45 -38.22 6.26
N ALA D 322 20.65 -38.31 6.83
CA ALA D 322 20.76 -38.27 8.29
C ALA D 322 20.29 -36.95 8.88
N ASN D 323 20.56 -35.84 8.20
CA ASN D 323 20.06 -34.55 8.64
C ASN D 323 18.57 -34.35 8.35
N ALA D 324 18.09 -34.82 7.20
CA ALA D 324 16.68 -34.66 6.86
C ALA D 324 15.74 -35.40 7.79
N ALA D 325 16.13 -36.55 8.31
CA ALA D 325 15.32 -37.24 9.30
C ALA D 325 15.11 -36.40 10.56
N ILE D 326 16.17 -35.76 11.06
CA ILE D 326 16.05 -34.91 12.23
C ILE D 326 15.32 -33.61 11.90
N PHE D 327 15.55 -33.06 10.71
CA PHE D 327 14.83 -31.88 10.26
C PHE D 327 13.32 -32.10 10.19
N ALA D 328 12.87 -33.28 9.77
CA ALA D 328 11.44 -33.54 9.69
C ALA D 328 10.73 -33.48 11.03
N ASP D 329 11.42 -33.73 12.14
CA ASP D 329 10.84 -33.58 13.47
C ASP D 329 10.86 -32.14 13.99
N SER D 330 11.63 -31.25 13.39
CA SER D 330 11.91 -29.93 13.95
C SER D 330 10.71 -28.98 13.87
N LYS D 331 10.75 -27.97 14.75
CA LYS D 331 9.72 -26.95 14.89
C LYS D 331 10.10 -25.61 14.25
N ASN D 332 11.34 -25.43 13.82
CA ASN D 332 11.90 -24.18 13.33
C ASN D 332 11.92 -24.04 11.80
N GLN D 333 11.26 -24.95 11.07
CA GLN D 333 11.67 -25.27 9.71
C GLN D 333 11.81 -24.06 8.78
N LYS D 334 10.84 -23.16 8.78
CA LYS D 334 10.95 -22.01 7.86
C LYS D 334 12.07 -21.05 8.26
N THR D 335 12.36 -20.94 9.56
CA THR D 335 13.49 -20.14 10.03
C THR D 335 14.83 -20.71 9.56
N ILE D 336 14.98 -22.04 9.55
CA ILE D 336 16.20 -22.65 9.02
C ILE D 336 16.36 -22.35 7.54
N CYS D 337 15.28 -22.46 6.78
CA CYS D 337 15.35 -22.23 5.34
C CYS D 337 15.62 -20.76 5.00
N GLN D 338 15.09 -19.84 5.77
CA GLN D 338 15.35 -18.42 5.52
C GLN D 338 16.83 -18.08 5.65
N GLN D 339 17.48 -18.55 6.72
CA GLN D 339 18.91 -18.29 6.85
C GLN D 339 19.71 -18.88 5.69
N ALA D 340 19.32 -20.05 5.20
CA ALA D 340 19.98 -20.63 4.03
C ALA D 340 19.77 -19.79 2.78
N VAL D 341 18.55 -19.33 2.54
CA VAL D 341 18.27 -18.50 1.37
C VAL D 341 18.96 -17.14 1.46
N ASP D 342 18.99 -16.53 2.64
CA ASP D 342 19.73 -15.27 2.79
C ASP D 342 21.23 -15.44 2.57
N THR D 343 21.78 -16.60 2.87
CA THR D 343 23.18 -16.86 2.50
C THR D 343 23.38 -16.92 0.99
N VAL D 344 22.47 -17.55 0.25
CA VAL D 344 22.59 -17.57 -1.21
C VAL D 344 22.39 -16.19 -1.81
N LEU D 345 21.43 -15.41 -1.31
CA LEU D 345 21.28 -14.04 -1.76
C LEU D 345 22.49 -13.18 -1.44
N ALA D 346 23.09 -13.36 -0.27
CA ALA D 346 24.29 -12.60 0.08
C ALA D 346 25.44 -12.82 -0.90
N LYS D 347 25.67 -14.07 -1.32
CA LYS D 347 26.74 -14.31 -2.29
C LYS D 347 26.49 -13.60 -3.62
N LYS D 348 25.26 -13.67 -4.13
CA LYS D 348 24.93 -12.94 -5.35
C LYS D 348 25.27 -11.45 -5.26
N ARG D 349 24.92 -10.80 -4.15
CA ARG D 349 25.23 -9.38 -4.01
C ARG D 349 26.72 -9.12 -3.89
N VAL D 350 27.46 -9.94 -3.14
CA VAL D 350 28.92 -9.79 -3.12
C VAL D 350 29.48 -9.87 -4.54
N ASP D 351 29.11 -10.90 -5.29
CA ASP D 351 29.63 -11.06 -6.65
C ASP D 351 29.32 -9.87 -7.55
N SER D 352 28.08 -9.37 -7.49
CA SER D 352 27.69 -8.24 -8.35
C SER D 352 28.60 -7.03 -8.17
N LEU D 353 29.02 -6.74 -6.96
CA LEU D 353 29.84 -5.56 -6.71
C LEU D 353 31.33 -5.78 -6.90
N GLN D 354 31.82 -7.02 -6.95
CA GLN D 354 33.26 -7.27 -6.95
C GLN D 354 33.81 -7.99 -8.19
N LEU D 355 32.98 -8.64 -9.02
CA LEU D 355 33.46 -9.28 -10.24
C LEU D 355 33.60 -8.30 -11.40
N THR D 356 34.62 -8.50 -12.23
CA THR D 356 34.67 -7.84 -13.54
C THR D 356 33.81 -8.61 -14.54
N ARG D 357 33.33 -7.90 -15.57
CA ARG D 357 32.34 -8.46 -16.48
C ARG D 357 32.80 -9.73 -17.17
N GLU D 358 34.10 -9.86 -17.43
CA GLU D 358 34.63 -11.09 -18.02
C GLU D 358 34.44 -12.30 -17.11
N GLN D 359 34.56 -12.11 -15.80
CA GLN D 359 34.34 -13.20 -14.86
C GLN D 359 32.87 -13.59 -14.78
N MET D 360 31.96 -12.62 -14.80
CA MET D 360 30.53 -12.94 -14.85
C MET D 360 30.18 -13.79 -16.06
N LEU D 361 30.71 -13.44 -17.22
CA LEU D 361 30.45 -14.23 -18.41
C LEU D 361 31.08 -15.62 -18.32
N THR D 362 32.28 -15.72 -17.77
CA THR D 362 32.92 -17.03 -17.63
C THR D 362 32.15 -17.94 -16.67
N ASN D 363 31.63 -17.38 -15.57
CA ASN D 363 30.76 -18.16 -14.68
C ASN D 363 29.52 -18.66 -15.41
N ARG D 364 28.87 -17.80 -16.19
CA ARG D 364 27.69 -18.17 -16.95
C ARG D 364 27.96 -19.31 -17.94
N PHE D 365 29.12 -19.30 -18.61
CA PHE D 365 29.49 -20.43 -19.47
C PHE D 365 29.72 -21.71 -18.68
N ASN D 366 30.28 -21.61 -17.48
CA ASN D 366 30.39 -22.78 -16.61
C ASN D 366 29.04 -23.36 -16.21
N ASP D 367 28.06 -22.52 -15.90
CA ASP D 367 26.71 -23.03 -15.68
C ASP D 367 26.12 -23.72 -16.91
N LEU D 368 26.30 -23.14 -18.09
CA LEU D 368 25.78 -23.76 -19.31
C LEU D 368 26.47 -25.09 -19.61
N LEU D 369 27.80 -25.13 -19.47
CA LEU D 369 28.52 -26.37 -19.73
C LEU D 369 28.08 -27.50 -18.79
N ASP D 370 27.82 -27.19 -17.52
CA ASP D 370 27.25 -28.20 -16.64
C ASP D 370 25.92 -28.77 -17.15
N ARG D 371 25.01 -27.91 -17.62
CA ARG D 371 23.76 -28.40 -18.18
C ARG D 371 23.97 -29.23 -19.44
N MET D 372 24.92 -28.84 -20.28
CA MET D 372 25.22 -29.62 -21.47
C MET D 372 25.74 -31.01 -21.11
N ASP D 373 26.62 -31.11 -20.12
CA ASP D 373 27.17 -32.41 -19.74
C ASP D 373 26.10 -33.40 -19.32
N ILE D 374 25.08 -32.92 -18.61
CA ILE D 374 23.96 -33.78 -18.22
C ILE D 374 23.08 -34.10 -19.42
N MET D 375 22.77 -33.09 -20.21
CA MET D 375 21.84 -33.21 -21.33
C MET D 375 22.36 -34.14 -22.42
N PHE D 376 23.67 -34.19 -22.64
CA PHE D 376 24.29 -35.09 -23.61
C PHE D 376 25.02 -36.25 -22.95
N GLY D 377 24.76 -36.51 -21.68
CA GLY D 377 25.33 -37.64 -20.99
C GLY D 377 24.55 -38.92 -21.23
N SER D 378 24.95 -39.97 -20.50
CA SER D 378 24.32 -41.27 -20.68
C SER D 378 22.82 -41.24 -20.36
N THR D 379 22.42 -40.49 -19.36
CA THR D 379 21.01 -40.30 -19.02
C THR D 379 20.40 -39.10 -19.71
N GLY D 380 21.13 -38.49 -20.64
CA GLY D 380 20.61 -37.34 -21.36
C GLY D 380 19.49 -37.71 -22.31
N SER D 381 18.61 -36.74 -22.55
CA SER D 381 17.51 -36.89 -23.48
C SER D 381 17.87 -36.60 -24.93
N ALA D 382 18.86 -35.75 -25.18
CA ALA D 382 19.02 -35.09 -26.47
C ALA D 382 20.12 -35.72 -27.33
N ASP D 383 19.86 -35.85 -28.63
CA ASP D 383 20.89 -36.19 -29.60
C ASP D 383 21.75 -34.97 -29.92
N ILE D 384 23.07 -35.15 -29.88
CA ILE D 384 23.97 -34.10 -30.34
C ILE D 384 23.83 -33.87 -31.85
N GLU D 385 23.40 -34.88 -32.61
CA GLU D 385 23.12 -34.68 -34.03
C GLU D 385 22.02 -33.66 -34.29
N GLU D 386 21.00 -33.62 -33.44
CA GLU D 386 19.94 -32.65 -33.62
C GLU D 386 20.37 -31.23 -33.26
N TRP D 387 21.24 -31.06 -32.29
CA TRP D 387 21.71 -29.73 -31.94
C TRP D 387 22.76 -29.19 -32.92
N MET D 388 23.59 -30.05 -33.52
CA MET D 388 24.49 -29.60 -34.57
C MET D 388 23.76 -29.21 -35.85
N ALA D 389 22.60 -29.81 -36.11
CA ALA D 389 21.72 -29.29 -37.16
C ALA D 389 21.29 -27.86 -36.86
N GLY D 390 21.07 -27.54 -35.59
CA GLY D 390 20.80 -26.16 -35.21
C GLY D 390 21.93 -25.20 -35.53
N VAL D 391 23.17 -25.60 -35.31
CA VAL D 391 24.31 -24.75 -35.68
C VAL D 391 24.36 -24.50 -37.18
N ALA D 392 24.09 -25.51 -38.00
CA ALA D 392 24.03 -25.31 -39.44
C ALA D 392 22.92 -24.34 -39.87
N TRP D 393 21.74 -24.43 -39.26
CA TRP D 393 20.67 -23.48 -39.62
C TRP D 393 20.96 -22.07 -39.12
N LEU D 394 21.46 -21.93 -37.89
CA LEU D 394 21.80 -20.59 -37.40
C LEU D 394 22.90 -19.94 -38.24
N HIS D 395 23.87 -20.71 -38.70
CA HIS D 395 24.94 -20.13 -39.51
C HIS D 395 24.43 -19.53 -40.83
N CYS D 396 23.33 -20.03 -41.37
CA CYS D 396 22.80 -19.47 -42.61
C CYS D 396 21.92 -18.24 -42.42
N LEU D 397 21.64 -17.82 -41.19
CA LEU D 397 20.76 -16.68 -41.00
C LEU D 397 21.41 -15.37 -41.44
N LEU D 398 22.65 -15.14 -41.05
CA LEU D 398 23.41 -13.95 -41.44
C LEU D 398 24.76 -14.37 -41.99
N PRO D 399 25.38 -13.55 -42.83
CA PRO D 399 26.82 -13.72 -43.10
C PRO D 399 27.67 -13.72 -41.84
N LYS D 400 28.65 -14.62 -41.79
CA LYS D 400 29.69 -14.64 -40.75
C LYS D 400 29.11 -14.57 -39.33
N MET D 401 28.21 -15.51 -39.03
CA MET D 401 27.54 -15.53 -37.72
C MET D 401 28.51 -15.65 -36.55
N ASP D 402 29.53 -16.50 -36.65
CA ASP D 402 30.39 -16.71 -35.48
C ASP D 402 31.18 -15.44 -35.14
N SER D 403 31.59 -14.67 -36.13
CA SER D 403 32.18 -13.35 -35.85
C SER D 403 31.16 -12.40 -35.23
N VAL D 404 29.93 -12.39 -35.73
CA VAL D 404 28.90 -11.51 -35.16
C VAL D 404 28.64 -11.85 -33.70
N VAL D 405 28.52 -13.13 -33.36
CA VAL D 405 28.29 -13.52 -31.98
C VAL D 405 29.47 -13.15 -31.08
N TYR D 406 30.69 -13.38 -31.55
CA TYR D 406 31.88 -13.01 -30.78
C TYR D 406 32.05 -11.50 -30.65
N ASP D 407 31.76 -10.75 -31.70
CA ASP D 407 31.74 -9.29 -31.59
C ASP D 407 30.72 -8.80 -30.57
N PHE D 408 29.55 -9.43 -30.55
CA PHE D 408 28.54 -9.06 -29.56
C PHE D 408 29.00 -9.34 -28.13
N LEU D 409 29.52 -10.52 -27.87
CA LEU D 409 30.01 -10.85 -26.53
C LEU D 409 31.07 -9.87 -26.05
N LYS D 410 32.08 -9.61 -26.89
CA LYS D 410 33.13 -8.65 -26.51
C LYS D 410 32.55 -7.26 -26.27
N CYS D 411 31.58 -6.85 -27.08
CA CYS D 411 30.96 -5.54 -26.87
C CYS D 411 30.20 -5.45 -25.55
N MET D 412 29.50 -6.50 -25.15
CA MET D 412 28.80 -6.46 -23.86
C MET D 412 29.78 -6.51 -22.68
N VAL D 413 30.89 -7.21 -22.83
CA VAL D 413 31.92 -7.21 -21.78
C VAL D 413 32.55 -5.83 -21.62
N TYR D 414 33.00 -5.22 -22.71
CA TYR D 414 33.75 -3.96 -22.60
C TYR D 414 32.86 -2.76 -22.25
N ASN D 415 31.60 -2.75 -22.65
CA ASN D 415 30.61 -1.80 -22.14
C ASN D 415 31.09 -0.33 -22.25
N ILE D 416 31.64 0.02 -23.41
CA ILE D 416 32.22 1.35 -23.65
C ILE D 416 31.09 2.37 -23.84
N PRO D 417 31.06 3.48 -23.10
CA PRO D 417 29.98 4.47 -23.27
C PRO D 417 29.76 4.91 -24.72
N LYS D 418 28.47 5.08 -25.07
CA LYS D 418 27.99 5.34 -26.43
C LYS D 418 28.32 4.26 -27.46
N LYS D 419 28.94 3.16 -27.05
CA LYS D 419 29.16 2.02 -27.95
C LYS D 419 28.53 0.75 -27.37
N ARG D 420 27.26 0.82 -26.99
CA ARG D 420 26.64 -0.14 -26.11
C ARG D 420 25.49 -0.92 -26.74
N TYR D 421 24.81 -0.36 -27.75
CA TYR D 421 23.55 -0.91 -28.23
C TYR D 421 23.61 -1.25 -29.72
N TRP D 422 22.92 -2.34 -30.09
CA TRP D 422 22.81 -2.81 -31.46
C TRP D 422 21.34 -2.81 -31.89
N LEU D 423 21.12 -2.53 -33.17
CA LEU D 423 19.79 -2.41 -33.76
C LEU D 423 19.52 -3.56 -34.73
N PHE D 424 18.44 -4.31 -34.50
CA PHE D 424 18.00 -5.39 -35.39
C PHE D 424 16.76 -4.93 -36.15
N LYS D 425 16.86 -4.90 -37.47
CA LYS D 425 15.85 -4.29 -38.31
C LYS D 425 15.44 -5.25 -39.42
N GLY D 426 14.14 -5.38 -39.68
CA GLY D 426 13.68 -6.18 -40.79
C GLY D 426 12.20 -6.47 -40.83
N PRO D 427 11.72 -6.98 -41.97
CA PRO D 427 10.32 -7.45 -42.07
C PRO D 427 9.94 -8.45 -40.99
N ILE D 428 8.63 -8.59 -40.77
CA ILE D 428 8.10 -9.61 -39.88
C ILE D 428 8.34 -11.02 -40.45
N ASP D 429 8.76 -11.93 -39.57
CA ASP D 429 9.41 -13.20 -39.92
C ASP D 429 10.69 -12.99 -40.75
N SER D 430 11.73 -12.55 -40.02
CA SER D 430 13.08 -12.48 -40.55
C SER D 430 14.14 -13.01 -39.60
N GLY D 431 13.81 -13.26 -38.34
CA GLY D 431 14.74 -13.89 -37.40
C GLY D 431 15.11 -13.05 -36.20
N LYS D 432 14.43 -11.92 -35.99
CA LYS D 432 14.88 -10.95 -35.00
C LYS D 432 14.71 -11.50 -33.59
N THR D 433 13.49 -11.94 -33.25
CA THR D 433 13.22 -12.53 -31.96
C THR D 433 13.97 -13.85 -31.73
N THR D 434 14.19 -14.62 -32.80
CA THR D 434 14.96 -15.86 -32.66
C THR D 434 16.39 -15.60 -32.19
N LEU D 435 17.13 -14.73 -32.87
CA LEU D 435 18.51 -14.48 -32.48
C LEU D 435 18.60 -13.77 -31.14
N ALA D 436 17.71 -12.81 -30.88
CA ALA D 436 17.75 -12.07 -29.61
C ALA D 436 17.51 -13.00 -28.42
N ALA D 437 16.54 -13.90 -28.51
CA ALA D 437 16.27 -14.83 -27.41
C ALA D 437 17.48 -15.73 -27.12
N ALA D 438 18.21 -16.14 -28.15
CA ALA D 438 19.40 -16.95 -27.93
C ALA D 438 20.52 -16.17 -27.24
N LEU D 439 20.71 -14.92 -27.61
CA LEU D 439 21.71 -14.09 -26.94
C LEU D 439 21.33 -13.82 -25.48
N LEU D 440 20.06 -13.60 -25.19
CA LEU D 440 19.63 -13.47 -23.79
C LEU D 440 19.93 -14.71 -22.96
N GLU D 441 19.79 -15.92 -23.52
CA GLU D 441 20.14 -17.10 -22.75
C GLU D 441 21.64 -17.29 -22.63
N LEU D 442 22.38 -16.95 -23.69
CA LEU D 442 23.83 -17.13 -23.68
C LEU D 442 24.50 -16.27 -22.61
N CYS D 443 24.05 -15.03 -22.46
CA CYS D 443 24.50 -14.17 -21.35
C CYS D 443 23.27 -13.54 -20.69
N GLY D 444 22.99 -13.99 -19.47
CA GLY D 444 21.67 -13.83 -18.90
C GLY D 444 21.17 -12.39 -18.88
N GLY D 445 19.91 -12.20 -19.24
CA GLY D 445 19.32 -10.88 -19.33
C GLY D 445 17.80 -10.93 -19.35
N LYS D 446 17.18 -9.80 -19.66
CA LYS D 446 15.72 -9.67 -19.64
C LYS D 446 15.22 -8.86 -20.83
N ALA D 447 13.94 -9.06 -21.17
CA ALA D 447 13.25 -8.35 -22.24
C ALA D 447 12.34 -7.24 -21.71
N LEU D 448 12.30 -6.09 -22.41
CA LEU D 448 11.51 -4.92 -22.01
C LEU D 448 10.57 -4.47 -23.12
N ASN D 449 9.41 -3.95 -22.72
CA ASN D 449 8.35 -3.47 -23.63
C ASN D 449 8.09 -1.97 -23.45
N VAL D 450 8.82 -1.12 -24.17
CA VAL D 450 8.68 0.34 -24.05
C VAL D 450 7.55 0.97 -24.87
N ASN D 451 6.62 0.17 -25.39
CA ASN D 451 5.50 0.73 -26.13
C ASN D 451 4.41 1.35 -25.25
N LEU D 452 4.55 1.31 -23.93
CA LEU D 452 3.59 1.87 -23.00
C LEU D 452 3.64 3.41 -22.98
N PRO D 453 2.65 4.07 -22.38
CA PRO D 453 2.77 5.51 -22.11
C PRO D 453 3.87 5.83 -21.09
N LEU D 454 4.30 7.09 -21.09
CA LEU D 454 5.30 7.55 -20.12
C LEU D 454 4.85 7.37 -18.67
N ASP D 455 3.55 7.22 -18.44
CA ASP D 455 3.04 6.90 -17.12
C ASP D 455 3.61 5.59 -16.59
N ARG D 456 3.36 4.48 -17.30
CA ARG D 456 3.65 3.15 -16.81
C ARG D 456 5.11 2.71 -16.95
N LEU D 457 5.90 3.40 -17.76
CA LEU D 457 7.31 3.01 -17.96
C LEU D 457 8.09 2.90 -16.66
N ASN D 458 7.67 3.63 -15.64
CA ASN D 458 8.41 3.73 -14.38
C ASN D 458 8.84 2.36 -13.82
N PHE D 459 7.90 1.40 -13.75
CA PHE D 459 8.22 0.05 -13.30
C PHE D 459 8.73 -0.88 -14.39
N GLU D 460 8.49 -0.54 -15.65
CA GLU D 460 9.00 -1.34 -16.75
C GLU D 460 10.52 -1.30 -16.82
N LEU D 461 11.10 -0.10 -16.70
CA LEU D 461 12.55 0.04 -16.67
C LEU D 461 13.18 -0.60 -15.44
N GLY D 462 12.43 -0.76 -14.35
CA GLY D 462 12.92 -1.43 -13.15
C GLY D 462 13.26 -2.91 -13.31
N VAL D 463 12.90 -3.54 -14.41
CA VAL D 463 13.27 -4.94 -14.63
C VAL D 463 14.78 -5.11 -14.80
N ALA D 464 15.47 -4.10 -15.30
CA ALA D 464 16.91 -4.11 -15.56
C ALA D 464 17.78 -4.09 -14.31
N ILE D 465 17.24 -4.07 -13.10
CA ILE D 465 18.07 -3.96 -11.90
C ILE D 465 19.03 -5.15 -11.77
N ASP D 466 20.32 -4.85 -11.79
CA ASP D 466 21.43 -5.80 -11.70
C ASP D 466 21.50 -6.83 -12.83
N GLN D 467 20.84 -6.60 -13.96
CA GLN D 467 20.98 -7.49 -15.10
C GLN D 467 22.28 -7.21 -15.88
N PHE D 468 22.79 -8.24 -16.54
CA PHE D 468 23.95 -8.11 -17.41
C PHE D 468 23.56 -7.48 -18.75
N LEU D 469 22.39 -7.81 -19.28
CA LEU D 469 21.99 -7.48 -20.64
C LEU D 469 20.48 -7.23 -20.68
N VAL D 470 20.01 -6.34 -21.56
CA VAL D 470 18.57 -6.19 -21.81
C VAL D 470 18.27 -6.11 -23.31
N VAL D 471 17.06 -6.54 -23.68
CA VAL D 471 16.53 -6.40 -25.04
C VAL D 471 15.24 -5.59 -25.00
N PHE D 472 15.18 -4.52 -25.79
CA PHE D 472 13.94 -3.81 -26.07
C PHE D 472 13.23 -4.47 -27.25
N GLU D 473 12.12 -5.16 -26.99
CA GLU D 473 11.47 -5.97 -28.01
C GLU D 473 10.41 -5.21 -28.78
N ASP D 474 10.52 -5.27 -30.10
CA ASP D 474 9.48 -4.84 -31.02
C ASP D 474 8.97 -3.43 -30.71
N VAL D 475 9.88 -2.47 -30.74
CA VAL D 475 9.48 -1.08 -30.53
C VAL D 475 8.75 -0.58 -31.77
N LYS D 476 7.61 0.05 -31.57
CA LYS D 476 6.75 0.55 -32.63
C LYS D 476 6.91 2.05 -32.77
N GLY D 477 7.12 2.51 -34.00
CA GLY D 477 7.12 3.92 -34.32
C GLY D 477 5.72 4.43 -34.58
N THR D 478 5.66 5.54 -35.31
CA THR D 478 4.42 5.97 -35.93
C THR D 478 4.72 6.65 -37.25
N GLY D 479 3.72 6.68 -38.12
CA GLY D 479 3.91 7.08 -39.49
C GLY D 479 4.49 5.97 -40.34
N GLY D 480 4.82 6.32 -41.59
CA GLY D 480 5.15 5.32 -42.57
C GLY D 480 3.98 4.44 -42.93
N GLU D 481 2.76 4.95 -42.76
CA GLU D 481 1.57 4.11 -42.81
C GLU D 481 1.41 3.40 -44.15
N SER D 482 1.95 3.96 -45.22
CA SER D 482 1.95 3.26 -46.50
C SER D 482 2.65 1.91 -46.43
N ARG D 483 3.52 1.72 -45.45
CA ARG D 483 4.16 0.42 -45.24
C ARG D 483 3.24 -0.60 -44.57
N ASP D 484 2.05 -0.19 -44.12
CA ASP D 484 1.11 -1.03 -43.38
C ASP D 484 1.71 -1.55 -42.05
N LEU D 485 1.85 -0.62 -41.11
CA LEU D 485 2.45 -0.88 -39.80
C LEU D 485 1.58 -0.30 -38.69
N PRO D 486 1.41 -0.99 -37.56
CA PRO D 486 0.73 -0.38 -36.41
C PRO D 486 1.48 0.83 -35.89
N SER D 487 0.76 1.85 -35.44
CA SER D 487 1.37 2.96 -34.76
C SER D 487 1.49 2.73 -33.25
N GLY D 488 2.55 3.26 -32.68
CA GLY D 488 2.77 3.26 -31.25
C GLY D 488 3.68 4.41 -30.87
N GLN D 489 4.24 4.40 -29.67
CA GLN D 489 5.08 5.51 -29.21
C GLN D 489 6.47 5.09 -28.75
N GLY D 490 6.88 3.84 -29.01
CA GLY D 490 8.15 3.37 -28.49
C GLY D 490 9.36 4.16 -28.96
N ILE D 491 9.37 4.56 -30.23
CA ILE D 491 10.51 5.34 -30.73
C ILE D 491 10.57 6.72 -30.09
N ASN D 492 9.42 7.38 -29.90
CA ASN D 492 9.40 8.61 -29.12
C ASN D 492 9.94 8.40 -27.70
N ASN D 493 9.53 7.32 -27.05
CA ASN D 493 10.04 7.03 -25.71
C ASN D 493 11.55 6.81 -25.69
N LEU D 494 12.08 6.01 -26.61
CA LEU D 494 13.53 5.84 -26.70
C LEU D 494 14.25 7.17 -26.92
N ASP D 495 13.68 8.04 -27.74
CA ASP D 495 14.27 9.34 -27.96
C ASP D 495 14.29 10.21 -26.71
N ASN D 496 13.32 10.06 -25.80
CA ASN D 496 13.40 10.71 -24.49
C ASN D 496 14.25 9.94 -23.47
N LEU D 497 14.40 8.62 -23.59
CA LEU D 497 15.26 7.83 -22.72
C LEU D 497 16.76 7.83 -23.12
N ARG D 498 17.21 8.82 -23.90
CA ARG D 498 18.58 8.88 -24.41
C ARG D 498 19.65 8.63 -23.34
N ASP D 499 19.44 9.15 -22.13
CA ASP D 499 20.43 9.03 -21.07
C ASP D 499 20.69 7.59 -20.66
N TYR D 500 19.66 6.75 -20.67
CA TYR D 500 19.81 5.34 -20.34
C TYR D 500 20.61 4.58 -21.40
N LEU D 501 20.43 4.94 -22.67
CA LEU D 501 21.21 4.33 -23.75
C LEU D 501 22.67 4.78 -23.75
N ASP D 502 22.94 6.05 -23.44
CA ASP D 502 24.32 6.55 -23.49
C ASP D 502 25.19 6.00 -22.36
N GLY D 503 24.68 5.98 -21.13
CA GLY D 503 25.29 5.21 -20.06
C GLY D 503 26.52 5.80 -19.41
N SER D 504 26.72 7.11 -19.48
CA SER D 504 27.79 7.75 -18.74
C SER D 504 27.47 7.93 -17.26
N VAL D 505 26.18 8.02 -16.92
CA VAL D 505 25.73 8.44 -15.60
C VAL D 505 24.81 7.39 -14.98
N LYS D 506 24.81 7.35 -13.66
CA LYS D 506 24.03 6.39 -12.88
C LYS D 506 22.58 6.86 -12.74
N VAL D 507 21.63 5.97 -13.02
CA VAL D 507 20.21 6.31 -13.06
C VAL D 507 19.45 5.55 -11.97
N ASN D 508 18.38 6.18 -11.49
CA ASN D 508 17.51 5.58 -10.46
C ASN D 508 16.49 4.61 -11.07
N LEU D 509 16.44 3.39 -10.53
CA LEU D 509 15.57 2.32 -11.02
C LEU D 509 14.66 1.79 -9.90
N GLU D 510 13.40 1.48 -10.24
CA GLU D 510 12.36 1.24 -9.25
C GLU D 510 11.63 -0.08 -9.49
N LYS D 511 11.60 -0.94 -8.46
CA LYS D 511 10.70 -2.09 -8.40
C LYS D 511 9.52 -1.79 -7.48
N LYS D 512 8.39 -2.45 -7.73
CA LYS D 512 7.23 -2.30 -6.86
C LYS D 512 7.58 -2.59 -5.40
N HIS D 513 7.17 -1.70 -4.51
CA HIS D 513 7.37 -1.74 -3.05
C HIS D 513 8.82 -1.65 -2.56
N LEU D 514 9.81 -1.44 -3.42
CA LEU D 514 11.20 -1.35 -2.96
C LEU D 514 11.78 0.03 -3.26
N ASN D 515 12.77 0.41 -2.44
CA ASN D 515 13.46 1.69 -2.59
C ASN D 515 14.25 1.77 -3.89
N LYS D 516 14.41 2.99 -4.41
CA LYS D 516 15.15 3.20 -5.64
C LYS D 516 16.62 2.84 -5.51
N ARG D 517 17.17 2.24 -6.57
CA ARG D 517 18.58 1.87 -6.68
C ARG D 517 19.25 2.63 -7.82
N THR D 518 20.51 3.02 -7.60
CA THR D 518 21.25 3.84 -8.56
C THR D 518 22.27 2.96 -9.30
N GLN D 519 22.15 2.88 -10.63
CA GLN D 519 22.96 1.97 -11.44
C GLN D 519 23.30 2.58 -12.79
N ILE D 520 24.41 2.12 -13.37
CA ILE D 520 24.65 2.27 -14.80
C ILE D 520 23.77 1.27 -15.54
N PHE D 521 22.83 1.76 -16.34
CA PHE D 521 21.87 0.90 -17.01
C PHE D 521 22.58 -0.05 -18.00
N PRO D 522 22.24 -1.34 -18.02
CA PRO D 522 22.99 -2.32 -18.85
C PRO D 522 22.86 -2.12 -20.35
N PRO D 523 23.82 -2.66 -21.12
CA PRO D 523 23.75 -2.61 -22.60
C PRO D 523 22.72 -3.58 -23.17
N GLY D 524 22.44 -3.49 -24.47
CA GLY D 524 21.33 -4.27 -25.00
C GLY D 524 21.13 -4.21 -26.50
N ILE D 525 19.96 -4.72 -26.91
CA ILE D 525 19.52 -4.84 -28.31
C ILE D 525 18.15 -4.21 -28.49
N VAL D 526 17.95 -3.46 -29.57
CA VAL D 526 16.64 -2.97 -29.99
C VAL D 526 16.20 -3.68 -31.26
N THR D 527 15.00 -4.27 -31.25
CA THR D 527 14.40 -4.92 -32.41
C THR D 527 13.22 -4.09 -32.93
N MET D 528 13.17 -3.86 -34.25
CA MET D 528 12.05 -3.12 -34.83
C MET D 528 11.77 -3.52 -36.28
N ASN D 529 10.53 -3.32 -36.70
CA ASN D 529 10.15 -3.32 -38.10
C ASN D 529 10.76 -2.09 -38.79
N GLU D 530 10.55 -1.98 -40.10
CA GLU D 530 11.08 -0.84 -40.85
C GLU D 530 10.35 0.48 -40.60
N TYR D 531 10.27 0.90 -39.35
CA TYR D 531 9.91 2.28 -38.99
C TYR D 531 11.08 3.23 -39.18
N SER D 532 10.77 4.51 -39.41
CA SER D 532 11.78 5.54 -39.64
C SER D 532 12.43 5.97 -38.32
N VAL D 533 13.76 5.88 -38.24
CA VAL D 533 14.48 6.39 -37.07
C VAL D 533 14.65 7.90 -37.13
N PRO D 534 14.45 8.62 -36.02
CA PRO D 534 15.01 9.97 -35.90
C PRO D 534 16.52 9.94 -36.00
N LYS D 535 17.08 10.97 -36.65
CA LYS D 535 18.53 11.04 -36.78
C LYS D 535 19.23 11.06 -35.43
N THR D 536 18.58 11.59 -34.40
CA THR D 536 19.14 11.55 -33.05
C THR D 536 19.38 10.12 -32.58
N LEU D 537 18.37 9.26 -32.73
CA LEU D 537 18.44 7.93 -32.14
C LEU D 537 19.41 7.04 -32.90
N GLN D 538 19.47 7.18 -34.22
CA GLN D 538 20.35 6.35 -35.02
C GLN D 538 21.79 6.45 -34.54
N ALA D 539 22.21 7.62 -34.07
CA ALA D 539 23.57 7.83 -33.61
C ALA D 539 23.95 7.13 -32.30
N ARG D 540 22.99 6.63 -31.50
CA ARG D 540 23.41 5.93 -30.28
C ARG D 540 23.88 4.49 -30.53
N PHE D 541 23.51 3.90 -31.66
CA PHE D 541 23.83 2.50 -31.96
C PHE D 541 25.21 2.35 -32.58
N VAL D 542 25.85 1.21 -32.31
CA VAL D 542 27.10 0.86 -32.98
C VAL D 542 26.82 0.29 -34.37
N LYS D 543 26.06 -0.79 -34.43
CA LYS D 543 25.76 -1.49 -35.67
C LYS D 543 24.26 -1.62 -35.81
N GLN D 544 23.78 -1.62 -37.04
CA GLN D 544 22.50 -2.21 -37.35
C GLN D 544 22.71 -3.43 -38.23
N ILE D 545 22.01 -4.50 -37.89
CA ILE D 545 21.99 -5.73 -38.67
C ILE D 545 20.65 -5.77 -39.39
N ASP D 546 20.70 -5.79 -40.71
CA ASP D 546 19.51 -6.01 -41.51
C ASP D 546 19.21 -7.50 -41.62
N PHE D 547 18.03 -7.88 -41.16
CA PHE D 547 17.49 -9.21 -41.39
C PHE D 547 16.51 -9.14 -42.56
N ARG D 548 16.60 -10.11 -43.47
CA ARG D 548 15.66 -10.26 -44.57
C ARG D 548 15.09 -11.68 -44.60
N PRO D 549 13.84 -11.84 -45.05
CA PRO D 549 13.27 -13.18 -45.21
C PRO D 549 13.91 -13.95 -46.35
N LYS D 550 14.12 -15.25 -46.14
CA LYS D 550 14.73 -16.13 -47.13
C LYS D 550 13.90 -17.39 -47.34
N ASP D 551 13.59 -17.70 -48.60
CA ASP D 551 12.69 -18.79 -48.92
C ASP D 551 13.27 -20.17 -48.61
N TYR D 552 14.57 -20.38 -48.85
CA TYR D 552 15.15 -21.71 -48.58
C TYR D 552 15.13 -22.08 -47.10
N LEU D 553 15.32 -21.11 -46.21
CA LEU D 553 15.23 -21.41 -44.78
C LEU D 553 13.81 -21.80 -44.36
N LYS D 554 12.80 -21.19 -44.97
CA LYS D 554 11.41 -21.55 -44.66
C LYS D 554 11.07 -22.96 -45.14
N HIS D 555 11.48 -23.31 -46.36
CA HIS D 555 11.28 -24.69 -46.82
C HIS D 555 12.04 -25.69 -45.97
N CYS D 556 13.22 -25.32 -45.47
CA CYS D 556 13.96 -26.21 -44.59
C CYS D 556 13.22 -26.50 -43.29
N LEU D 557 12.68 -25.48 -42.63
CA LEU D 557 11.96 -25.71 -41.38
C LEU D 557 10.73 -26.59 -41.58
N GLU D 558 10.05 -26.51 -42.72
CA GLU D 558 8.93 -27.41 -42.97
C GLU D 558 9.35 -28.88 -43.05
N ARG D 559 10.60 -29.15 -43.37
CA ARG D 559 11.09 -30.51 -43.53
C ARG D 559 12.08 -30.90 -42.44
N SER D 560 12.15 -30.14 -41.37
CA SER D 560 12.98 -30.44 -40.19
C SER D 560 12.31 -29.81 -38.97
N GLU D 561 11.07 -30.23 -38.74
CA GLU D 561 10.25 -29.68 -37.66
C GLU D 561 10.90 -29.78 -36.29
N PHE D 562 11.64 -30.85 -36.03
CA PHE D 562 12.21 -31.06 -34.69
C PHE D 562 13.06 -29.89 -34.18
N LEU D 563 13.55 -29.02 -35.07
CA LEU D 563 14.25 -27.81 -34.64
C LEU D 563 13.33 -26.85 -33.89
N LEU D 564 12.12 -26.64 -34.41
CA LEU D 564 11.15 -25.77 -33.77
C LEU D 564 10.53 -26.42 -32.54
N GLU D 565 10.16 -27.69 -32.68
CA GLU D 565 9.37 -28.36 -31.67
C GLU D 565 10.17 -28.67 -30.40
N LYS D 566 11.48 -28.85 -30.49
CA LYS D 566 12.33 -28.89 -29.31
C LYS D 566 12.87 -27.52 -28.90
N ARG D 567 12.52 -26.44 -29.62
CA ARG D 567 13.06 -25.09 -29.37
C ARG D 567 14.58 -25.00 -29.45
N ILE D 568 15.17 -25.72 -30.41
CA ILE D 568 16.63 -25.75 -30.55
C ILE D 568 17.18 -24.40 -31.01
N ILE D 569 16.59 -23.82 -32.07
CA ILE D 569 17.19 -22.61 -32.65
C ILE D 569 17.06 -21.37 -31.76
N GLN D 570 16.14 -21.32 -30.82
CA GLN D 570 16.10 -20.22 -29.87
C GLN D 570 17.14 -20.31 -28.75
N SER D 571 17.80 -21.44 -28.57
CA SER D 571 18.44 -21.74 -27.30
C SER D 571 19.94 -21.43 -27.32
N GLY D 572 20.42 -20.85 -26.22
CA GLY D 572 21.81 -20.44 -26.07
C GLY D 572 22.82 -21.57 -26.09
N ILE D 573 22.37 -22.79 -25.80
CA ILE D 573 23.23 -23.96 -26.00
C ILE D 573 23.61 -24.14 -27.46
N ALA D 574 22.72 -23.79 -28.39
CA ALA D 574 23.08 -23.82 -29.79
C ALA D 574 24.14 -22.79 -30.16
N LEU D 575 24.01 -21.55 -29.67
CA LEU D 575 25.05 -20.55 -29.94
C LEU D 575 26.38 -20.92 -29.31
N LEU D 576 26.36 -21.50 -28.11
CA LEU D 576 27.62 -21.94 -27.50
C LEU D 576 28.27 -23.06 -28.29
N LEU D 577 27.49 -24.03 -28.76
CA LEU D 577 28.03 -25.06 -29.65
C LEU D 577 28.57 -24.48 -30.96
N MET D 578 27.95 -23.41 -31.47
CA MET D 578 28.53 -22.70 -32.60
C MET D 578 29.89 -22.11 -32.26
N LEU D 579 29.99 -21.42 -31.12
CA LEU D 579 31.28 -20.87 -30.72
C LEU D 579 32.33 -21.95 -30.50
N ILE D 580 31.95 -23.06 -29.86
CA ILE D 580 32.89 -24.15 -29.62
C ILE D 580 33.43 -24.71 -30.94
N TRP D 581 32.58 -24.85 -31.95
CA TRP D 581 33.04 -25.41 -33.21
C TRP D 581 33.98 -24.46 -33.95
N TYR D 582 33.61 -23.18 -34.06
CA TYR D 582 34.36 -22.25 -34.91
C TYR D 582 35.54 -21.53 -34.25
N ARG D 583 35.42 -21.02 -33.02
CA ARG D 583 36.43 -20.13 -32.49
C ARG D 583 37.65 -20.86 -31.92
N PRO D 584 38.85 -20.28 -32.04
CA PRO D 584 40.05 -20.88 -31.45
C PRO D 584 40.05 -20.82 -29.93
N VAL D 585 40.76 -21.78 -29.32
CA VAL D 585 40.77 -21.94 -27.86
C VAL D 585 41.22 -20.68 -27.14
N ALA D 586 42.16 -19.93 -27.73
CA ALA D 586 42.79 -18.81 -27.04
C ALA D 586 41.89 -17.60 -26.83
N GLU D 587 40.75 -17.48 -27.52
CA GLU D 587 39.84 -16.38 -27.21
C GLU D 587 39.14 -16.54 -25.87
N PHE D 588 38.96 -17.76 -25.39
CA PHE D 588 38.25 -17.98 -24.13
C PHE D 588 39.13 -17.70 -22.92
N ALA D 589 38.48 -17.36 -21.80
CA ALA D 589 39.18 -17.03 -20.57
C ALA D 589 39.97 -18.20 -20.02
N GLN D 590 41.06 -17.87 -19.30
CA GLN D 590 42.07 -18.85 -18.91
C GLN D 590 41.52 -20.06 -18.14
N SER D 591 40.55 -19.85 -17.25
CA SER D 591 40.06 -20.98 -16.46
C SER D 591 39.14 -21.92 -17.23
N ILE D 592 38.36 -21.42 -18.19
CA ILE D 592 37.42 -22.30 -18.91
C ILE D 592 38.06 -23.07 -20.06
N GLN D 593 39.24 -22.63 -20.52
CA GLN D 593 39.89 -23.27 -21.67
C GLN D 593 40.01 -24.79 -21.56
N SER D 594 40.25 -25.34 -20.36
CA SER D 594 40.34 -26.79 -20.24
C SER D 594 39.04 -27.50 -20.61
N ARG D 595 37.91 -27.05 -20.06
CA ARG D 595 36.64 -27.67 -20.42
C ARG D 595 36.36 -27.57 -21.92
N ILE D 596 36.79 -26.49 -22.54
CA ILE D 596 36.51 -26.29 -23.96
C ILE D 596 37.32 -27.25 -24.82
N VAL D 597 38.60 -27.47 -24.53
CA VAL D 597 39.35 -28.42 -25.36
C VAL D 597 38.83 -29.84 -25.18
N GLU D 598 38.38 -30.19 -23.97
CA GLU D 598 37.65 -31.45 -23.79
C GLU D 598 36.41 -31.52 -24.66
N TRP D 599 35.59 -30.46 -24.68
CA TRP D 599 34.39 -30.46 -25.51
C TRP D 599 34.68 -30.41 -27.01
N LYS D 600 35.75 -29.74 -27.44
CA LYS D 600 36.12 -29.82 -28.86
C LYS D 600 36.44 -31.25 -29.27
N GLU D 601 37.29 -31.94 -28.52
CA GLU D 601 37.67 -33.31 -28.89
C GLU D 601 36.46 -34.23 -28.89
N ARG D 602 35.58 -34.09 -27.91
CA ARG D 602 34.30 -34.77 -27.88
C ARG D 602 33.53 -34.58 -29.19
N LEU D 603 33.44 -33.36 -29.69
CA LEU D 603 32.65 -33.09 -30.88
C LEU D 603 33.34 -33.54 -32.17
N ASP D 604 34.64 -33.25 -32.32
CA ASP D 604 35.37 -33.65 -33.52
C ASP D 604 35.37 -35.15 -33.73
N LYS D 605 35.31 -35.93 -32.65
CA LYS D 605 35.26 -37.38 -32.76
C LYS D 605 33.96 -37.88 -33.37
N GLU D 606 32.87 -37.14 -33.20
CA GLU D 606 31.55 -37.60 -33.60
C GLU D 606 31.05 -36.96 -34.90
N PHE D 607 31.41 -35.72 -35.18
CA PHE D 607 31.13 -35.08 -36.46
C PHE D 607 32.40 -34.89 -37.28
N SER D 608 32.50 -35.65 -38.37
CA SER D 608 33.46 -35.33 -39.42
C SER D 608 33.08 -34.02 -40.10
N LEU D 609 34.09 -33.27 -40.51
CA LEU D 609 33.83 -32.02 -41.24
C LEU D 609 33.01 -32.25 -42.52
N SER D 610 33.18 -33.39 -43.19
CA SER D 610 32.37 -33.70 -44.36
C SER D 610 30.88 -33.80 -44.04
N VAL D 611 30.54 -34.37 -42.89
CA VAL D 611 29.13 -34.47 -42.49
C VAL D 611 28.56 -33.10 -42.16
N TYR D 612 29.32 -32.25 -41.49
CA TYR D 612 28.83 -30.91 -41.17
C TYR D 612 28.67 -30.03 -42.41
N GLN D 613 29.56 -30.14 -43.38
CA GLN D 613 29.34 -29.44 -44.66
C GLN D 613 28.16 -29.99 -45.43
N LYS D 614 27.90 -31.29 -45.34
CA LYS D 614 26.67 -31.84 -45.91
C LYS D 614 25.41 -31.33 -45.20
N MET D 615 25.44 -31.19 -43.87
CA MET D 615 24.31 -30.53 -43.20
C MET D 615 24.10 -29.11 -43.72
N LYS D 616 25.15 -28.31 -43.83
CA LYS D 616 24.98 -26.94 -44.32
C LYS D 616 24.54 -26.90 -45.78
N PHE D 617 25.04 -27.82 -46.60
CA PHE D 617 24.60 -27.88 -47.99
C PHE D 617 23.12 -28.25 -48.12
N ASN D 618 22.61 -29.13 -47.26
CA ASN D 618 21.17 -29.36 -47.22
C ASN D 618 20.36 -28.10 -46.89
N VAL D 619 20.79 -27.31 -45.91
CA VAL D 619 20.07 -26.08 -45.58
C VAL D 619 20.09 -25.08 -46.73
N ALA D 620 21.20 -24.94 -47.42
CA ALA D 620 21.24 -24.02 -48.56
C ALA D 620 20.33 -24.45 -49.70
N MET D 621 20.12 -25.74 -49.89
CA MET D 621 19.18 -26.25 -50.90
C MET D 621 17.73 -26.25 -50.44
N GLY D 622 17.44 -25.89 -49.19
CA GLY D 622 16.08 -25.94 -48.69
C GLY D 622 15.52 -27.33 -48.51
N ILE D 623 16.37 -28.33 -48.54
CA ILE D 623 16.02 -29.70 -48.23
C ILE D 623 16.16 -29.91 -46.72
N GLY D 624 15.53 -30.98 -46.20
CA GLY D 624 15.66 -31.28 -44.78
C GLY D 624 17.09 -31.53 -44.37
N VAL D 625 17.44 -31.13 -43.15
CA VAL D 625 18.85 -31.08 -42.75
C VAL D 625 19.47 -32.46 -42.74
N LEU D 626 18.79 -33.46 -42.18
CA LEU D 626 19.42 -34.74 -41.87
C LEU D 626 19.24 -35.80 -42.95
N ASP D 627 19.12 -35.41 -44.22
CA ASP D 627 19.07 -36.39 -45.30
C ASP D 627 20.44 -37.05 -45.50
N LYS E 266 2.49 -36.01 28.10
CA LYS E 266 2.95 -36.16 26.73
C LYS E 266 2.72 -34.88 25.95
N GLN E 267 3.19 -34.82 24.70
CA GLN E 267 3.13 -33.59 23.94
C GLN E 267 2.87 -33.84 22.46
N VAL E 268 2.42 -32.77 21.78
CA VAL E 268 1.85 -32.85 20.44
C VAL E 268 2.88 -33.36 19.44
N SER E 269 2.43 -34.23 18.53
CA SER E 269 3.19 -34.56 17.32
C SER E 269 2.86 -33.58 16.21
N TRP E 270 3.85 -32.79 15.79
CA TRP E 270 3.67 -31.88 14.67
C TRP E 270 3.64 -32.64 13.35
N LYS E 271 4.29 -33.80 13.29
CA LYS E 271 4.34 -34.62 12.07
C LYS E 271 2.97 -35.17 11.68
N LEU E 272 2.19 -35.64 12.64
CA LEU E 272 0.84 -36.13 12.35
C LEU E 272 -0.09 -35.03 11.86
N VAL E 273 0.04 -33.81 12.37
CA VAL E 273 -0.74 -32.70 11.81
C VAL E 273 -0.31 -32.44 10.37
N THR E 274 0.98 -32.52 10.10
CA THR E 274 1.49 -32.31 8.74
C THR E 274 1.04 -33.42 7.81
N GLU E 275 0.98 -34.67 8.28
CA GLU E 275 0.40 -35.75 7.49
C GLU E 275 -1.05 -35.49 7.10
N TYR E 276 -1.90 -35.09 8.06
CA TYR E 276 -3.30 -34.82 7.72
C TYR E 276 -3.44 -33.73 6.66
N ALA E 277 -2.67 -32.66 6.78
CA ALA E 277 -2.73 -31.59 5.80
C ALA E 277 -2.26 -32.05 4.43
N MET E 278 -1.21 -32.87 4.40
CA MET E 278 -0.72 -33.44 3.16
C MET E 278 -1.70 -34.46 2.58
N GLU E 279 -2.31 -35.28 3.43
CA GLU E 279 -3.33 -36.21 2.97
C GLU E 279 -4.56 -35.50 2.42
N THR E 280 -4.92 -34.37 3.00
CA THR E 280 -6.12 -33.63 2.61
C THR E 280 -5.88 -32.56 1.55
N LYS E 281 -4.63 -32.14 1.35
CA LYS E 281 -4.27 -31.03 0.45
C LYS E 281 -4.89 -29.69 0.88
N CYS E 282 -4.67 -29.31 2.14
CA CYS E 282 -5.33 -28.17 2.77
C CYS E 282 -4.45 -26.92 2.70
N ASP E 283 -4.88 -25.89 1.96
CA ASP E 283 -4.10 -24.67 1.79
C ASP E 283 -4.37 -23.60 2.84
N ASP E 284 -5.32 -23.79 3.75
CA ASP E 284 -5.85 -22.69 4.56
C ASP E 284 -5.72 -22.97 6.05
N VAL E 285 -5.12 -22.02 6.78
CA VAL E 285 -4.74 -22.27 8.17
C VAL E 285 -5.96 -22.36 9.08
N LEU E 286 -6.96 -21.52 8.88
CA LEU E 286 -8.14 -21.58 9.74
C LEU E 286 -9.03 -22.76 9.40
N LEU E 287 -9.08 -23.17 8.13
CA LEU E 287 -9.79 -24.39 7.77
C LEU E 287 -9.14 -25.61 8.40
N LEU E 288 -7.81 -25.71 8.33
CA LEU E 288 -7.11 -26.82 8.98
C LEU E 288 -7.33 -26.81 10.49
N LEU E 289 -7.17 -25.65 11.13
CA LEU E 289 -7.42 -25.53 12.56
C LEU E 289 -8.82 -26.00 12.94
N GLY E 290 -9.83 -25.52 12.22
CA GLY E 290 -11.20 -25.94 12.51
C GLY E 290 -11.41 -27.42 12.35
N MET E 291 -10.96 -27.99 11.24
CA MET E 291 -11.22 -29.40 10.98
C MET E 291 -10.47 -30.32 11.94
N TYR E 292 -9.23 -29.98 12.29
CA TYR E 292 -8.49 -30.85 13.20
C TYR E 292 -9.10 -30.86 14.61
N LEU E 293 -9.64 -29.73 15.06
CA LEU E 293 -10.30 -29.69 16.37
C LEU E 293 -11.59 -30.49 16.44
N GLU E 294 -12.21 -30.86 15.32
CA GLU E 294 -13.36 -31.76 15.38
C GLU E 294 -12.98 -33.18 15.76
N PHE E 295 -11.71 -33.56 15.66
CA PHE E 295 -11.29 -34.91 16.03
C PHE E 295 -11.13 -35.13 17.53
N GLN E 296 -11.25 -34.09 18.36
CA GLN E 296 -10.98 -34.24 19.79
C GLN E 296 -12.07 -35.02 20.53
N TYR E 297 -13.31 -34.96 20.06
CA TYR E 297 -14.38 -35.74 20.67
C TYR E 297 -14.23 -37.23 20.37
N SER E 298 -14.89 -38.06 21.17
CA SER E 298 -14.79 -39.51 21.04
C SER E 298 -15.29 -40.00 19.68
N PHE E 299 -14.52 -40.91 19.08
CA PHE E 299 -14.89 -41.51 17.80
C PHE E 299 -16.04 -42.51 17.92
N GLU E 300 -16.10 -43.24 19.03
CA GLU E 300 -17.07 -44.30 19.21
C GLU E 300 -18.53 -43.83 19.03
N MET E 301 -18.83 -42.57 19.29
CA MET E 301 -20.18 -42.05 19.16
C MET E 301 -20.37 -41.03 18.05
N CYS E 302 -19.31 -40.64 17.34
CA CYS E 302 -19.32 -39.43 16.54
C CYS E 302 -20.41 -39.44 15.47
N LEU E 303 -21.28 -38.43 15.51
CA LEU E 303 -22.40 -38.32 14.56
C LEU E 303 -21.95 -38.29 13.11
N LYS E 304 -21.01 -37.42 12.76
CA LYS E 304 -20.62 -37.29 11.37
C LYS E 304 -19.99 -38.55 10.82
N CYS E 305 -19.43 -39.40 11.70
CA CYS E 305 -18.89 -40.68 11.27
C CYS E 305 -19.95 -41.76 11.06
N ILE E 306 -21.07 -41.75 11.79
CA ILE E 306 -22.17 -42.66 11.41
C ILE E 306 -22.99 -42.11 10.24
N LYS E 307 -23.07 -40.79 10.07
CA LYS E 307 -23.81 -40.24 8.95
C LYS E 307 -23.01 -40.19 7.65
N LYS E 308 -21.67 -40.31 7.72
CA LYS E 308 -20.81 -40.42 6.54
C LYS E 308 -20.95 -39.26 5.55
N GLU E 309 -21.12 -38.05 6.07
CA GLU E 309 -21.33 -36.91 5.18
C GLU E 309 -20.05 -36.51 4.44
N GLN E 310 -18.95 -36.32 5.16
CA GLN E 310 -17.71 -35.77 4.56
C GLN E 310 -16.53 -36.73 4.70
N PRO E 311 -15.89 -37.13 3.60
CA PRO E 311 -14.79 -38.11 3.71
C PRO E 311 -13.56 -37.56 4.41
N SER E 312 -13.31 -36.26 4.29
CA SER E 312 -12.18 -35.62 4.96
C SER E 312 -12.24 -35.80 6.47
N HIS E 313 -13.37 -36.25 7.01
CA HIS E 313 -13.52 -36.50 8.44
C HIS E 313 -13.47 -37.99 8.76
N TYR E 314 -14.39 -38.78 8.21
CA TYR E 314 -14.52 -40.16 8.67
C TYR E 314 -13.37 -41.07 8.25
N LYS E 315 -12.61 -40.73 7.22
CA LYS E 315 -11.47 -41.56 6.86
C LYS E 315 -10.29 -41.40 7.81
N TYR E 316 -10.26 -40.33 8.61
CA TYR E 316 -9.08 -39.94 9.38
C TYR E 316 -9.29 -39.87 10.90
N HIS E 317 -10.52 -39.67 11.36
CA HIS E 317 -10.79 -39.40 12.77
C HIS E 317 -10.15 -40.42 13.71
N GLU E 318 -10.36 -41.71 13.47
CA GLU E 318 -9.96 -42.70 14.48
C GLU E 318 -8.46 -42.76 14.69
N LYS E 319 -7.66 -42.49 13.65
CA LYS E 319 -6.22 -42.44 13.82
C LYS E 319 -5.77 -41.21 14.61
N HIS E 320 -6.35 -40.05 14.34
CA HIS E 320 -5.88 -38.77 14.84
C HIS E 320 -6.44 -38.41 16.23
N TYR E 321 -7.47 -39.11 16.69
CA TYR E 321 -8.11 -38.84 17.98
C TYR E 321 -7.12 -38.61 19.12
N ALA E 322 -6.11 -39.47 19.26
CA ALA E 322 -5.16 -39.32 20.37
C ALA E 322 -4.37 -38.02 20.28
N ASN E 323 -3.96 -37.62 19.08
CA ASN E 323 -3.18 -36.40 18.92
C ASN E 323 -4.06 -35.14 19.02
N ALA E 324 -5.30 -35.21 18.54
CA ALA E 324 -6.20 -34.08 18.64
C ALA E 324 -6.58 -33.74 20.09
N ALA E 325 -6.71 -34.74 20.96
CA ALA E 325 -6.95 -34.43 22.37
C ALA E 325 -5.79 -33.67 23.00
N ILE E 326 -4.55 -34.06 22.69
CA ILE E 326 -3.38 -33.37 23.23
C ILE E 326 -3.15 -32.03 22.55
N PHE E 327 -3.52 -31.89 21.28
CA PHE E 327 -3.51 -30.61 20.58
C PHE E 327 -4.51 -29.61 21.15
N ALA E 328 -5.66 -30.07 21.63
CA ALA E 328 -6.67 -29.17 22.20
C ALA E 328 -6.21 -28.43 23.46
N ASP E 329 -5.24 -28.96 24.21
CA ASP E 329 -4.70 -28.24 25.36
C ASP E 329 -3.63 -27.21 25.03
N SER E 330 -3.03 -27.28 23.84
CA SER E 330 -1.77 -26.62 23.56
C SER E 330 -1.91 -25.12 23.35
N LYS E 331 -0.78 -24.43 23.51
CA LYS E 331 -0.68 -22.98 23.48
C LYS E 331 -0.16 -22.43 22.16
N ASN E 332 0.35 -23.29 21.28
CA ASN E 332 1.02 -22.93 20.03
C ASN E 332 0.15 -23.13 18.79
N GLN E 333 -1.14 -23.39 18.97
CA GLN E 333 -1.96 -24.03 17.94
C GLN E 333 -1.78 -23.44 16.53
N LYS E 334 -1.92 -22.14 16.37
CA LYS E 334 -1.82 -21.57 15.02
C LYS E 334 -0.41 -21.64 14.44
N THR E 335 0.64 -21.61 15.26
CA THR E 335 1.99 -21.80 14.72
C THR E 335 2.24 -23.24 14.28
N ILE E 336 1.59 -24.21 14.91
CA ILE E 336 1.64 -25.59 14.41
C ILE E 336 0.98 -25.70 13.04
N CYS E 337 -0.23 -25.15 12.90
CA CYS E 337 -0.96 -25.24 11.64
C CYS E 337 -0.28 -24.48 10.52
N GLN E 338 0.37 -23.37 10.84
CA GLN E 338 1.08 -22.58 9.84
C GLN E 338 2.20 -23.38 9.16
N GLN E 339 2.98 -24.12 9.95
CA GLN E 339 4.00 -24.99 9.38
C GLN E 339 3.42 -26.12 8.53
N ALA E 340 2.27 -26.67 8.93
CA ALA E 340 1.59 -27.68 8.12
C ALA E 340 1.08 -27.12 6.79
N VAL E 341 0.55 -25.90 6.79
CA VAL E 341 0.10 -25.29 5.53
C VAL E 341 1.27 -24.94 4.62
N ASP E 342 2.36 -24.39 5.13
CA ASP E 342 3.47 -24.10 4.24
C ASP E 342 4.21 -25.35 3.76
N THR E 343 4.12 -26.47 4.49
CA THR E 343 4.54 -27.75 3.92
C THR E 343 3.71 -28.13 2.70
N VAL E 344 2.40 -27.94 2.75
CA VAL E 344 1.53 -28.21 1.61
C VAL E 344 1.79 -27.24 0.46
N LEU E 345 2.00 -25.97 0.77
CA LEU E 345 2.39 -25.00 -0.26
C LEU E 345 3.74 -25.32 -0.88
N ALA E 346 4.70 -25.78 -0.09
CA ALA E 346 6.00 -26.15 -0.62
C ALA E 346 5.93 -27.29 -1.63
N LYS E 347 5.16 -28.34 -1.33
CA LYS E 347 5.02 -29.43 -2.28
C LYS E 347 4.40 -28.98 -3.60
N LYS E 348 3.37 -28.14 -3.55
CA LYS E 348 2.80 -27.59 -4.79
C LYS E 348 3.82 -26.83 -5.62
N ARG E 349 4.73 -26.08 -4.98
CA ARG E 349 5.77 -25.39 -5.74
C ARG E 349 6.84 -26.32 -6.31
N VAL E 350 7.25 -27.35 -5.55
CA VAL E 350 8.18 -28.33 -6.11
C VAL E 350 7.55 -29.04 -7.30
N ASP E 351 6.30 -29.46 -7.18
CA ASP E 351 5.61 -30.11 -8.29
C ASP E 351 5.48 -29.20 -9.50
N SER E 352 5.13 -27.93 -9.28
CA SER E 352 5.00 -26.98 -10.38
C SER E 352 6.27 -26.86 -11.21
N LEU E 353 7.44 -26.87 -10.60
CA LEU E 353 8.68 -26.76 -11.36
C LEU E 353 9.21 -28.06 -11.96
N GLN E 354 8.80 -29.24 -11.49
CA GLN E 354 9.46 -30.47 -11.88
C GLN E 354 8.61 -31.50 -12.62
N LEU E 355 7.28 -31.47 -12.51
CA LEU E 355 6.44 -32.47 -13.17
C LEU E 355 6.45 -32.34 -14.69
N THR E 356 6.33 -33.48 -15.37
CA THR E 356 6.02 -33.50 -16.78
C THR E 356 4.54 -33.21 -17.02
N ARG E 357 4.24 -32.70 -18.22
CA ARG E 357 2.87 -32.33 -18.56
C ARG E 357 1.90 -33.50 -18.42
N GLU E 358 2.38 -34.71 -18.67
CA GLU E 358 1.57 -35.91 -18.53
C GLU E 358 1.16 -36.18 -17.09
N GLN E 359 2.07 -35.98 -16.13
CA GLN E 359 1.74 -36.22 -14.74
C GLN E 359 0.81 -35.16 -14.17
N MET E 360 0.93 -33.92 -14.63
CA MET E 360 -0.06 -32.90 -14.26
C MET E 360 -1.46 -33.28 -14.71
N LEU E 361 -1.62 -33.78 -15.93
CA LEU E 361 -2.95 -34.22 -16.38
C LEU E 361 -3.41 -35.50 -15.69
N THR E 362 -2.49 -36.45 -15.44
CA THR E 362 -2.85 -37.67 -14.72
C THR E 362 -3.29 -37.38 -13.28
N ASN E 363 -2.67 -36.39 -12.64
CA ASN E 363 -3.16 -35.91 -11.35
C ASN E 363 -4.59 -35.39 -11.41
N ARG E 364 -4.90 -34.58 -12.42
CA ARG E 364 -6.23 -34.00 -12.53
C ARG E 364 -7.30 -35.06 -12.81
N PHE E 365 -6.96 -36.11 -13.55
CA PHE E 365 -7.85 -37.26 -13.68
C PHE E 365 -8.06 -38.02 -12.36
N ASN E 366 -7.00 -38.23 -11.58
CA ASN E 366 -7.19 -38.80 -10.23
C ASN E 366 -8.15 -37.98 -9.37
N ASP E 367 -7.98 -36.65 -9.35
CA ASP E 367 -8.87 -35.80 -8.57
C ASP E 367 -10.33 -35.88 -9.03
N LEU E 368 -10.56 -35.97 -10.34
CA LEU E 368 -11.93 -36.13 -10.81
C LEU E 368 -12.53 -37.48 -10.45
N LEU E 369 -11.74 -38.55 -10.60
CA LEU E 369 -12.23 -39.88 -10.22
C LEU E 369 -12.61 -39.98 -8.74
N ASP E 370 -11.89 -39.30 -7.86
CA ASP E 370 -12.31 -39.27 -6.45
C ASP E 370 -13.68 -38.63 -6.24
N ARG E 371 -13.98 -37.55 -6.95
CA ARG E 371 -15.33 -36.99 -6.88
C ARG E 371 -16.37 -37.99 -7.37
N MET E 372 -16.09 -38.66 -8.48
CA MET E 372 -17.04 -39.61 -9.06
C MET E 372 -17.37 -40.77 -8.13
N ASP E 373 -16.36 -41.30 -7.45
CA ASP E 373 -16.60 -42.39 -6.50
C ASP E 373 -17.56 -42.01 -5.39
N ILE E 374 -17.55 -40.75 -4.95
CA ILE E 374 -18.52 -40.27 -3.98
C ILE E 374 -19.90 -40.17 -4.60
N MET E 375 -20.00 -39.54 -5.76
CA MET E 375 -21.30 -39.25 -6.37
C MET E 375 -22.05 -40.53 -6.74
N PHE E 376 -21.36 -41.49 -7.35
CA PHE E 376 -22.00 -42.68 -7.89
C PHE E 376 -21.84 -43.90 -6.99
N GLY E 377 -21.22 -43.73 -5.83
CA GLY E 377 -21.20 -44.75 -4.80
C GLY E 377 -22.48 -44.75 -3.97
N SER E 378 -22.41 -45.46 -2.84
CA SER E 378 -23.59 -45.71 -2.04
C SER E 378 -24.17 -44.44 -1.41
N THR E 379 -23.38 -43.38 -1.29
CA THR E 379 -23.81 -42.19 -0.56
C THR E 379 -24.48 -41.14 -1.44
N GLY E 380 -23.95 -40.91 -2.63
CA GLY E 380 -24.19 -39.67 -3.34
C GLY E 380 -25.58 -39.53 -3.92
N SER E 381 -25.88 -38.28 -4.32
CA SER E 381 -27.16 -37.91 -4.90
C SER E 381 -27.25 -38.06 -6.41
N ALA E 382 -26.15 -38.35 -7.09
CA ALA E 382 -26.15 -38.44 -8.54
C ALA E 382 -26.68 -39.78 -9.04
N ASP E 383 -27.24 -39.75 -10.25
CA ASP E 383 -27.83 -40.90 -10.92
C ASP E 383 -27.09 -41.14 -12.23
N ILE E 384 -26.51 -42.33 -12.38
CA ILE E 384 -25.63 -42.58 -13.52
C ILE E 384 -26.39 -42.74 -14.84
N GLU E 385 -27.69 -43.04 -14.79
CA GLU E 385 -28.50 -43.02 -16.02
C GLU E 385 -28.55 -41.62 -16.65
N GLU E 386 -28.74 -40.58 -15.84
CA GLU E 386 -28.83 -39.25 -16.42
C GLU E 386 -27.48 -38.68 -16.83
N TRP E 387 -26.40 -38.98 -16.11
CA TRP E 387 -25.09 -38.53 -16.58
C TRP E 387 -24.64 -39.26 -17.84
N MET E 388 -24.95 -40.55 -17.97
CA MET E 388 -24.72 -41.21 -19.25
C MET E 388 -25.66 -40.71 -20.36
N ALA E 389 -26.89 -40.34 -20.00
CA ALA E 389 -27.75 -39.64 -20.97
C ALA E 389 -27.11 -38.33 -21.43
N GLY E 390 -26.43 -37.63 -20.52
CA GLY E 390 -25.66 -36.45 -20.91
C GLY E 390 -24.56 -36.73 -21.92
N VAL E 391 -23.87 -37.85 -21.77
CA VAL E 391 -22.86 -38.23 -22.77
C VAL E 391 -23.48 -38.46 -24.15
N ALA E 392 -24.66 -39.08 -24.21
CA ALA E 392 -25.33 -39.25 -25.50
C ALA E 392 -25.70 -37.92 -26.15
N TRP E 393 -26.18 -36.96 -25.37
CA TRP E 393 -26.47 -35.64 -25.93
C TRP E 393 -25.19 -34.95 -26.38
N LEU E 394 -24.15 -34.98 -25.55
CA LEU E 394 -22.92 -34.27 -25.87
C LEU E 394 -22.20 -34.87 -27.08
N HIS E 395 -22.29 -36.19 -27.27
CA HIS E 395 -21.75 -36.83 -28.47
C HIS E 395 -22.39 -36.34 -29.77
N CYS E 396 -23.60 -35.80 -29.75
CA CYS E 396 -24.21 -35.30 -30.97
C CYS E 396 -23.76 -33.89 -31.35
N LEU E 397 -23.10 -33.16 -30.45
CA LEU E 397 -22.79 -31.75 -30.70
C LEU E 397 -21.88 -31.59 -31.91
N LEU E 398 -20.93 -32.49 -32.11
CA LEU E 398 -20.02 -32.49 -33.23
C LEU E 398 -19.91 -33.91 -33.76
N PRO E 399 -19.53 -34.08 -35.02
CA PRO E 399 -19.13 -35.42 -35.48
C PRO E 399 -17.89 -35.90 -34.76
N LYS E 400 -17.86 -37.18 -34.42
CA LYS E 400 -16.68 -37.84 -33.85
C LYS E 400 -16.15 -37.13 -32.60
N MET E 401 -17.06 -36.87 -31.66
CA MET E 401 -16.72 -36.16 -30.43
C MET E 401 -15.59 -36.83 -29.64
N ASP E 402 -15.59 -38.16 -29.55
CA ASP E 402 -14.55 -38.83 -28.77
C ASP E 402 -13.16 -38.66 -29.37
N SER E 403 -13.04 -38.63 -30.69
CA SER E 403 -11.75 -38.29 -31.28
C SER E 403 -11.35 -36.85 -30.95
N VAL E 404 -12.29 -35.92 -31.07
CA VAL E 404 -12.01 -34.51 -30.84
C VAL E 404 -11.50 -34.24 -29.42
N VAL E 405 -12.11 -34.85 -28.41
CA VAL E 405 -11.63 -34.68 -27.04
C VAL E 405 -10.24 -35.28 -26.85
N TYR E 406 -10.02 -36.50 -27.32
CA TYR E 406 -8.71 -37.13 -27.16
C TYR E 406 -7.62 -36.36 -27.90
N ASP E 407 -7.89 -35.97 -29.15
CA ASP E 407 -6.94 -35.17 -29.91
C ASP E 407 -6.65 -33.83 -29.24
N PHE E 408 -7.65 -33.21 -28.62
CA PHE E 408 -7.39 -32.00 -27.85
C PHE E 408 -6.50 -32.25 -26.64
N LEU E 409 -6.78 -33.30 -25.86
CA LEU E 409 -5.97 -33.57 -24.68
C LEU E 409 -4.51 -33.82 -25.02
N LYS E 410 -4.25 -34.67 -26.01
CA LYS E 410 -2.89 -34.88 -26.47
C LYS E 410 -2.21 -33.58 -26.86
N CYS E 411 -2.92 -32.74 -27.61
CA CYS E 411 -2.34 -31.47 -28.05
C CYS E 411 -1.90 -30.60 -26.89
N MET E 412 -2.71 -30.51 -25.83
CA MET E 412 -2.30 -29.73 -24.66
C MET E 412 -1.12 -30.37 -23.92
N VAL E 413 -1.07 -31.69 -23.86
CA VAL E 413 0.06 -32.36 -23.21
C VAL E 413 1.35 -32.20 -24.02
N TYR E 414 1.28 -32.37 -25.34
CA TYR E 414 2.50 -32.23 -26.15
C TYR E 414 2.97 -30.78 -26.29
N ASN E 415 2.05 -29.81 -26.36
CA ASN E 415 2.42 -28.40 -26.26
C ASN E 415 3.55 -28.00 -27.23
N ILE E 416 3.29 -28.21 -28.51
CA ILE E 416 4.30 -28.03 -29.57
C ILE E 416 4.13 -26.66 -30.21
N PRO E 417 5.20 -25.82 -30.28
CA PRO E 417 5.11 -24.49 -30.91
C PRO E 417 4.41 -24.37 -32.25
N LYS E 418 3.69 -23.25 -32.44
CA LYS E 418 2.84 -22.94 -33.59
C LYS E 418 1.69 -23.91 -33.82
N LYS E 419 1.63 -24.99 -33.04
CA LYS E 419 0.59 -26.01 -33.15
C LYS E 419 -0.10 -26.17 -31.80
N ARG E 420 -0.64 -25.07 -31.26
CA ARG E 420 -1.09 -24.99 -29.86
C ARG E 420 -2.52 -24.50 -29.65
N TYR E 421 -3.13 -23.79 -30.60
CA TYR E 421 -4.43 -23.14 -30.40
C TYR E 421 -5.48 -23.64 -31.37
N TRP E 422 -6.72 -23.77 -30.89
CA TRP E 422 -7.90 -24.21 -31.65
C TRP E 422 -8.99 -23.14 -31.68
N LEU E 423 -9.68 -23.00 -32.82
CA LEU E 423 -10.68 -21.95 -33.04
C LEU E 423 -12.10 -22.50 -33.15
N PHE E 424 -13.01 -21.98 -32.33
CA PHE E 424 -14.43 -22.33 -32.36
C PHE E 424 -15.25 -21.18 -32.96
N LYS E 425 -15.92 -21.42 -34.07
CA LYS E 425 -16.74 -20.41 -34.75
C LYS E 425 -18.17 -20.88 -34.93
N GLY E 426 -19.14 -19.96 -34.81
CA GLY E 426 -20.52 -20.26 -35.09
C GLY E 426 -21.49 -19.27 -34.48
N PRO E 427 -22.77 -19.35 -34.89
CA PRO E 427 -23.76 -18.34 -34.47
C PRO E 427 -24.16 -18.31 -33.00
N ILE E 428 -25.03 -17.36 -32.67
CA ILE E 428 -25.28 -16.86 -31.32
C ILE E 428 -25.87 -17.87 -30.34
N ASP E 429 -26.33 -19.04 -30.78
CA ASP E 429 -26.47 -20.20 -29.90
C ASP E 429 -26.04 -21.45 -30.67
N SER E 430 -24.87 -21.99 -30.33
CA SER E 430 -24.37 -23.18 -31.01
C SER E 430 -23.61 -24.15 -30.12
N GLY E 431 -23.21 -23.78 -28.91
CA GLY E 431 -22.55 -24.71 -28.01
C GLY E 431 -21.11 -24.38 -27.67
N LYS E 432 -20.64 -23.18 -28.00
CA LYS E 432 -19.22 -22.89 -27.90
C LYS E 432 -18.74 -22.85 -26.45
N THR E 433 -19.38 -22.04 -25.59
CA THR E 433 -18.98 -21.98 -24.20
C THR E 433 -19.43 -23.20 -23.39
N THR E 434 -20.41 -23.98 -23.88
CA THR E 434 -20.69 -25.29 -23.29
C THR E 434 -19.48 -26.22 -23.35
N LEU E 435 -18.95 -26.46 -24.54
CA LEU E 435 -17.84 -27.39 -24.67
C LEU E 435 -16.54 -26.81 -24.12
N ALA E 436 -16.33 -25.50 -24.29
CA ALA E 436 -15.17 -24.86 -23.67
C ALA E 436 -15.18 -24.98 -22.15
N ALA E 437 -16.34 -24.78 -21.53
CA ALA E 437 -16.44 -24.96 -20.08
C ALA E 437 -16.18 -26.39 -19.62
N ALA E 438 -16.61 -27.39 -20.39
CA ALA E 438 -16.33 -28.78 -20.04
C ALA E 438 -14.85 -29.13 -20.14
N LEU E 439 -14.20 -28.72 -21.24
CA LEU E 439 -12.77 -28.92 -21.38
C LEU E 439 -11.98 -28.21 -20.29
N LEU E 440 -12.43 -27.04 -19.87
CA LEU E 440 -11.78 -26.26 -18.83
C LEU E 440 -11.98 -26.82 -17.43
N GLU E 441 -12.76 -27.88 -17.23
CA GLU E 441 -12.77 -28.58 -15.95
C GLU E 441 -11.96 -29.88 -15.98
N LEU E 442 -11.80 -30.52 -17.13
CA LEU E 442 -10.81 -31.59 -17.24
C LEU E 442 -9.41 -31.05 -17.03
N CYS E 443 -9.09 -29.96 -17.71
CA CYS E 443 -7.81 -29.30 -17.59
C CYS E 443 -8.00 -28.01 -16.78
N GLY E 444 -7.10 -27.76 -15.84
CA GLY E 444 -7.21 -26.57 -15.02
C GLY E 444 -6.86 -25.29 -15.75
N GLY E 445 -7.81 -24.38 -15.94
CA GLY E 445 -7.54 -23.20 -16.73
C GLY E 445 -8.48 -22.06 -16.41
N LYS E 446 -8.34 -20.98 -17.17
CA LYS E 446 -9.09 -19.74 -16.94
C LYS E 446 -9.60 -19.13 -18.25
N ALA E 447 -10.63 -18.31 -18.12
CA ALA E 447 -11.21 -17.53 -19.21
C ALA E 447 -10.66 -16.11 -19.23
N LEU E 448 -10.42 -15.58 -20.44
CA LEU E 448 -9.86 -14.24 -20.62
C LEU E 448 -10.72 -13.43 -21.58
N ASN E 449 -10.80 -12.12 -21.35
CA ASN E 449 -11.59 -11.19 -22.16
C ASN E 449 -10.73 -10.10 -22.82
N VAL E 450 -10.19 -10.37 -24.02
CA VAL E 450 -9.30 -9.42 -24.70
C VAL E 450 -10.01 -8.32 -25.50
N ASN E 451 -11.31 -8.14 -25.29
CA ASN E 451 -11.99 -6.99 -25.89
C ASN E 451 -11.63 -5.66 -25.23
N LEU E 452 -11.02 -5.67 -24.05
CA LEU E 452 -10.64 -4.44 -23.37
C LEU E 452 -9.64 -3.61 -24.19
N PRO E 453 -9.73 -2.28 -24.11
CA PRO E 453 -8.77 -1.41 -24.81
C PRO E 453 -7.32 -1.68 -24.42
N LEU E 454 -6.43 -1.30 -25.35
CA LEU E 454 -5.06 -1.82 -25.38
C LEU E 454 -4.23 -1.43 -24.16
N ASP E 455 -4.61 -0.42 -23.40
CA ASP E 455 -3.90 -0.11 -22.16
C ASP E 455 -4.30 -0.96 -20.95
N ARG E 456 -5.46 -1.62 -20.96
CA ARG E 456 -5.88 -2.48 -19.85
C ARG E 456 -5.43 -3.94 -19.97
N LEU E 457 -4.96 -4.39 -21.13
CA LEU E 457 -4.71 -5.82 -21.33
C LEU E 457 -3.66 -6.42 -20.38
N ASN E 458 -2.71 -5.63 -19.88
CA ASN E 458 -1.60 -6.22 -19.11
C ASN E 458 -2.07 -6.95 -17.86
N PHE E 459 -3.02 -6.39 -17.13
CA PHE E 459 -3.58 -7.08 -15.97
C PHE E 459 -4.56 -8.17 -16.34
N GLU E 460 -5.08 -8.16 -17.56
CA GLU E 460 -5.93 -9.25 -18.03
C GLU E 460 -5.11 -10.50 -18.36
N LEU E 461 -4.00 -10.35 -19.07
CA LEU E 461 -3.20 -11.52 -19.44
C LEU E 461 -2.52 -12.19 -18.25
N GLY E 462 -2.17 -11.43 -17.22
CA GLY E 462 -1.54 -12.01 -16.04
C GLY E 462 -2.39 -13.02 -15.28
N VAL E 463 -3.68 -13.14 -15.62
CA VAL E 463 -4.51 -14.21 -15.08
C VAL E 463 -4.02 -15.60 -15.48
N ALA E 464 -3.25 -15.71 -16.56
CA ALA E 464 -2.73 -16.96 -17.08
C ALA E 464 -1.53 -17.53 -16.32
N ILE E 465 -0.99 -16.85 -15.31
CA ILE E 465 0.22 -17.33 -14.64
C ILE E 465 -0.02 -18.70 -13.98
N ASP E 466 0.89 -19.63 -14.27
CA ASP E 466 0.88 -21.04 -13.85
C ASP E 466 -0.33 -21.87 -14.30
N GLN E 467 -1.19 -21.38 -15.17
CA GLN E 467 -2.34 -22.16 -15.60
C GLN E 467 -1.94 -23.19 -16.67
N PHE E 468 -2.70 -24.28 -16.74
CA PHE E 468 -2.47 -25.30 -17.77
C PHE E 468 -3.09 -24.90 -19.12
N LEU E 469 -4.25 -24.24 -19.10
CA LEU E 469 -5.05 -23.99 -20.30
C LEU E 469 -5.69 -22.61 -20.20
N VAL E 470 -5.87 -21.92 -21.34
CA VAL E 470 -6.64 -20.68 -21.37
C VAL E 470 -7.68 -20.67 -22.49
N VAL E 471 -8.80 -20.00 -22.23
CA VAL E 471 -9.86 -19.78 -23.21
C VAL E 471 -10.08 -18.28 -23.39
N PHE E 472 -10.00 -17.81 -24.64
CA PHE E 472 -10.38 -16.44 -24.99
C PHE E 472 -11.83 -16.42 -25.46
N GLU E 473 -12.70 -15.75 -24.72
CA GLU E 473 -14.14 -15.86 -24.89
C GLU E 473 -14.74 -14.67 -25.63
N ASP E 474 -15.43 -14.96 -26.74
CA ASP E 474 -16.09 -13.96 -27.60
C ASP E 474 -15.18 -12.78 -27.95
N VAL E 475 -14.11 -13.07 -28.69
CA VAL E 475 -13.33 -11.97 -29.25
C VAL E 475 -14.13 -11.34 -30.38
N LYS E 476 -14.52 -10.08 -30.20
CA LYS E 476 -15.34 -9.38 -31.19
C LYS E 476 -14.51 -8.91 -32.37
N GLY E 477 -15.13 -8.94 -33.57
CA GLY E 477 -14.39 -8.69 -34.80
C GLY E 477 -14.17 -7.22 -35.17
N THR E 478 -13.19 -7.04 -36.04
CA THR E 478 -12.81 -5.73 -36.55
C THR E 478 -13.86 -5.13 -37.48
N GLY E 479 -14.74 -5.95 -38.04
CA GLY E 479 -15.66 -5.46 -39.04
C GLY E 479 -16.61 -6.55 -39.49
N GLY E 480 -17.18 -6.38 -40.68
CA GLY E 480 -18.18 -7.31 -41.16
C GLY E 480 -19.54 -7.15 -40.52
N GLU E 481 -19.82 -6.00 -39.92
CA GLU E 481 -21.02 -5.73 -39.14
C GLU E 481 -22.31 -5.70 -39.98
N SER E 482 -22.24 -5.89 -41.30
CA SER E 482 -23.45 -6.09 -42.08
C SER E 482 -24.22 -7.33 -41.66
N ARG E 483 -23.60 -8.21 -40.88
CA ARG E 483 -24.28 -9.31 -40.20
C ARG E 483 -25.09 -8.86 -38.98
N ASP E 484 -25.06 -7.57 -38.65
CA ASP E 484 -25.59 -7.04 -37.38
C ASP E 484 -24.85 -7.57 -36.16
N LEU E 485 -23.53 -7.70 -36.27
CA LEU E 485 -22.64 -8.14 -35.19
C LEU E 485 -21.87 -6.95 -34.62
N PRO E 486 -21.79 -6.75 -33.30
CA PRO E 486 -21.01 -5.62 -32.77
C PRO E 486 -19.53 -5.77 -33.11
N SER E 487 -18.91 -4.69 -33.57
CA SER E 487 -17.46 -4.67 -33.69
C SER E 487 -16.78 -4.29 -32.38
N GLY E 488 -15.54 -4.77 -32.24
CA GLY E 488 -14.67 -4.44 -31.13
C GLY E 488 -13.25 -4.77 -31.52
N GLN E 489 -12.31 -4.42 -30.66
CA GLN E 489 -10.89 -4.51 -31.01
C GLN E 489 -10.30 -5.91 -30.82
N GLY E 490 -11.09 -6.88 -30.36
CA GLY E 490 -10.54 -8.16 -29.95
C GLY E 490 -9.63 -8.83 -30.96
N ILE E 491 -10.08 -8.92 -32.21
CA ILE E 491 -9.24 -9.54 -33.25
C ILE E 491 -7.96 -8.75 -33.49
N ASN E 492 -8.04 -7.42 -33.52
CA ASN E 492 -6.83 -6.63 -33.74
C ASN E 492 -5.84 -6.78 -32.61
N ASN E 493 -6.32 -6.83 -31.37
CA ASN E 493 -5.44 -7.12 -30.23
C ASN E 493 -4.81 -8.50 -30.36
N LEU E 494 -5.63 -9.50 -30.65
CA LEU E 494 -5.14 -10.87 -30.70
C LEU E 494 -4.14 -11.07 -31.82
N ASP E 495 -4.36 -10.41 -32.96
CA ASP E 495 -3.38 -10.43 -34.04
C ASP E 495 -2.06 -9.81 -33.60
N ASN E 496 -2.10 -8.76 -32.78
CA ASN E 496 -0.91 -8.17 -32.19
C ASN E 496 -0.21 -9.06 -31.14
N LEU E 497 -0.93 -9.92 -30.42
CA LEU E 497 -0.35 -10.81 -29.41
C LEU E 497 0.42 -12.01 -29.97
N ARG E 498 1.13 -11.80 -31.08
CA ARG E 498 1.77 -12.84 -31.88
C ARG E 498 2.57 -13.86 -31.07
N ASP E 499 3.55 -13.41 -30.28
CA ASP E 499 4.44 -14.33 -29.58
C ASP E 499 3.81 -15.02 -28.37
N TYR E 500 2.67 -14.52 -27.89
CA TYR E 500 1.94 -15.24 -26.86
C TYR E 500 1.29 -16.50 -27.42
N LEU E 501 0.74 -16.42 -28.63
CA LEU E 501 0.09 -17.59 -29.22
C LEU E 501 1.10 -18.60 -29.79
N ASP E 502 2.15 -18.14 -30.47
CA ASP E 502 3.08 -19.08 -31.11
C ASP E 502 3.82 -19.95 -30.10
N GLY E 503 4.20 -19.39 -28.97
CA GLY E 503 4.76 -20.18 -27.87
C GLY E 503 6.23 -20.53 -27.96
N SER E 504 6.98 -19.93 -28.88
CA SER E 504 8.39 -20.28 -29.06
C SER E 504 9.29 -19.67 -27.99
N VAL E 505 8.98 -18.49 -27.47
CA VAL E 505 9.85 -17.75 -26.58
C VAL E 505 9.09 -17.36 -25.32
N LYS E 506 9.84 -17.15 -24.23
CA LYS E 506 9.23 -16.71 -22.98
C LYS E 506 8.73 -15.27 -23.06
N VAL E 507 7.61 -15.00 -22.39
CA VAL E 507 7.01 -13.68 -22.32
C VAL E 507 6.85 -13.27 -20.86
N ASN E 508 6.69 -11.96 -20.63
CA ASN E 508 6.53 -11.39 -19.30
C ASN E 508 5.06 -11.17 -18.98
N LEU E 509 4.64 -11.56 -17.78
CA LEU E 509 3.25 -11.50 -17.34
C LEU E 509 3.15 -10.76 -16.00
N GLU E 510 2.08 -9.99 -15.81
CA GLU E 510 1.94 -9.08 -14.67
C GLU E 510 0.60 -9.23 -13.96
N LYS E 511 0.64 -9.45 -12.65
CA LYS E 511 -0.52 -9.31 -11.77
C LYS E 511 -0.54 -7.95 -11.07
N LYS E 512 -1.71 -7.57 -10.57
CA LYS E 512 -1.78 -6.45 -9.65
C LYS E 512 -0.86 -6.67 -8.44
N HIS E 513 -0.09 -5.62 -8.10
CA HIS E 513 0.89 -5.59 -7.00
C HIS E 513 2.12 -6.48 -7.12
N LEU E 514 2.07 -7.64 -7.75
CA LEU E 514 3.27 -8.48 -7.83
C LEU E 514 4.18 -8.08 -8.99
N ASN E 515 5.45 -8.49 -8.89
CA ASN E 515 6.45 -8.30 -9.96
C ASN E 515 6.20 -9.20 -11.18
N LYS E 516 6.81 -8.81 -12.29
CA LYS E 516 6.70 -9.56 -13.54
C LYS E 516 7.39 -10.93 -13.49
N ARG E 517 6.70 -11.93 -14.03
CA ARG E 517 7.22 -13.30 -14.17
C ARG E 517 7.35 -13.70 -15.64
N THR E 518 8.36 -14.51 -15.93
CA THR E 518 8.73 -14.89 -17.29
C THR E 518 8.39 -16.37 -17.52
N GLN E 519 7.55 -16.67 -18.50
CA GLN E 519 7.16 -18.05 -18.82
C GLN E 519 6.59 -18.14 -20.24
N ILE E 520 6.40 -19.37 -20.70
CA ILE E 520 5.76 -19.66 -22.00
C ILE E 520 4.25 -19.72 -21.84
N PHE E 521 3.55 -18.85 -22.56
CA PHE E 521 2.11 -18.62 -22.36
C PHE E 521 1.30 -19.90 -22.68
N PRO E 522 0.32 -20.25 -21.85
CA PRO E 522 -0.39 -21.53 -22.03
C PRO E 522 -1.06 -21.69 -23.38
N PRO E 523 -1.24 -22.94 -23.84
CA PRO E 523 -2.09 -23.23 -25.00
C PRO E 523 -3.58 -23.06 -24.69
N GLY E 524 -4.44 -23.07 -25.71
CA GLY E 524 -5.81 -22.61 -25.45
C GLY E 524 -6.76 -22.65 -26.64
N ILE E 525 -7.94 -22.04 -26.40
CA ILE E 525 -9.11 -22.06 -27.27
C ILE E 525 -9.61 -20.63 -27.51
N VAL E 526 -9.94 -20.31 -28.75
CA VAL E 526 -10.59 -19.03 -29.10
C VAL E 526 -12.02 -19.29 -29.59
N THR E 527 -12.98 -18.51 -29.10
CA THR E 527 -14.40 -18.65 -29.44
C THR E 527 -14.94 -17.36 -30.07
N MET E 528 -15.70 -17.50 -31.17
CA MET E 528 -16.12 -16.35 -31.97
C MET E 528 -17.48 -16.57 -32.62
N ASN E 529 -18.16 -15.47 -32.90
CA ASN E 529 -19.15 -15.43 -33.98
C ASN E 529 -18.41 -15.40 -35.32
N GLU E 530 -19.16 -15.42 -36.41
CA GLU E 530 -18.56 -15.52 -37.74
C GLU E 530 -17.92 -14.23 -38.28
N TYR E 531 -17.18 -13.49 -37.48
CA TYR E 531 -16.36 -12.39 -38.00
C TYR E 531 -15.28 -12.91 -38.94
N SER E 532 -14.82 -12.06 -39.86
CA SER E 532 -13.71 -12.40 -40.74
C SER E 532 -12.39 -12.38 -39.96
N VAL E 533 -11.53 -13.38 -40.21
CA VAL E 533 -10.25 -13.49 -39.52
C VAL E 533 -9.11 -13.22 -40.51
N PRO E 534 -8.22 -12.26 -40.21
CA PRO E 534 -7.03 -12.05 -41.04
C PRO E 534 -6.21 -13.30 -41.27
N LYS E 535 -5.66 -13.42 -42.48
CA LYS E 535 -4.78 -14.54 -42.83
C LYS E 535 -3.56 -14.64 -41.92
N THR E 536 -3.11 -13.51 -41.35
CA THR E 536 -2.03 -13.56 -40.37
C THR E 536 -2.44 -14.33 -39.11
N LEU E 537 -3.64 -14.07 -38.62
CA LEU E 537 -4.11 -14.78 -37.42
C LEU E 537 -4.51 -16.21 -37.72
N GLN E 538 -5.11 -16.47 -38.88
CA GLN E 538 -5.56 -17.83 -39.19
C GLN E 538 -4.41 -18.83 -39.13
N ALA E 539 -3.24 -18.45 -39.62
CA ALA E 539 -2.08 -19.36 -39.63
C ALA E 539 -1.59 -19.76 -38.25
N ARG E 540 -2.12 -19.21 -37.16
CA ARG E 540 -1.75 -19.63 -35.81
C ARG E 540 -2.63 -20.75 -35.24
N PHE E 541 -3.78 -21.04 -35.83
CA PHE E 541 -4.69 -22.07 -35.34
C PHE E 541 -4.44 -23.39 -36.07
N VAL E 542 -4.27 -24.46 -35.31
CA VAL E 542 -4.01 -25.76 -35.93
C VAL E 542 -5.28 -26.41 -36.50
N LYS E 543 -6.44 -26.29 -35.87
CA LYS E 543 -7.66 -26.51 -36.66
C LYS E 543 -8.87 -25.74 -36.12
N GLN E 544 -9.81 -25.53 -37.04
CA GLN E 544 -11.05 -24.77 -36.82
C GLN E 544 -12.25 -25.72 -36.73
N ILE E 545 -13.08 -25.54 -35.71
CA ILE E 545 -14.29 -26.33 -35.50
C ILE E 545 -15.51 -25.43 -35.68
N ASP E 546 -16.36 -25.76 -36.64
CA ASP E 546 -17.61 -25.03 -36.86
C ASP E 546 -18.75 -25.68 -36.09
N PHE E 547 -19.40 -24.89 -35.24
CA PHE E 547 -20.59 -25.31 -34.50
C PHE E 547 -21.81 -24.72 -35.19
N ARG E 548 -22.76 -25.57 -35.57
CA ARG E 548 -24.00 -25.11 -36.19
C ARG E 548 -25.22 -25.49 -35.35
N PRO E 549 -26.23 -24.62 -35.26
CA PRO E 549 -27.47 -24.99 -34.55
C PRO E 549 -28.16 -26.18 -35.19
N LYS E 550 -28.73 -27.06 -34.35
CA LYS E 550 -29.57 -28.14 -34.81
C LYS E 550 -30.86 -28.19 -34.01
N ASP E 551 -31.98 -28.39 -34.72
CA ASP E 551 -33.30 -28.36 -34.09
C ASP E 551 -33.58 -29.56 -33.20
N TYR E 552 -33.09 -30.75 -33.54
CA TYR E 552 -33.37 -31.91 -32.68
C TYR E 552 -32.71 -31.79 -31.31
N LEU E 553 -31.52 -31.21 -31.24
CA LEU E 553 -30.94 -30.95 -29.92
C LEU E 553 -31.74 -29.93 -29.11
N LYS E 554 -32.34 -28.93 -29.76
CA LYS E 554 -33.15 -27.95 -29.03
C LYS E 554 -34.44 -28.54 -28.47
N HIS E 555 -35.22 -29.22 -29.30
CA HIS E 555 -36.45 -29.83 -28.79
C HIS E 555 -36.18 -30.95 -27.82
N CYS E 556 -35.04 -31.64 -27.96
CA CYS E 556 -34.60 -32.58 -26.93
C CYS E 556 -34.38 -31.89 -25.59
N LEU E 557 -33.68 -30.75 -25.56
CA LEU E 557 -33.47 -30.05 -24.30
C LEU E 557 -34.78 -29.61 -23.64
N GLU E 558 -35.75 -29.12 -24.41
CA GLU E 558 -37.04 -28.77 -23.83
C GLU E 558 -37.70 -29.95 -23.13
N ARG E 559 -37.58 -31.16 -23.68
CA ARG E 559 -38.13 -32.35 -23.04
C ARG E 559 -37.19 -33.04 -22.03
N SER E 560 -35.96 -32.59 -21.89
CA SER E 560 -34.93 -33.28 -21.10
C SER E 560 -34.28 -32.34 -20.09
N GLU E 561 -35.13 -31.61 -19.36
CA GLU E 561 -34.70 -30.48 -18.55
C GLU E 561 -33.57 -30.80 -17.56
N PHE E 562 -33.53 -32.02 -17.01
CA PHE E 562 -32.52 -32.35 -16.01
C PHE E 562 -31.08 -32.14 -16.49
N LEU E 563 -30.85 -32.14 -17.80
CA LEU E 563 -29.51 -31.85 -18.34
C LEU E 563 -29.03 -30.45 -17.98
N LEU E 564 -29.87 -29.43 -18.18
CA LEU E 564 -29.47 -28.08 -17.80
C LEU E 564 -29.53 -27.86 -16.30
N GLU E 565 -30.60 -28.31 -15.65
CA GLU E 565 -30.83 -27.96 -14.26
C GLU E 565 -29.72 -28.47 -13.35
N LYS E 566 -29.14 -29.63 -13.65
CA LYS E 566 -28.02 -30.16 -12.89
C LYS E 566 -26.67 -29.89 -13.55
N ARG E 567 -26.64 -29.05 -14.58
CA ARG E 567 -25.41 -28.67 -15.29
C ARG E 567 -24.62 -29.87 -15.82
N ILE E 568 -25.34 -30.89 -16.27
CA ILE E 568 -24.71 -32.15 -16.66
C ILE E 568 -23.85 -31.98 -17.90
N ILE E 569 -24.34 -31.24 -18.90
CA ILE E 569 -23.61 -31.10 -20.16
C ILE E 569 -22.39 -30.18 -20.07
N GLN E 570 -22.33 -29.26 -19.11
CA GLN E 570 -21.15 -28.38 -19.00
C GLN E 570 -19.97 -28.99 -18.25
N SER E 571 -20.14 -30.06 -17.49
CA SER E 571 -19.15 -30.43 -16.47
C SER E 571 -18.15 -31.47 -16.98
N GLY E 572 -16.90 -31.34 -16.52
CA GLY E 572 -15.82 -32.21 -16.97
C GLY E 572 -16.06 -33.68 -16.70
N ILE E 573 -16.86 -33.99 -15.69
CA ILE E 573 -17.21 -35.39 -15.40
C ILE E 573 -17.96 -36.04 -16.54
N ALA E 574 -18.77 -35.28 -17.28
CA ALA E 574 -19.42 -35.84 -18.46
C ALA E 574 -18.46 -36.17 -19.58
N LEU E 575 -17.48 -35.30 -19.86
CA LEU E 575 -16.44 -35.63 -20.84
C LEU E 575 -15.57 -36.80 -20.42
N LEU E 576 -15.24 -36.91 -19.13
CA LEU E 576 -14.43 -38.03 -18.68
C LEU E 576 -15.16 -39.35 -18.83
N LEU E 577 -16.45 -39.38 -18.51
CA LEU E 577 -17.24 -40.59 -18.76
C LEU E 577 -17.23 -40.97 -20.23
N MET E 578 -17.25 -39.98 -21.12
CA MET E 578 -17.16 -40.25 -22.56
C MET E 578 -15.84 -40.91 -22.96
N LEU E 579 -14.73 -40.47 -22.40
CA LEU E 579 -13.45 -41.13 -22.65
C LEU E 579 -13.43 -42.55 -22.10
N ILE E 580 -14.04 -42.77 -20.94
CA ILE E 580 -14.08 -44.11 -20.38
C ILE E 580 -14.91 -45.05 -21.25
N TRP E 581 -16.05 -44.60 -21.76
CA TRP E 581 -16.85 -45.47 -22.63
C TRP E 581 -16.15 -45.76 -23.96
N TYR E 582 -15.69 -44.73 -24.67
CA TYR E 582 -15.25 -44.95 -26.05
C TYR E 582 -13.78 -45.33 -26.27
N ARG E 583 -12.79 -44.89 -25.39
CA ARG E 583 -11.38 -45.14 -25.72
C ARG E 583 -10.84 -46.47 -25.15
N PRO E 584 -9.87 -47.09 -25.84
CA PRO E 584 -9.12 -48.21 -25.24
C PRO E 584 -8.41 -47.84 -23.94
N VAL E 585 -8.21 -48.86 -23.10
CA VAL E 585 -7.52 -48.67 -21.82
C VAL E 585 -6.05 -48.35 -22.02
N ALA E 586 -5.43 -48.87 -23.08
CA ALA E 586 -4.01 -48.68 -23.33
C ALA E 586 -3.61 -47.23 -23.64
N GLU E 587 -4.56 -46.34 -23.90
CA GLU E 587 -4.21 -44.95 -24.18
C GLU E 587 -3.99 -44.10 -22.93
N PHE E 588 -4.48 -44.53 -21.78
CA PHE E 588 -4.30 -43.82 -20.53
C PHE E 588 -2.91 -44.09 -19.92
N ALA E 589 -2.48 -43.20 -19.03
CA ALA E 589 -1.20 -43.37 -18.35
C ALA E 589 -1.21 -44.59 -17.43
N GLN E 590 -0.04 -45.23 -17.33
CA GLN E 590 0.06 -46.53 -16.68
C GLN E 590 -0.42 -46.53 -15.22
N SER E 591 -0.13 -45.48 -14.46
CA SER E 591 -0.53 -45.49 -13.06
C SER E 591 -2.03 -45.43 -12.80
N ILE E 592 -2.87 -45.02 -13.76
CA ILE E 592 -4.31 -45.07 -13.57
C ILE E 592 -5.00 -46.19 -14.35
N GLN E 593 -4.26 -46.98 -15.13
CA GLN E 593 -4.91 -48.00 -15.95
C GLN E 593 -5.68 -49.03 -15.11
N SER E 594 -5.16 -49.40 -13.95
CA SER E 594 -5.90 -50.28 -13.05
C SER E 594 -7.18 -49.66 -12.49
N ARG E 595 -7.20 -48.34 -12.28
CA ARG E 595 -8.41 -47.66 -11.85
C ARG E 595 -9.42 -47.49 -13.00
N ILE E 596 -8.94 -47.26 -14.22
CA ILE E 596 -9.83 -47.12 -15.36
C ILE E 596 -10.55 -48.42 -15.70
N VAL E 597 -9.88 -49.57 -15.60
CA VAL E 597 -10.56 -50.82 -15.95
C VAL E 597 -11.69 -51.13 -14.99
N GLU E 598 -11.54 -50.82 -13.70
CA GLU E 598 -12.68 -50.96 -12.78
C GLU E 598 -13.87 -50.11 -13.20
N TRP E 599 -13.65 -48.86 -13.59
CA TRP E 599 -14.76 -48.02 -14.03
C TRP E 599 -15.41 -48.50 -15.32
N LYS E 600 -14.64 -49.04 -16.28
CA LYS E 600 -15.27 -49.63 -17.46
C LYS E 600 -16.14 -50.82 -17.09
N GLU E 601 -15.70 -51.64 -16.13
CA GLU E 601 -16.53 -52.74 -15.64
C GLU E 601 -17.83 -52.26 -15.01
N ARG E 602 -17.78 -51.17 -14.25
CA ARG E 602 -19.01 -50.56 -13.72
C ARG E 602 -19.99 -50.20 -14.83
N LEU E 603 -19.55 -49.37 -15.79
CA LEU E 603 -20.47 -48.85 -16.80
C LEU E 603 -21.07 -49.96 -17.65
N ASP E 604 -20.26 -50.91 -18.10
CA ASP E 604 -20.79 -51.97 -18.95
C ASP E 604 -21.75 -52.88 -18.22
N LYS E 605 -21.61 -53.01 -16.90
CA LYS E 605 -22.59 -53.78 -16.15
C LYS E 605 -23.92 -53.05 -16.02
N GLU E 606 -23.92 -51.74 -15.81
CA GLU E 606 -25.19 -51.03 -15.64
C GLU E 606 -25.84 -50.63 -16.96
N PHE E 607 -25.10 -50.47 -18.04
CA PHE E 607 -25.67 -50.21 -19.36
C PHE E 607 -25.21 -51.25 -20.38
N SER E 608 -26.13 -52.09 -20.83
CA SER E 608 -25.91 -52.81 -22.06
C SER E 608 -25.93 -51.83 -23.23
N LEU E 609 -25.26 -52.22 -24.32
CA LEU E 609 -25.22 -51.36 -25.51
C LEU E 609 -26.60 -51.00 -26.03
N SER E 610 -27.58 -51.89 -25.92
CA SER E 610 -28.89 -51.61 -26.49
C SER E 610 -29.61 -50.49 -25.76
N VAL E 611 -29.42 -50.37 -24.45
CA VAL E 611 -29.90 -49.20 -23.72
C VAL E 611 -29.26 -47.93 -24.26
N TYR E 612 -27.94 -47.94 -24.46
CA TYR E 612 -27.24 -46.75 -24.93
C TYR E 612 -27.57 -46.40 -26.38
N GLN E 613 -27.68 -47.39 -27.27
CA GLN E 613 -28.15 -47.12 -28.62
C GLN E 613 -29.58 -46.56 -28.64
N LYS E 614 -30.44 -47.01 -27.74
CA LYS E 614 -31.75 -46.39 -27.60
C LYS E 614 -31.67 -44.92 -27.17
N MET E 615 -30.86 -44.61 -26.16
CA MET E 615 -30.69 -43.20 -25.77
C MET E 615 -30.21 -42.35 -26.94
N LYS E 616 -29.23 -42.83 -27.69
CA LYS E 616 -28.70 -42.06 -28.80
C LYS E 616 -29.71 -41.90 -29.93
N PHE E 617 -30.52 -42.92 -30.22
CA PHE E 617 -31.59 -42.74 -31.19
C PHE E 617 -32.64 -41.72 -30.73
N ASN E 618 -33.00 -41.72 -29.45
CA ASN E 618 -33.95 -40.72 -28.97
C ASN E 618 -33.49 -39.29 -29.25
N VAL E 619 -32.21 -38.99 -29.09
CA VAL E 619 -31.73 -37.65 -29.40
C VAL E 619 -31.88 -37.32 -30.88
N ALA E 620 -31.59 -38.28 -31.76
CA ALA E 620 -31.67 -38.01 -33.19
C ALA E 620 -33.09 -37.70 -33.65
N MET E 621 -34.09 -38.25 -32.97
CA MET E 621 -35.49 -37.93 -33.23
C MET E 621 -35.98 -36.66 -32.54
N GLY E 622 -35.19 -36.06 -31.65
CA GLY E 622 -35.64 -34.93 -30.87
C GLY E 622 -36.58 -35.27 -29.75
N ILE E 623 -36.68 -36.54 -29.39
CA ILE E 623 -37.51 -36.98 -28.27
C ILE E 623 -36.75 -36.75 -26.96
N GLY E 624 -37.46 -36.78 -25.84
CA GLY E 624 -36.79 -36.77 -24.55
C GLY E 624 -35.89 -37.99 -24.39
N VAL E 625 -34.72 -37.78 -23.79
CA VAL E 625 -33.67 -38.80 -23.84
C VAL E 625 -34.10 -40.10 -23.19
N LEU E 626 -34.78 -40.03 -22.04
CA LEU E 626 -34.95 -41.21 -21.21
C LEU E 626 -36.13 -42.10 -21.57
N ASP E 627 -37.03 -41.68 -22.45
CA ASP E 627 -38.23 -42.47 -22.72
C ASP E 627 -37.91 -43.86 -23.27
N LYS F 266 -0.63 -22.30 40.55
CA LYS F 266 -1.36 -22.87 39.42
C LYS F 266 -1.21 -22.01 38.18
N GLN F 267 -1.81 -22.44 37.07
CA GLN F 267 -1.80 -21.69 35.82
C GLN F 267 -3.18 -21.59 35.20
N VAL F 268 -3.34 -20.60 34.32
CA VAL F 268 -4.60 -20.40 33.62
C VAL F 268 -4.89 -21.61 32.74
N SER F 269 -6.13 -22.08 32.77
CA SER F 269 -6.60 -23.03 31.76
C SER F 269 -7.05 -22.27 30.51
N TRP F 270 -6.30 -22.40 29.43
CA TRP F 270 -6.71 -21.79 28.17
C TRP F 270 -7.92 -22.49 27.55
N LYS F 271 -8.16 -23.76 27.87
CA LYS F 271 -9.33 -24.45 27.34
C LYS F 271 -10.65 -23.97 27.95
N LEU F 272 -10.68 -23.64 29.24
CA LEU F 272 -11.87 -23.03 29.81
C LEU F 272 -12.24 -21.72 29.11
N VAL F 273 -11.27 -20.90 28.74
CA VAL F 273 -11.56 -19.68 27.98
C VAL F 273 -12.16 -20.03 26.61
N THR F 274 -11.59 -21.02 25.94
CA THR F 274 -12.09 -21.42 24.64
C THR F 274 -13.50 -22.02 24.71
N GLU F 275 -13.82 -22.73 25.80
CA GLU F 275 -15.19 -23.18 26.00
C GLU F 275 -16.17 -22.02 26.15
N TYR F 276 -15.84 -21.01 26.95
CA TYR F 276 -16.69 -19.83 27.06
C TYR F 276 -16.88 -19.13 25.73
N ALA F 277 -15.81 -18.97 24.95
CA ALA F 277 -15.94 -18.32 23.65
C ALA F 277 -16.83 -19.12 22.70
N MET F 278 -16.70 -20.44 22.73
CA MET F 278 -17.52 -21.28 21.86
C MET F 278 -18.99 -21.21 22.24
N GLU F 279 -19.29 -21.30 23.53
CA GLU F 279 -20.68 -21.26 23.98
C GLU F 279 -21.29 -19.87 23.89
N THR F 280 -20.50 -18.82 24.15
CA THR F 280 -20.99 -17.46 23.93
C THR F 280 -21.03 -17.10 22.46
N LYS F 281 -20.38 -17.89 21.60
CA LYS F 281 -20.30 -17.64 20.17
C LYS F 281 -19.71 -16.25 19.91
N CYS F 282 -18.56 -16.00 20.52
CA CYS F 282 -17.96 -14.67 20.63
C CYS F 282 -16.90 -14.46 19.55
N ASP F 283 -17.04 -13.38 18.80
CA ASP F 283 -16.34 -13.20 17.54
C ASP F 283 -15.16 -12.23 17.62
N ASP F 284 -14.86 -11.67 18.79
CA ASP F 284 -14.09 -10.43 18.84
C ASP F 284 -13.23 -10.37 20.10
N VAL F 285 -11.92 -10.10 19.92
CA VAL F 285 -10.94 -10.33 20.99
C VAL F 285 -11.15 -9.40 22.18
N LEU F 286 -11.33 -8.10 21.95
CA LEU F 286 -11.48 -7.20 23.10
C LEU F 286 -12.81 -7.39 23.80
N LEU F 287 -13.85 -7.79 23.09
CA LEU F 287 -15.10 -8.13 23.76
C LEU F 287 -14.96 -9.37 24.64
N LEU F 288 -14.27 -10.41 24.16
CA LEU F 288 -14.01 -11.58 25.00
C LEU F 288 -13.18 -11.21 26.22
N LEU F 289 -12.09 -10.45 26.03
CA LEU F 289 -11.26 -10.06 27.16
C LEU F 289 -12.07 -9.31 28.22
N GLY F 290 -12.89 -8.36 27.78
CA GLY F 290 -13.64 -7.54 28.72
C GLY F 290 -14.64 -8.32 29.55
N MET F 291 -15.43 -9.18 28.91
CA MET F 291 -16.42 -9.97 29.65
C MET F 291 -15.78 -11.00 30.57
N TYR F 292 -14.68 -11.62 30.16
CA TYR F 292 -14.09 -12.64 31.02
C TYR F 292 -13.50 -12.05 32.30
N LEU F 293 -12.96 -10.83 32.24
CA LEU F 293 -12.42 -10.16 33.41
C LEU F 293 -13.47 -9.83 34.47
N GLU F 294 -14.75 -9.74 34.11
CA GLU F 294 -15.80 -9.50 35.09
C GLU F 294 -15.94 -10.59 36.14
N PHE F 295 -15.46 -11.79 35.87
CA PHE F 295 -15.59 -12.92 36.80
C PHE F 295 -14.57 -12.90 37.95
N GLN F 296 -13.77 -11.84 38.09
CA GLN F 296 -12.77 -11.74 39.16
C GLN F 296 -13.37 -11.80 40.57
N TYR F 297 -14.56 -11.25 40.76
CA TYR F 297 -15.13 -11.07 42.09
C TYR F 297 -16.04 -12.23 42.49
N SER F 298 -16.34 -12.31 43.78
CA SER F 298 -17.03 -13.47 44.33
C SER F 298 -18.43 -13.64 43.73
N PHE F 299 -18.77 -14.91 43.47
CA PHE F 299 -20.08 -15.24 42.89
C PHE F 299 -21.24 -14.96 43.84
N GLU F 300 -21.07 -15.23 45.13
CA GLU F 300 -22.15 -15.08 46.08
C GLU F 300 -22.62 -13.64 46.21
N MET F 301 -21.70 -12.69 46.11
CA MET F 301 -22.01 -11.27 46.33
C MET F 301 -22.36 -10.51 45.06
N CYS F 302 -22.21 -11.09 43.89
CA CYS F 302 -22.21 -10.32 42.65
C CYS F 302 -23.54 -9.64 42.39
N LEU F 303 -23.49 -8.32 42.18
CA LEU F 303 -24.69 -7.53 41.94
C LEU F 303 -25.33 -7.81 40.57
N LYS F 304 -24.51 -7.98 39.52
CA LYS F 304 -25.05 -8.36 38.21
C LYS F 304 -25.76 -9.70 38.25
N CYS F 305 -25.22 -10.67 38.98
CA CYS F 305 -25.87 -11.98 39.11
C CYS F 305 -27.22 -11.86 39.81
N ILE F 306 -27.33 -10.99 40.83
CA ILE F 306 -28.59 -10.82 41.51
C ILE F 306 -29.63 -10.12 40.62
N LYS F 307 -29.21 -9.13 39.84
CA LYS F 307 -30.17 -8.44 38.96
C LYS F 307 -30.49 -9.23 37.70
N LYS F 308 -29.57 -10.06 37.21
CA LYS F 308 -29.76 -10.85 35.98
C LYS F 308 -30.07 -9.99 34.75
N GLU F 309 -29.22 -8.98 34.51
CA GLU F 309 -29.42 -8.06 33.40
C GLU F 309 -29.09 -8.68 32.06
N GLN F 310 -28.08 -9.56 32.00
CA GLN F 310 -27.68 -10.26 30.78
C GLN F 310 -27.41 -11.75 31.00
N PRO F 311 -27.85 -12.62 30.08
CA PRO F 311 -27.59 -14.05 30.27
C PRO F 311 -26.11 -14.41 30.21
N SER F 312 -25.31 -13.66 29.46
CA SER F 312 -23.91 -14.00 29.20
C SER F 312 -23.02 -13.88 30.44
N HIS F 313 -23.56 -13.49 31.59
CA HIS F 313 -22.80 -13.37 32.83
C HIS F 313 -23.22 -14.38 33.89
N TYR F 314 -24.46 -14.30 34.37
CA TYR F 314 -24.88 -15.11 35.51
C TYR F 314 -25.00 -16.60 35.20
N LYS F 315 -25.11 -16.97 33.93
CA LYS F 315 -25.01 -18.38 33.56
C LYS F 315 -23.63 -18.96 33.83
N TYR F 316 -22.58 -18.16 33.71
CA TYR F 316 -21.21 -18.67 33.68
C TYR F 316 -20.36 -18.31 34.88
N HIS F 317 -20.66 -17.20 35.56
CA HIS F 317 -19.77 -16.66 36.59
C HIS F 317 -19.43 -17.67 37.68
N GLU F 318 -20.42 -18.45 38.12
CA GLU F 318 -20.17 -19.46 39.15
C GLU F 318 -19.13 -20.48 38.71
N LYS F 319 -19.14 -20.85 37.45
CA LYS F 319 -18.26 -21.87 36.90
C LYS F 319 -16.86 -21.36 36.60
N HIS F 320 -16.74 -20.15 36.06
CA HIS F 320 -15.47 -19.61 35.58
C HIS F 320 -14.72 -18.77 36.61
N TYR F 321 -15.29 -18.49 37.77
CA TYR F 321 -14.62 -17.66 38.79
C TYR F 321 -13.21 -18.13 39.11
N ALA F 322 -13.01 -19.44 39.27
CA ALA F 322 -11.69 -19.93 39.67
C ALA F 322 -10.61 -19.59 38.63
N ASN F 323 -10.94 -19.71 37.35
CA ASN F 323 -10.00 -19.35 36.29
C ASN F 323 -9.79 -17.84 36.19
N ALA F 324 -10.85 -17.06 36.34
CA ALA F 324 -10.73 -15.61 36.21
C ALA F 324 -9.87 -14.98 37.30
N ALA F 325 -9.82 -15.57 38.49
CA ALA F 325 -8.87 -15.13 39.51
C ALA F 325 -7.43 -15.28 39.07
N ILE F 326 -7.11 -16.34 38.35
CA ILE F 326 -5.75 -16.53 37.86
C ILE F 326 -5.50 -15.71 36.59
N PHE F 327 -6.51 -15.59 35.74
CA PHE F 327 -6.42 -14.79 34.52
C PHE F 327 -6.08 -13.32 34.81
N ALA F 328 -6.61 -12.75 35.88
CA ALA F 328 -6.28 -11.36 36.22
C ALA F 328 -4.80 -11.13 36.53
N ASP F 329 -4.10 -12.10 37.12
CA ASP F 329 -2.66 -11.94 37.36
C ASP F 329 -1.79 -12.19 36.14
N SER F 330 -2.33 -12.82 35.10
CA SER F 330 -1.54 -13.28 33.97
C SER F 330 -0.98 -12.14 33.11
N LYS F 331 0.22 -12.37 32.58
CA LYS F 331 1.01 -11.37 31.89
C LYS F 331 0.89 -11.40 30.37
N ASN F 332 0.07 -12.26 29.79
CA ASN F 332 -0.12 -12.32 28.33
C ASN F 332 -1.59 -12.54 27.98
N GLN F 333 -2.48 -11.82 28.65
CA GLN F 333 -3.92 -12.03 28.56
C GLN F 333 -4.47 -12.00 27.12
N LYS F 334 -4.00 -11.07 26.29
CA LYS F 334 -4.54 -10.97 24.93
C LYS F 334 -4.17 -12.17 24.05
N THR F 335 -3.03 -12.82 24.28
CA THR F 335 -2.71 -14.02 23.52
C THR F 335 -3.68 -15.16 23.84
N ILE F 336 -4.08 -15.30 25.09
CA ILE F 336 -5.08 -16.30 25.46
C ILE F 336 -6.38 -16.05 24.70
N CYS F 337 -6.82 -14.80 24.66
CA CYS F 337 -8.05 -14.44 23.97
C CYS F 337 -7.95 -14.57 22.46
N GLN F 338 -6.78 -14.29 21.87
CA GLN F 338 -6.62 -14.43 20.43
C GLN F 338 -6.81 -15.87 19.96
N GLN F 339 -6.27 -16.84 20.69
CA GLN F 339 -6.46 -18.24 20.33
C GLN F 339 -7.91 -18.67 20.43
N ALA F 340 -8.61 -18.27 21.48
CA ALA F 340 -10.03 -18.55 21.62
C ALA F 340 -10.87 -17.99 20.47
N VAL F 341 -10.62 -16.74 20.07
CA VAL F 341 -11.34 -16.17 18.92
C VAL F 341 -10.99 -16.87 17.61
N ASP F 342 -9.73 -17.24 17.40
CA ASP F 342 -9.42 -18.02 16.20
C ASP F 342 -10.16 -19.35 16.15
N THR F 343 -10.42 -19.96 17.31
CA THR F 343 -11.20 -21.20 17.37
C THR F 343 -12.66 -21.00 16.99
N VAL F 344 -13.28 -19.90 17.40
CA VAL F 344 -14.66 -19.62 16.98
C VAL F 344 -14.74 -19.21 15.51
N LEU F 345 -13.79 -18.41 15.05
CA LEU F 345 -13.77 -18.05 13.64
C LEU F 345 -13.48 -19.24 12.73
N ALA F 346 -12.62 -20.15 13.15
CA ALA F 346 -12.38 -21.38 12.38
C ALA F 346 -13.64 -22.21 12.17
N LYS F 347 -14.48 -22.34 13.19
CA LYS F 347 -15.70 -23.14 13.06
C LYS F 347 -16.67 -22.61 12.02
N LYS F 348 -16.74 -21.29 11.83
CA LYS F 348 -17.55 -20.73 10.75
C LYS F 348 -17.07 -21.17 9.36
N ARG F 349 -15.78 -21.36 9.16
CA ARG F 349 -15.28 -21.79 7.84
C ARG F 349 -15.42 -23.29 7.60
N VAL F 350 -15.42 -24.12 8.64
CA VAL F 350 -15.89 -25.49 8.47
C VAL F 350 -17.37 -25.51 8.03
N ASP F 351 -18.21 -24.69 8.64
CA ASP F 351 -19.63 -24.66 8.24
C ASP F 351 -19.85 -24.11 6.83
N SER F 352 -19.02 -23.18 6.36
CA SER F 352 -19.06 -22.77 4.96
C SER F 352 -18.86 -23.92 3.97
N LEU F 353 -18.15 -24.97 4.38
CA LEU F 353 -18.01 -26.16 3.54
C LEU F 353 -19.36 -26.73 3.11
N GLN F 354 -20.33 -26.74 4.01
CA GLN F 354 -21.49 -27.60 3.90
C GLN F 354 -22.79 -26.89 3.55
N LEU F 355 -22.86 -25.57 3.71
CA LEU F 355 -24.11 -24.85 3.52
C LEU F 355 -24.78 -25.08 2.17
N THR F 356 -25.87 -25.84 2.19
CA THR F 356 -26.82 -25.83 1.08
C THR F 356 -27.56 -24.51 1.08
N ARG F 357 -28.04 -24.10 -0.10
CA ARG F 357 -28.74 -22.83 -0.19
C ARG F 357 -30.02 -22.80 0.64
N GLU F 358 -30.63 -23.95 0.92
CA GLU F 358 -31.73 -23.96 1.87
C GLU F 358 -31.28 -23.50 3.26
N GLN F 359 -30.18 -24.05 3.75
CA GLN F 359 -29.72 -23.72 5.10
C GLN F 359 -29.23 -22.28 5.21
N MET F 360 -28.79 -21.67 4.12
CA MET F 360 -28.59 -20.21 4.12
C MET F 360 -29.87 -19.45 4.43
N LEU F 361 -30.98 -19.83 3.82
CA LEU F 361 -32.21 -19.11 4.09
C LEU F 361 -32.78 -19.44 5.46
N THR F 362 -32.58 -20.65 5.98
CA THR F 362 -32.98 -20.90 7.36
C THR F 362 -32.28 -19.96 8.34
N ASN F 363 -30.95 -19.84 8.28
CA ASN F 363 -30.29 -18.98 9.27
C ASN F 363 -30.44 -17.49 8.98
N ARG F 364 -30.57 -17.08 7.71
CA ARG F 364 -30.99 -15.71 7.42
C ARG F 364 -32.31 -15.36 8.09
N PHE F 365 -33.26 -16.29 8.13
CA PHE F 365 -34.50 -16.05 8.89
C PHE F 365 -34.27 -16.02 10.40
N ASN F 366 -33.46 -16.93 10.95
CA ASN F 366 -33.17 -16.88 12.38
C ASN F 366 -32.67 -15.51 12.81
N ASP F 367 -31.79 -14.89 12.02
CA ASP F 367 -31.31 -13.54 12.33
C ASP F 367 -32.40 -12.49 12.30
N LEU F 368 -33.48 -12.71 11.55
CA LEU F 368 -34.52 -11.68 11.47
C LEU F 368 -35.62 -11.86 12.50
N LEU F 369 -36.01 -13.10 12.82
CA LEU F 369 -36.99 -13.29 13.89
C LEU F 369 -36.49 -12.73 15.22
N ASP F 370 -35.22 -12.92 15.55
CA ASP F 370 -34.70 -12.43 16.82
C ASP F 370 -34.78 -10.91 16.95
N ARG F 371 -34.64 -10.18 15.84
CA ARG F 371 -34.90 -8.74 15.91
C ARG F 371 -36.38 -8.41 15.99
N MET F 372 -37.25 -9.25 15.44
CA MET F 372 -38.67 -9.12 15.73
C MET F 372 -38.99 -9.39 17.20
N ASP F 373 -38.37 -10.42 17.80
CA ASP F 373 -38.60 -10.68 19.22
C ASP F 373 -38.29 -9.47 20.08
N ILE F 374 -37.20 -8.77 19.79
CA ILE F 374 -36.82 -7.58 20.56
C ILE F 374 -37.79 -6.44 20.32
N MET F 375 -37.92 -6.01 19.06
CA MET F 375 -38.56 -4.73 18.76
C MET F 375 -40.02 -4.70 19.18
N PHE F 376 -40.73 -5.82 19.05
CA PHE F 376 -42.12 -5.93 19.47
C PHE F 376 -42.26 -6.46 20.89
N GLY F 377 -41.14 -6.70 21.57
CA GLY F 377 -41.13 -7.42 22.83
C GLY F 377 -41.46 -6.56 24.04
N SER F 378 -41.20 -7.16 25.21
CA SER F 378 -41.40 -6.47 26.48
C SER F 378 -40.65 -5.16 26.55
N THR F 379 -39.48 -5.09 25.92
CA THR F 379 -38.65 -3.89 25.89
C THR F 379 -38.75 -3.21 24.53
N GLY F 380 -39.90 -3.36 23.89
CA GLY F 380 -40.10 -3.00 22.50
C GLY F 380 -40.11 -1.51 22.22
N SER F 381 -40.23 -1.19 20.93
CA SER F 381 -40.11 0.16 20.43
C SER F 381 -41.18 0.54 19.43
N ALA F 382 -42.00 -0.39 18.94
CA ALA F 382 -43.12 -0.08 18.08
C ALA F 382 -44.16 -1.17 18.23
N ASP F 383 -45.43 -0.85 17.96
CA ASP F 383 -46.53 -1.78 18.16
C ASP F 383 -47.07 -2.27 16.82
N ILE F 384 -47.44 -3.55 16.78
CA ILE F 384 -47.81 -4.20 15.52
C ILE F 384 -49.03 -3.60 14.86
N GLU F 385 -49.83 -2.79 15.56
CA GLU F 385 -51.00 -2.22 14.90
C GLU F 385 -50.63 -1.27 13.78
N GLU F 386 -49.49 -0.60 13.85
CA GLU F 386 -49.02 0.13 12.67
C GLU F 386 -48.51 -0.82 11.59
N TRP F 387 -47.71 -1.81 11.96
CA TRP F 387 -47.12 -2.71 10.97
C TRP F 387 -48.17 -3.54 10.25
N MET F 388 -49.20 -4.00 10.96
CA MET F 388 -50.17 -4.89 10.33
C MET F 388 -51.01 -4.18 9.27
N ALA F 389 -51.36 -2.91 9.48
CA ALA F 389 -52.07 -2.18 8.44
C ALA F 389 -51.21 -2.02 7.18
N GLY F 390 -49.89 -1.90 7.34
CA GLY F 390 -49.01 -1.93 6.19
C GLY F 390 -49.00 -3.26 5.47
N VAL F 391 -48.90 -4.36 6.22
CA VAL F 391 -48.98 -5.70 5.63
C VAL F 391 -50.30 -5.90 4.90
N ALA F 392 -51.39 -5.43 5.50
CA ALA F 392 -52.65 -5.40 4.78
C ALA F 392 -52.61 -4.50 3.54
N TRP F 393 -51.85 -3.40 3.58
CA TRP F 393 -51.72 -2.55 2.38
C TRP F 393 -50.95 -3.25 1.26
N LEU F 394 -49.81 -3.86 1.55
CA LEU F 394 -49.12 -4.62 0.50
C LEU F 394 -49.95 -5.81 0.03
N HIS F 395 -50.73 -6.42 0.90
CA HIS F 395 -51.63 -7.47 0.46
C HIS F 395 -52.77 -6.98 -0.43
N CYS F 396 -52.78 -5.70 -0.81
CA CYS F 396 -53.65 -5.22 -1.89
C CYS F 396 -52.90 -4.42 -2.95
N LEU F 397 -51.58 -4.28 -2.82
CA LEU F 397 -50.79 -3.64 -3.87
C LEU F 397 -50.79 -4.48 -5.14
N LEU F 398 -50.75 -5.79 -5.00
CA LEU F 398 -50.52 -6.70 -6.09
C LEU F 398 -51.41 -7.91 -5.90
N PRO F 399 -51.97 -8.49 -6.97
CA PRO F 399 -52.83 -9.67 -6.80
C PRO F 399 -52.12 -10.82 -6.10
N LYS F 400 -52.81 -11.42 -5.13
CA LYS F 400 -52.46 -12.72 -4.54
C LYS F 400 -51.05 -12.77 -3.96
N MET F 401 -50.57 -11.66 -3.41
CA MET F 401 -49.14 -11.53 -3.13
C MET F 401 -48.59 -12.52 -2.10
N ASP F 402 -49.43 -13.07 -1.20
CA ASP F 402 -48.94 -14.08 -0.26
C ASP F 402 -48.46 -15.35 -0.95
N SER F 403 -48.98 -15.65 -2.13
CA SER F 403 -48.44 -16.75 -2.93
C SER F 403 -47.16 -16.35 -3.65
N VAL F 404 -47.08 -15.11 -4.13
CA VAL F 404 -45.94 -14.66 -4.93
C VAL F 404 -44.64 -14.74 -4.14
N VAL F 405 -44.64 -14.27 -2.89
CA VAL F 405 -43.37 -14.21 -2.17
C VAL F 405 -42.81 -15.60 -1.88
N TYR F 406 -43.65 -16.55 -1.52
CA TYR F 406 -43.15 -17.92 -1.32
C TYR F 406 -42.65 -18.55 -2.61
N ASP F 407 -43.37 -18.37 -3.72
CA ASP F 407 -42.85 -18.82 -5.02
C ASP F 407 -41.54 -18.15 -5.39
N PHE F 408 -41.46 -16.83 -5.21
CA PHE F 408 -40.22 -16.12 -5.50
C PHE F 408 -39.03 -16.67 -4.72
N LEU F 409 -39.21 -16.88 -3.42
CA LEU F 409 -38.11 -17.37 -2.60
C LEU F 409 -37.60 -18.74 -3.02
N LYS F 410 -38.50 -19.63 -3.44
CA LYS F 410 -38.04 -20.96 -3.86
C LYS F 410 -37.29 -20.94 -5.18
N CYS F 411 -37.63 -20.06 -6.12
CA CYS F 411 -36.74 -19.85 -7.27
C CYS F 411 -35.33 -19.48 -6.83
N MET F 412 -35.21 -18.55 -5.89
CA MET F 412 -33.90 -18.14 -5.39
C MET F 412 -33.18 -19.27 -4.66
N VAL F 413 -33.88 -20.08 -3.87
CA VAL F 413 -33.22 -21.17 -3.17
C VAL F 413 -32.75 -22.25 -4.15
N TYR F 414 -33.62 -22.67 -5.07
CA TYR F 414 -33.19 -23.69 -6.04
C TYR F 414 -32.10 -23.16 -6.97
N ASN F 415 -32.17 -21.90 -7.38
CA ASN F 415 -31.21 -21.31 -8.31
C ASN F 415 -31.04 -22.16 -9.57
N ILE F 416 -32.17 -22.52 -10.15
CA ILE F 416 -32.18 -23.35 -11.37
C ILE F 416 -31.72 -22.50 -12.57
N PRO F 417 -30.74 -22.94 -13.35
CA PRO F 417 -30.27 -22.11 -14.47
C PRO F 417 -31.35 -21.79 -15.49
N LYS F 418 -31.24 -20.59 -16.06
CA LYS F 418 -32.20 -19.96 -16.97
C LYS F 418 -33.57 -19.60 -16.35
N LYS F 419 -33.91 -20.17 -15.20
CA LYS F 419 -35.14 -19.87 -14.48
C LYS F 419 -34.98 -18.79 -13.40
N ARG F 420 -33.91 -17.99 -13.45
CA ARG F 420 -33.43 -17.24 -12.28
C ARG F 420 -34.07 -15.87 -12.04
N TYR F 421 -34.41 -15.09 -13.08
CA TYR F 421 -34.66 -13.67 -12.92
C TYR F 421 -36.12 -13.27 -13.13
N TRP F 422 -36.60 -12.34 -12.28
CA TRP F 422 -37.95 -11.79 -12.34
C TRP F 422 -37.90 -10.31 -12.75
N LEU F 423 -38.82 -9.90 -13.63
CA LEU F 423 -38.87 -8.52 -14.13
C LEU F 423 -40.07 -7.77 -13.53
N PHE F 424 -39.78 -6.72 -12.75
CA PHE F 424 -40.78 -5.82 -12.19
C PHE F 424 -40.91 -4.59 -13.09
N LYS F 425 -42.05 -4.44 -13.76
CA LYS F 425 -42.23 -3.40 -14.76
C LYS F 425 -43.41 -2.51 -14.37
N GLY F 426 -43.29 -1.22 -14.66
CA GLY F 426 -44.39 -0.29 -14.47
C GLY F 426 -43.96 1.16 -14.65
N PRO F 427 -44.92 2.05 -14.90
CA PRO F 427 -44.58 3.48 -14.98
C PRO F 427 -44.10 4.01 -13.64
N ILE F 428 -43.58 5.24 -13.67
CA ILE F 428 -43.11 5.89 -12.46
C ILE F 428 -44.22 5.97 -11.41
N ASP F 429 -43.82 5.85 -10.15
CA ASP F 429 -44.75 5.89 -9.02
C ASP F 429 -45.80 4.79 -9.09
N SER F 430 -45.36 3.56 -9.37
CA SER F 430 -46.26 2.41 -9.44
C SER F 430 -46.06 1.39 -8.33
N GLY F 431 -44.94 1.44 -7.63
CA GLY F 431 -44.67 0.56 -6.50
C GLY F 431 -43.40 -0.28 -6.66
N LYS F 432 -42.64 -0.11 -7.74
CA LYS F 432 -41.54 -1.00 -8.06
C LYS F 432 -40.42 -0.90 -7.03
N THR F 433 -39.89 0.31 -6.85
CA THR F 433 -38.76 0.49 -5.96
C THR F 433 -39.14 0.19 -4.51
N THR F 434 -40.35 0.57 -4.09
CA THR F 434 -40.77 0.31 -2.71
C THR F 434 -40.98 -1.18 -2.41
N LEU F 435 -41.38 -1.99 -3.39
CA LEU F 435 -41.37 -3.43 -3.14
C LEU F 435 -39.97 -4.04 -3.27
N ALA F 436 -39.13 -3.50 -4.14
CA ALA F 436 -37.79 -4.04 -4.29
C ALA F 436 -36.99 -3.89 -2.99
N ALA F 437 -37.17 -2.78 -2.28
CA ALA F 437 -36.54 -2.61 -0.98
C ALA F 437 -36.88 -3.72 0.01
N ALA F 438 -38.15 -4.12 0.09
CA ALA F 438 -38.55 -5.16 1.04
C ALA F 438 -38.06 -6.56 0.66
N LEU F 439 -38.07 -6.91 -0.62
CA LEU F 439 -37.49 -8.19 -1.01
C LEU F 439 -35.99 -8.26 -0.79
N LEU F 440 -35.26 -7.19 -1.12
CA LEU F 440 -33.83 -7.18 -0.86
C LEU F 440 -33.51 -7.26 0.63
N GLU F 441 -34.38 -6.72 1.48
CA GLU F 441 -34.18 -6.83 2.92
C GLU F 441 -34.68 -8.15 3.50
N LEU F 442 -35.57 -8.86 2.81
CA LEU F 442 -35.88 -10.23 3.23
C LEU F 442 -34.70 -11.15 2.98
N CYS F 443 -34.16 -11.15 1.76
CA CYS F 443 -32.88 -11.79 1.49
C CYS F 443 -31.74 -10.98 2.11
N GLY F 444 -30.51 -11.31 1.72
CA GLY F 444 -29.41 -10.37 1.73
C GLY F 444 -28.88 -10.16 0.32
N GLY F 445 -28.38 -8.95 0.05
CA GLY F 445 -27.87 -8.67 -1.28
C GLY F 445 -27.46 -7.21 -1.44
N LYS F 446 -27.25 -6.82 -2.70
CA LYS F 446 -26.99 -5.44 -3.06
C LYS F 446 -27.66 -5.07 -4.38
N ALA F 447 -27.81 -3.76 -4.59
CA ALA F 447 -28.23 -3.19 -5.87
C ALA F 447 -27.03 -2.81 -6.76
N LEU F 448 -27.26 -2.83 -8.08
CA LEU F 448 -26.28 -2.40 -9.08
C LEU F 448 -26.89 -1.38 -10.04
N ASN F 449 -26.07 -0.44 -10.53
CA ASN F 449 -26.50 0.65 -11.42
C ASN F 449 -25.88 0.52 -12.82
N VAL F 450 -26.50 -0.27 -13.69
CA VAL F 450 -25.90 -0.60 -14.99
C VAL F 450 -26.06 0.47 -16.08
N ASN F 451 -26.50 1.68 -15.73
CA ASN F 451 -26.60 2.74 -16.74
C ASN F 451 -25.25 3.30 -17.19
N LEU F 452 -24.17 3.00 -16.47
CA LEU F 452 -22.85 3.51 -16.80
C LEU F 452 -22.40 3.10 -18.21
N PRO F 453 -21.60 3.93 -18.89
CA PRO F 453 -20.94 3.49 -20.12
C PRO F 453 -20.12 2.22 -19.92
N LEU F 454 -19.94 1.50 -21.04
CA LEU F 454 -19.41 0.14 -21.01
C LEU F 454 -18.03 0.03 -20.34
N ASP F 455 -17.24 1.11 -20.37
CA ASP F 455 -15.93 1.08 -19.73
C ASP F 455 -15.99 0.81 -18.24
N ARG F 456 -16.96 1.41 -17.56
CA ARG F 456 -17.04 1.42 -16.11
C ARG F 456 -17.90 0.30 -15.54
N LEU F 457 -18.71 -0.33 -16.39
CA LEU F 457 -19.58 -1.44 -15.99
C LEU F 457 -18.82 -2.62 -15.37
N ASN F 458 -17.60 -2.90 -15.82
CA ASN F 458 -16.86 -4.05 -15.30
C ASN F 458 -16.60 -3.94 -13.80
N PHE F 459 -16.29 -2.76 -13.29
CA PHE F 459 -16.13 -2.60 -11.84
C PHE F 459 -17.46 -2.58 -11.09
N GLU F 460 -18.50 -2.02 -11.69
CA GLU F 460 -19.81 -2.05 -11.05
C GLU F 460 -20.31 -3.47 -10.84
N LEU F 461 -20.19 -4.32 -11.86
CA LEU F 461 -20.64 -5.70 -11.73
C LEU F 461 -19.87 -6.49 -10.68
N GLY F 462 -18.65 -6.08 -10.35
CA GLY F 462 -17.85 -6.77 -9.34
C GLY F 462 -18.38 -6.69 -7.92
N VAL F 463 -19.34 -5.82 -7.65
CA VAL F 463 -19.94 -5.74 -6.31
C VAL F 463 -20.66 -7.01 -5.91
N ALA F 464 -21.10 -7.82 -6.85
CA ALA F 464 -21.84 -9.05 -6.59
C ALA F 464 -20.99 -10.20 -6.05
N ILE F 465 -19.70 -10.01 -5.82
CA ILE F 465 -18.84 -11.11 -5.35
C ILE F 465 -19.33 -11.68 -4.04
N ASP F 466 -19.56 -12.99 -4.03
CA ASP F 466 -19.99 -13.78 -2.88
C ASP F 466 -21.23 -13.22 -2.17
N GLN F 467 -22.36 -13.21 -2.89
CA GLN F 467 -23.63 -12.74 -2.33
C GLN F 467 -24.79 -13.65 -2.74
N PHE F 468 -25.90 -13.53 -2.00
CA PHE F 468 -27.11 -14.31 -2.29
C PHE F 468 -27.98 -13.70 -3.40
N LEU F 469 -28.07 -12.38 -3.52
CA LEU F 469 -29.03 -11.76 -4.43
C LEU F 469 -28.48 -10.47 -5.03
N VAL F 470 -28.90 -10.16 -6.26
CA VAL F 470 -28.60 -8.90 -6.94
C VAL F 470 -29.89 -8.25 -7.44
N VAL F 471 -30.02 -6.94 -7.27
CA VAL F 471 -31.15 -6.19 -7.82
C VAL F 471 -30.63 -5.09 -8.76
N PHE F 472 -31.17 -5.03 -9.97
CA PHE F 472 -30.83 -4.01 -10.94
C PHE F 472 -31.94 -2.94 -10.94
N GLU F 473 -31.54 -1.68 -10.83
CA GLU F 473 -32.47 -0.57 -10.67
C GLU F 473 -32.46 0.38 -11.86
N ASP F 474 -33.66 0.78 -12.30
CA ASP F 474 -33.90 1.83 -13.29
C ASP F 474 -32.95 1.80 -14.48
N VAL F 475 -32.98 0.69 -15.20
CA VAL F 475 -32.32 0.65 -16.51
C VAL F 475 -33.00 1.63 -17.46
N LYS F 476 -32.23 2.59 -17.97
CA LYS F 476 -32.71 3.50 -19.01
C LYS F 476 -32.72 2.81 -20.38
N GLY F 477 -33.77 3.04 -21.14
CA GLY F 477 -33.91 2.53 -22.49
C GLY F 477 -33.44 3.51 -23.55
N THR F 478 -34.00 3.36 -24.75
CA THR F 478 -33.86 4.34 -25.82
C THR F 478 -35.13 4.41 -26.65
N GLY F 479 -35.46 5.61 -27.10
CA GLY F 479 -36.76 5.89 -27.70
C GLY F 479 -37.86 6.20 -26.70
N GLY F 480 -37.56 6.12 -25.41
CA GLY F 480 -38.54 6.45 -24.38
C GLY F 480 -38.90 7.93 -24.31
N GLU F 481 -38.09 8.78 -24.93
CA GLU F 481 -38.42 10.21 -25.02
C GLU F 481 -39.76 10.43 -25.70
N SER F 482 -40.22 9.48 -26.50
CA SER F 482 -41.58 9.50 -27.05
C SER F 482 -42.65 9.61 -25.97
N ARG F 483 -42.32 9.28 -24.72
CA ARG F 483 -43.19 9.52 -23.58
C ARG F 483 -42.45 10.27 -22.49
N ASP F 484 -41.50 11.11 -22.93
CA ASP F 484 -40.67 11.94 -22.05
C ASP F 484 -39.85 11.13 -21.04
N LEU F 485 -39.55 9.89 -21.36
CA LEU F 485 -38.65 9.09 -20.54
C LEU F 485 -37.21 9.39 -20.93
N PRO F 486 -36.30 9.65 -19.97
CA PRO F 486 -34.87 9.71 -20.30
C PRO F 486 -34.36 8.45 -21.01
N SER F 487 -33.26 8.55 -21.76
CA SER F 487 -32.71 7.43 -22.50
C SER F 487 -31.23 7.20 -22.19
N GLY F 488 -30.80 5.95 -22.32
CA GLY F 488 -29.42 5.59 -22.03
C GLY F 488 -29.13 4.15 -22.41
N GLN F 489 -27.92 3.71 -22.06
CA GLN F 489 -27.41 2.40 -22.45
C GLN F 489 -27.87 1.24 -21.57
N GLY F 490 -28.54 1.52 -20.45
CA GLY F 490 -28.76 0.49 -19.43
C GLY F 490 -29.38 -0.79 -19.93
N ILE F 491 -30.39 -0.68 -20.80
CA ILE F 491 -31.00 -1.88 -21.38
C ILE F 491 -30.02 -2.60 -22.31
N ASN F 492 -29.24 -1.84 -23.07
CA ASN F 492 -28.35 -2.43 -24.06
C ASN F 492 -27.14 -3.11 -23.41
N ASN F 493 -26.61 -2.52 -22.33
CA ASN F 493 -25.66 -3.23 -21.47
C ASN F 493 -26.23 -4.56 -20.96
N LEU F 494 -27.41 -4.54 -20.38
CA LEU F 494 -27.96 -5.74 -19.76
C LEU F 494 -28.20 -6.85 -20.78
N ASP F 495 -28.66 -6.49 -21.98
CA ASP F 495 -28.82 -7.49 -23.03
C ASP F 495 -27.53 -8.21 -23.37
N ASN F 496 -26.38 -7.56 -23.24
CA ASN F 496 -25.08 -8.17 -23.48
C ASN F 496 -24.51 -8.98 -22.31
N LEU F 497 -25.13 -8.99 -21.14
CA LEU F 497 -24.68 -9.81 -19.99
C LEU F 497 -25.28 -11.21 -19.97
N ARG F 498 -25.45 -11.81 -21.16
CA ARG F 498 -26.12 -13.10 -21.33
C ARG F 498 -25.67 -14.17 -20.32
N ASP F 499 -24.36 -14.39 -20.20
CA ASP F 499 -23.87 -15.46 -19.33
C ASP F 499 -24.06 -15.18 -17.84
N TYR F 500 -24.07 -13.91 -17.44
CA TYR F 500 -24.34 -13.56 -16.05
C TYR F 500 -25.78 -13.82 -15.66
N LEU F 501 -26.72 -13.56 -16.57
CA LEU F 501 -28.13 -13.83 -16.28
C LEU F 501 -28.45 -15.32 -16.28
N ASP F 502 -28.02 -16.06 -17.30
CA ASP F 502 -28.44 -17.46 -17.44
C ASP F 502 -27.88 -18.36 -16.34
N GLY F 503 -26.61 -18.22 -16.00
CA GLY F 503 -26.06 -18.93 -14.85
C GLY F 503 -25.64 -20.37 -15.08
N SER F 504 -25.40 -20.79 -16.32
CA SER F 504 -24.88 -22.14 -16.55
C SER F 504 -23.38 -22.24 -16.32
N VAL F 505 -22.63 -21.17 -16.56
CA VAL F 505 -21.18 -21.19 -16.60
C VAL F 505 -20.62 -20.24 -15.55
N LYS F 506 -19.42 -20.54 -15.06
CA LYS F 506 -18.74 -19.64 -14.12
C LYS F 506 -18.17 -18.41 -14.82
N VAL F 507 -18.37 -17.24 -14.20
CA VAL F 507 -17.96 -15.96 -14.77
C VAL F 507 -16.93 -15.28 -13.87
N ASN F 508 -16.10 -14.44 -14.49
CA ASN F 508 -15.11 -13.63 -13.78
C ASN F 508 -15.70 -12.33 -13.25
N LEU F 509 -15.42 -12.01 -11.99
CA LEU F 509 -15.79 -10.75 -11.36
C LEU F 509 -14.52 -10.12 -10.78
N GLU F 510 -14.39 -8.79 -10.88
CA GLU F 510 -13.29 -8.11 -10.21
C GLU F 510 -13.74 -6.84 -9.48
N LYS F 511 -13.31 -6.74 -8.22
CA LYS F 511 -13.30 -5.49 -7.48
C LYS F 511 -12.07 -4.68 -7.88
N LYS F 512 -12.17 -3.36 -7.74
CA LYS F 512 -10.97 -2.54 -7.81
C LYS F 512 -9.94 -2.97 -6.76
N HIS F 513 -8.66 -2.94 -7.16
CA HIS F 513 -7.50 -3.31 -6.34
C HIS F 513 -7.40 -4.79 -5.95
N LEU F 514 -8.16 -5.70 -6.57
CA LEU F 514 -8.08 -7.12 -6.23
C LEU F 514 -8.01 -7.98 -7.49
N ASN F 515 -7.62 -9.25 -7.29
CA ASN F 515 -7.60 -10.26 -8.35
C ASN F 515 -9.00 -10.79 -8.67
N LYS F 516 -9.15 -11.33 -9.89
CA LYS F 516 -10.45 -11.77 -10.39
C LYS F 516 -10.93 -13.06 -9.73
N ARG F 517 -12.23 -13.09 -9.39
CA ARG F 517 -12.91 -14.22 -8.76
C ARG F 517 -13.84 -14.92 -9.74
N THR F 518 -13.83 -16.25 -9.74
CA THR F 518 -14.62 -17.06 -10.66
C THR F 518 -15.75 -17.74 -9.90
N GLN F 519 -17.00 -17.43 -10.26
CA GLN F 519 -18.18 -17.96 -9.59
C GLN F 519 -19.38 -17.87 -10.50
N ILE F 520 -20.47 -18.57 -10.14
CA ILE F 520 -21.76 -18.37 -10.80
C ILE F 520 -22.41 -17.08 -10.27
N PHE F 521 -22.92 -16.25 -11.18
CA PHE F 521 -23.50 -14.96 -10.81
C PHE F 521 -24.83 -15.14 -10.06
N PRO F 522 -25.03 -14.42 -8.96
CA PRO F 522 -26.28 -14.59 -8.18
C PRO F 522 -27.53 -14.29 -8.98
N PRO F 523 -28.66 -14.89 -8.59
CA PRO F 523 -29.97 -14.54 -9.19
C PRO F 523 -30.48 -13.18 -8.68
N GLY F 524 -31.58 -12.70 -9.25
CA GLY F 524 -31.99 -11.34 -8.92
C GLY F 524 -33.29 -10.87 -9.56
N ILE F 525 -33.51 -9.55 -9.43
CA ILE F 525 -34.70 -8.84 -9.90
C ILE F 525 -34.26 -7.64 -10.73
N VAL F 526 -34.94 -7.41 -11.86
CA VAL F 526 -34.76 -6.20 -12.66
C VAL F 526 -36.01 -5.33 -12.54
N THR F 527 -35.82 -4.06 -12.17
CA THR F 527 -36.89 -3.08 -12.04
C THR F 527 -36.73 -2.05 -13.15
N MET F 528 -37.81 -1.77 -13.88
CA MET F 528 -37.70 -1.03 -15.12
C MET F 528 -38.82 0.00 -15.26
N ASN F 529 -38.44 1.21 -15.69
CA ASN F 529 -39.38 2.30 -15.90
C ASN F 529 -40.01 2.27 -17.30
N GLU F 530 -40.75 1.19 -17.55
CA GLU F 530 -41.78 1.08 -18.60
C GLU F 530 -41.31 1.06 -20.06
N TYR F 531 -40.00 1.08 -20.35
CA TYR F 531 -39.52 1.02 -21.75
C TYR F 531 -39.92 -0.29 -22.45
N SER F 532 -39.66 -0.34 -23.76
CA SER F 532 -39.68 -1.59 -24.52
C SER F 532 -38.50 -2.48 -24.14
N VAL F 533 -38.65 -3.78 -24.38
CA VAL F 533 -37.59 -4.77 -24.12
C VAL F 533 -37.31 -5.62 -25.35
N PRO F 534 -36.07 -5.68 -25.84
CA PRO F 534 -35.76 -6.61 -26.94
C PRO F 534 -36.08 -8.04 -26.58
N LYS F 535 -36.59 -8.79 -27.56
CA LYS F 535 -37.05 -10.15 -27.29
C LYS F 535 -35.91 -11.09 -26.87
N THR F 536 -34.67 -10.75 -27.21
CA THR F 536 -33.52 -11.46 -26.65
C THR F 536 -33.51 -11.38 -25.13
N LEU F 537 -33.64 -10.17 -24.58
CA LEU F 537 -33.66 -9.98 -23.14
C LEU F 537 -34.93 -10.53 -22.50
N GLN F 538 -36.05 -10.49 -23.22
CA GLN F 538 -37.30 -11.05 -22.70
C GLN F 538 -37.22 -12.54 -22.39
N ALA F 539 -36.40 -13.29 -23.13
CA ALA F 539 -36.26 -14.72 -22.84
C ALA F 539 -35.47 -15.02 -21.57
N ARG F 540 -34.79 -14.05 -20.97
CA ARG F 540 -34.03 -14.29 -19.75
C ARG F 540 -34.87 -14.33 -18.48
N PHE F 541 -36.08 -13.79 -18.50
CA PHE F 541 -36.88 -13.61 -17.29
C PHE F 541 -37.96 -14.67 -17.18
N VAL F 542 -38.01 -15.34 -16.03
CA VAL F 542 -38.94 -16.46 -15.85
C VAL F 542 -40.36 -15.96 -15.64
N LYS F 543 -40.55 -14.78 -15.05
CA LYS F 543 -41.88 -14.26 -14.77
C LYS F 543 -41.82 -12.73 -14.78
N GLN F 544 -42.88 -12.10 -15.30
CA GLN F 544 -42.98 -10.65 -15.36
C GLN F 544 -44.15 -10.16 -14.50
N ILE F 545 -43.88 -9.16 -13.67
CA ILE F 545 -44.88 -8.55 -12.80
C ILE F 545 -45.11 -7.11 -13.26
N ASP F 546 -46.35 -6.76 -13.54
CA ASP F 546 -46.74 -5.41 -13.94
C ASP F 546 -47.33 -4.66 -12.74
N PHE F 547 -46.76 -3.51 -12.42
CA PHE F 547 -47.27 -2.65 -11.36
C PHE F 547 -48.02 -1.47 -11.97
N ARG F 548 -49.19 -1.15 -11.41
CA ARG F 548 -50.07 -0.13 -11.97
C ARG F 548 -50.50 0.88 -10.91
N PRO F 549 -50.50 2.18 -11.24
CA PRO F 549 -51.05 3.17 -10.30
C PRO F 549 -52.51 2.88 -9.94
N LYS F 550 -52.82 3.03 -8.65
CA LYS F 550 -54.20 2.99 -8.17
C LYS F 550 -54.43 4.17 -7.22
N ASP F 551 -55.32 5.09 -7.62
CA ASP F 551 -55.51 6.30 -6.83
C ASP F 551 -56.04 6.04 -5.43
N TYR F 552 -56.80 4.96 -5.22
CA TYR F 552 -57.27 4.65 -3.87
C TYR F 552 -56.14 4.20 -2.96
N LEU F 553 -55.08 3.62 -3.51
CA LEU F 553 -53.88 3.39 -2.69
C LEU F 553 -53.23 4.70 -2.27
N LYS F 554 -53.24 5.70 -3.14
CA LYS F 554 -52.71 7.02 -2.78
C LYS F 554 -53.59 7.72 -1.74
N HIS F 555 -54.92 7.71 -1.94
CA HIS F 555 -55.79 8.26 -0.92
C HIS F 555 -55.64 7.52 0.40
N CYS F 556 -55.50 6.20 0.34
CA CYS F 556 -55.22 5.44 1.55
C CYS F 556 -53.94 5.92 2.23
N LEU F 557 -52.83 5.97 1.50
CA LEU F 557 -51.59 6.49 2.06
C LEU F 557 -51.72 7.91 2.60
N GLU F 558 -52.37 8.79 1.84
CA GLU F 558 -52.57 10.16 2.31
C GLU F 558 -53.38 10.24 3.60
N ARG F 559 -54.37 9.37 3.75
CA ARG F 559 -55.15 9.30 4.97
C ARG F 559 -54.55 8.36 6.00
N SER F 560 -53.29 7.93 5.82
CA SER F 560 -52.65 7.04 6.76
C SER F 560 -51.13 7.25 6.76
N GLU F 561 -50.72 8.51 6.66
CA GLU F 561 -49.34 8.84 6.29
C GLU F 561 -48.30 8.26 7.24
N PHE F 562 -48.68 7.90 8.47
CA PHE F 562 -47.79 7.14 9.35
C PHE F 562 -47.23 5.86 8.71
N LEU F 563 -47.95 5.26 7.77
CA LEU F 563 -47.42 4.10 7.06
C LEU F 563 -46.08 4.40 6.42
N LEU F 564 -45.96 5.54 5.77
CA LEU F 564 -44.68 5.93 5.18
C LEU F 564 -43.72 6.50 6.21
N GLU F 565 -44.20 7.34 7.13
CA GLU F 565 -43.30 8.06 8.02
C GLU F 565 -42.62 7.15 9.04
N LYS F 566 -43.26 6.06 9.46
CA LYS F 566 -42.54 5.05 10.22
C LYS F 566 -41.81 4.07 9.30
N ARG F 567 -41.99 4.20 7.99
CA ARG F 567 -41.41 3.32 6.99
C ARG F 567 -41.83 1.86 7.20
N ILE F 568 -43.12 1.69 7.44
CA ILE F 568 -43.71 0.37 7.66
C ILE F 568 -43.53 -0.51 6.43
N ILE F 569 -43.80 0.06 5.25
CA ILE F 569 -43.86 -0.72 4.02
C ILE F 569 -42.50 -1.29 3.63
N GLN F 570 -41.46 -0.47 3.63
CA GLN F 570 -40.16 -0.87 3.09
C GLN F 570 -39.31 -1.62 4.11
N SER F 571 -39.77 -2.81 4.52
CA SER F 571 -38.91 -3.63 5.35
C SER F 571 -39.16 -5.11 5.14
N GLY F 572 -38.08 -5.90 5.29
CA GLY F 572 -38.17 -7.35 5.30
C GLY F 572 -38.98 -7.87 6.47
N ILE F 573 -39.17 -7.04 7.49
CA ILE F 573 -40.03 -7.38 8.60
C ILE F 573 -41.50 -7.50 8.16
N ALA F 574 -41.96 -6.61 7.29
CA ALA F 574 -43.32 -6.70 6.76
C ALA F 574 -43.54 -7.94 5.90
N LEU F 575 -42.55 -8.32 5.09
CA LEU F 575 -42.69 -9.54 4.29
C LEU F 575 -42.60 -10.82 5.11
N LEU F 576 -41.70 -10.88 6.09
CA LEU F 576 -41.67 -12.04 6.98
C LEU F 576 -42.96 -12.17 7.77
N LEU F 577 -43.49 -11.05 8.25
CA LEU F 577 -44.79 -11.06 8.93
C LEU F 577 -45.92 -11.57 8.03
N MET F 578 -45.85 -11.30 6.73
CA MET F 578 -46.83 -11.86 5.80
C MET F 578 -46.63 -13.36 5.56
N LEU F 579 -45.38 -13.81 5.43
CA LEU F 579 -45.16 -15.25 5.34
C LEU F 579 -45.64 -15.96 6.59
N ILE F 580 -45.49 -15.34 7.76
CA ILE F 580 -46.02 -15.94 8.99
C ILE F 580 -47.53 -16.10 8.92
N TRP F 581 -48.26 -15.06 8.53
CA TRP F 581 -49.72 -15.10 8.62
C TRP F 581 -50.32 -16.19 7.73
N TYR F 582 -50.09 -16.12 6.41
CA TYR F 582 -50.89 -16.94 5.51
C TYR F 582 -50.39 -18.37 5.27
N ARG F 583 -49.08 -18.57 5.14
CA ARG F 583 -48.57 -19.88 4.73
C ARG F 583 -48.69 -20.93 5.83
N PRO F 584 -48.80 -22.21 5.46
CA PRO F 584 -48.82 -23.30 6.45
C PRO F 584 -47.45 -23.60 7.02
N VAL F 585 -47.43 -24.31 8.15
CA VAL F 585 -46.20 -24.50 8.91
C VAL F 585 -45.31 -25.63 8.37
N ALA F 586 -45.90 -26.68 7.79
CA ALA F 586 -45.12 -27.87 7.46
C ALA F 586 -44.12 -27.67 6.31
N GLU F 587 -44.21 -26.58 5.56
CA GLU F 587 -43.27 -26.29 4.47
C GLU F 587 -42.04 -25.50 4.90
N PHE F 588 -42.04 -24.90 6.09
CA PHE F 588 -40.80 -24.36 6.63
C PHE F 588 -39.89 -25.51 7.07
N ALA F 589 -38.59 -25.25 7.10
CA ALA F 589 -37.61 -26.30 7.38
C ALA F 589 -37.91 -26.99 8.71
N GLN F 590 -37.72 -28.31 8.72
CA GLN F 590 -38.16 -29.13 9.85
C GLN F 590 -37.52 -28.72 11.18
N SER F 591 -36.40 -28.00 11.18
CA SER F 591 -35.88 -27.42 12.42
C SER F 591 -36.56 -26.11 12.81
N ILE F 592 -36.56 -25.13 11.92
CA ILE F 592 -37.01 -23.78 12.28
C ILE F 592 -38.51 -23.69 12.51
N GLN F 593 -39.29 -24.65 12.00
CA GLN F 593 -40.76 -24.56 12.05
C GLN F 593 -41.31 -24.37 13.46
N SER F 594 -40.62 -24.85 14.49
CA SER F 594 -41.08 -24.62 15.87
C SER F 594 -41.18 -23.14 16.23
N ARG F 595 -40.30 -22.29 15.70
CA ARG F 595 -40.36 -20.85 16.02
C ARG F 595 -41.54 -20.12 15.38
N ILE F 596 -42.21 -20.71 14.40
CA ILE F 596 -43.44 -20.12 13.85
C ILE F 596 -44.67 -20.50 14.67
N VAL F 597 -44.61 -21.60 15.43
CA VAL F 597 -45.67 -21.89 16.39
C VAL F 597 -45.92 -20.70 17.29
N GLU F 598 -44.85 -20.14 17.87
CA GLU F 598 -45.00 -19.05 18.82
C GLU F 598 -45.48 -17.74 18.17
N TRP F 599 -44.91 -17.36 17.02
CA TRP F 599 -45.39 -16.13 16.37
C TRP F 599 -46.81 -16.28 15.82
N LYS F 600 -47.21 -17.46 15.37
CA LYS F 600 -48.62 -17.69 15.07
C LYS F 600 -49.48 -17.45 16.31
N GLU F 601 -49.19 -18.19 17.39
CA GLU F 601 -50.01 -18.09 18.59
C GLU F 601 -49.95 -16.70 19.21
N ARG F 602 -48.82 -16.01 19.10
CA ARG F 602 -48.77 -14.61 19.54
C ARG F 602 -49.71 -13.74 18.71
N LEU F 603 -49.60 -13.81 17.39
CA LEU F 603 -50.46 -13.01 16.52
C LEU F 603 -51.93 -13.41 16.70
N ASP F 604 -52.21 -14.70 16.76
CA ASP F 604 -53.58 -15.18 16.88
C ASP F 604 -54.29 -14.71 18.14
N LYS F 605 -53.56 -14.14 19.10
CA LYS F 605 -54.10 -13.73 20.38
C LYS F 605 -53.89 -12.25 20.64
N GLU F 606 -52.77 -11.69 20.21
CA GLU F 606 -52.55 -10.25 20.28
C GLU F 606 -53.37 -9.50 19.24
N PHE F 607 -53.82 -10.18 18.17
CA PHE F 607 -54.51 -9.53 17.07
C PHE F 607 -55.73 -10.35 16.67
N SER F 608 -56.70 -9.70 16.04
CA SER F 608 -57.99 -10.31 15.73
C SER F 608 -58.09 -10.70 14.26
N LEU F 609 -58.55 -11.94 14.04
CA LEU F 609 -58.87 -12.44 12.70
C LEU F 609 -59.88 -11.56 11.95
N SER F 610 -60.79 -10.90 12.66
CA SER F 610 -61.74 -9.99 12.01
C SER F 610 -61.16 -8.60 11.76
N VAL F 611 -60.36 -8.08 12.69
CA VAL F 611 -59.82 -6.73 12.56
C VAL F 611 -58.93 -6.60 11.32
N TYR F 612 -58.20 -7.66 10.97
CA TYR F 612 -57.48 -7.66 9.70
C TYR F 612 -58.39 -7.33 8.52
N GLN F 613 -59.54 -7.99 8.43
CA GLN F 613 -60.48 -7.74 7.33
C GLN F 613 -61.06 -6.32 7.38
N LYS F 614 -61.28 -5.78 8.58
CA LYS F 614 -61.68 -4.39 8.71
C LYS F 614 -60.66 -3.43 8.11
N MET F 615 -59.37 -3.62 8.41
CA MET F 615 -58.37 -2.71 7.87
C MET F 615 -58.04 -2.95 6.40
N LYS F 616 -58.13 -4.19 5.89
CA LYS F 616 -58.06 -4.35 4.45
C LYS F 616 -59.25 -3.72 3.75
N PHE F 617 -60.44 -3.86 4.35
CA PHE F 617 -61.62 -3.18 3.84
C PHE F 617 -61.43 -1.67 3.79
N ASN F 618 -61.09 -1.04 4.91
CA ASN F 618 -60.97 0.42 4.89
C ASN F 618 -59.84 0.90 3.98
N VAL F 619 -58.76 0.12 3.83
CA VAL F 619 -57.77 0.42 2.78
C VAL F 619 -58.43 0.41 1.40
N ALA F 620 -59.15 -0.66 1.07
CA ALA F 620 -59.78 -0.74 -0.25
C ALA F 620 -60.83 0.32 -0.44
N MET F 621 -61.45 0.78 0.65
CA MET F 621 -62.38 1.90 0.62
C MET F 621 -61.69 3.25 0.47
N GLY F 622 -60.37 3.29 0.57
CA GLY F 622 -59.66 4.55 0.61
C GLY F 622 -59.86 5.32 1.89
N ILE F 623 -60.40 4.66 2.90
CA ILE F 623 -60.58 5.23 4.23
C ILE F 623 -59.27 5.16 5.00
N GLY F 624 -59.16 5.96 6.06
CA GLY F 624 -57.96 5.92 6.88
C GLY F 624 -57.81 4.58 7.59
N VAL F 625 -56.62 3.99 7.51
CA VAL F 625 -56.48 2.56 7.76
C VAL F 625 -56.79 2.18 9.20
N LEU F 626 -56.68 3.11 10.14
CA LEU F 626 -57.07 2.86 11.53
C LEU F 626 -58.40 3.47 11.91
N ASP F 627 -59.13 4.04 10.95
CA ASP F 627 -60.42 4.64 11.27
C ASP F 627 -61.42 3.59 11.72
PB ADP H . -18.91 28.03 9.51
O1B ADP H . -19.84 27.74 8.36
O2B ADP H . -17.76 28.94 9.16
O3B ADP H . -18.52 26.82 10.32
PA ADP H . -21.11 28.30 11.23
O1A ADP H . -21.04 26.81 11.11
O2A ADP H . -22.35 28.99 10.74
O3A ADP H . -19.79 28.91 10.53
O5' ADP H . -20.85 28.68 12.77
C5' ADP H . -19.59 28.36 13.36
C4' ADP H . -18.78 29.63 13.58
O4' ADP H . -19.26 30.71 12.77
C3' ADP H . -18.89 30.10 15.01
O3' ADP H . -17.92 29.46 15.84
C2' ADP H . -18.69 31.59 14.88
O2' ADP H . -17.30 31.95 14.85
C1' ADP H . -19.36 31.91 13.55
N9 ADP H . -20.79 32.27 13.72
C8 ADP H . -21.84 31.56 13.28
N7 ADP H . -23.02 32.16 13.60
C5 ADP H . -22.71 33.28 14.25
C6 ADP H . -23.49 34.38 14.86
N6 ADP H . -24.83 34.36 14.81
N1 ADP H . -22.81 35.37 15.45
C2 ADP H . -21.46 35.39 15.49
N3 ADP H . -20.70 34.43 14.96
C4 ADP H . -21.25 33.36 14.33
H5'1 ADP H . -19.04 27.69 12.70
H5'2 ADP H . -19.76 27.84 14.31
H4' ADP H . -17.73 29.42 13.35
H3' ADP H . -19.91 29.91 15.39
HO3' ADP H . -17.12 30.00 15.91
H2' ADP H . -19.20 32.11 15.70
HO2' ADP H . -17.20 32.90 14.99
H1' ADP H . -18.82 32.74 13.07
H8 ADP H . -21.78 30.63 12.74
HN61 ADP H . -25.31 33.59 14.36
HN62 ADP H . -25.35 35.12 15.24
H2 ADP H . -20.98 36.22 15.98
PB ADP I . 10.11 34.98 -0.79
O1B ADP I . 11.35 34.89 -1.62
O2B ADP I . 9.23 36.17 -1.05
O3B ADP I . 9.36 33.67 -0.68
PA ADP I . 11.82 36.31 0.98
O1A ADP I . 11.64 37.56 0.17
O2A ADP I . 11.89 36.50 2.48
O3A ADP I . 10.66 35.24 0.69
O5' ADP I . 13.15 35.52 0.53
C5' ADP I . 14.42 35.79 1.10
C4' ADP I . 15.11 36.94 0.40
O4' ADP I . 14.41 38.16 0.57
C3' ADP I . 16.47 37.29 0.97
O3' ADP I . 17.48 36.39 0.51
C2' ADP I . 16.68 38.73 0.52
O2' ADP I . 17.63 38.87 -0.54
C1' ADP I . 15.30 39.13 0.03
N9 ADP I . 14.89 40.47 0.48
C8 ADP I . 14.49 40.78 1.72
N7 ADP I . 14.16 42.09 1.81
C5 ADP I . 14.33 42.61 0.60
C6 ADP I . 14.16 43.94 0.01
N6 ADP I . 13.74 44.91 0.82
N1 ADP I . 14.45 44.11 -1.30
C2 ADP I . 14.88 43.09 -2.05
N3 ADP I . 15.05 41.84 -1.58
C4 ADP I . 14.80 41.54 -0.28
H5'1 ADP I . 14.31 36.02 2.17
H5'2 ADP I . 15.04 34.90 1.02
H4' ADP I . 15.22 36.72 -0.66
H3' ADP I . 16.42 37.28 2.07
HO3' ADP I . 18.07 36.15 1.24
H2' ADP I . 16.96 39.36 1.38
HO2' ADP I . 18.13 38.06 -0.69
H1' ADP I . 15.28 39.09 -1.07
H8 ADP I . 14.45 40.08 2.56
HN61 ADP I . 13.54 44.69 1.78
HN62 ADP I . 13.60 45.83 0.47
H2 ADP I . 15.10 43.26 -3.10
PB ADP J . 24.27 16.38 -22.31
O1B ADP J . 23.00 15.68 -22.69
O2B ADP J . 24.60 17.57 -23.16
O3B ADP J . 24.39 16.60 -20.83
PA ADP J . 27.00 15.67 -22.77
O1A ADP J . 27.28 16.60 -23.91
O2A ADP J . 27.50 16.09 -21.41
O3A ADP J . 25.43 15.32 -22.66
O5' ADP J . 27.63 14.22 -23.08
C5' ADP J . 29.05 14.04 -23.13
C4' ADP J . 29.68 14.27 -24.51
O4' ADP J . 30.06 15.62 -24.65
C3' ADP J . 31.01 13.57 -24.71
O3' ADP J . 30.77 12.23 -25.17
C2' ADP J . 31.77 14.44 -25.71
O2' ADP J . 31.86 13.87 -27.02
C1' ADP J . 30.92 15.69 -25.78
N9 ADP J . 31.48 17.05 -25.69
C8 ADP J . 31.91 17.61 -24.54
N7 ADP J . 32.24 18.90 -24.73
C5 ADP J . 31.95 19.20 -26.00
C6 ADP J . 32.05 20.39 -26.85
N6 ADP J . 32.54 21.53 -26.34
N1 ADP J . 31.65 20.29 -28.13
C2 ADP J . 31.16 19.14 -28.64
N3 ADP J . 31.04 18.02 -27.91
C4 ADP J . 31.40 17.99 -26.61
H5'1 ADP J . 29.52 14.73 -22.43
H5'2 ADP J . 29.29 13.03 -22.81
H4' ADP J . 28.97 13.98 -25.30
H3' ADP J . 31.55 13.55 -23.76
HO3' ADP J . 31.12 12.09 -26.06
H2' ADP J . 32.77 14.69 -25.32
HO2' ADP J . 32.28 14.50 -27.62
H1' ADP J . 30.31 15.64 -26.69
H8 ADP J . 32.03 17.06 -23.60
HN61 ADP J . 32.84 21.56 -25.37
HN62 ADP J . 32.61 22.36 -26.91
H2 ADP J . 30.85 19.13 -29.67
PB ADP K . 10.64 -12.07 -36.19
O1B ADP K . 11.73 -12.09 -37.24
O2B ADP K . 9.39 -11.38 -36.65
O3B ADP K . 11.07 -11.66 -34.81
PA ADP K . 11.08 -14.73 -35.31
O1A ADP K . 12.54 -14.40 -35.20
O2A ADP K . 10.35 -15.18 -34.06
O3A ADP K . 10.21 -13.60 -36.05
O5' ADP K . 10.89 -15.94 -36.34
C5' ADP K . 9.63 -16.60 -36.35
C4' ADP K . 9.59 -17.65 -37.43
O4' ADP K . 9.93 -17.10 -38.69
C3' ADP K . 10.61 -18.74 -37.22
O3' ADP K . 10.12 -19.71 -36.30
C2' ADP K . 10.77 -19.29 -38.61
O2' ADP K . 9.71 -20.19 -38.94
C1' ADP K . 10.63 -18.06 -39.49
N9 ADP K . 11.91 -17.44 -39.87
C8 ADP K . 12.81 -16.91 -39.03
N7 ADP K . 13.85 -16.38 -39.71
C5 ADP K . 13.60 -16.55 -41.01
C6 ADP K . 14.28 -16.23 -42.27
N6 ADP K . 15.47 -15.60 -42.24
N1 ADP K . 13.69 -16.57 -43.42
C2 ADP K . 12.50 -17.20 -43.44
N3 ADP K . 11.82 -17.52 -42.33
C4 ADP K . 12.31 -17.23 -41.11
H5'1 ADP K . 8.84 -15.86 -36.54
H5'2 ADP K . 9.44 -17.05 -35.38
H4' ADP K . 8.59 -18.10 -37.48
H3' ADP K . 11.56 -18.31 -36.87
HO3' ADP K . 10.53 -19.58 -35.44
H2' ADP K . 11.75 -19.74 -38.74
HO2' ADP K . 9.37 -20.62 -38.15
H1' ADP K . 10.04 -18.31 -40.38
H8 ADP K . 12.74 -16.93 -37.95
HN61 ADP K . 15.88 -15.35 -41.36
HN62 ADP K . 15.94 -15.37 -43.12
H2 ADP K . 12.07 -17.44 -44.40
PB ADP L . -22.69 -20.19 -27.15
O1B ADP L . -22.65 -21.05 -28.39
O2B ADP L . -23.06 -18.77 -27.44
O3B ADP L . -21.50 -20.35 -26.23
PA ADP L . -23.78 -21.89 -25.18
O1A ADP L . -22.71 -22.90 -25.49
O2A ADP L . -23.77 -21.22 -23.83
O3A ADP L . -23.93 -20.78 -26.34
O5' ADP L . -25.22 -22.60 -25.32
C5' ADP L . -26.36 -21.93 -24.80
C4' ADP L . -27.59 -22.78 -25.06
O4' ADP L . -27.65 -23.15 -26.44
C3' ADP L . -27.54 -24.12 -24.37
O3' ADP L . -27.92 -23.97 -22.99
C2' ADP L . -28.52 -24.93 -25.18
O2' ADP L . -29.86 -24.68 -24.74
C1' ADP L . -28.38 -24.36 -26.58
N9 ADP L . -27.58 -25.21 -27.49
C8 ADP L . -26.35 -25.66 -27.25
N7 ADP L . -25.88 -26.36 -28.32
C5 ADP L . -26.83 -26.33 -29.26
C6 ADP L . -26.98 -26.86 -30.62
N6 ADP L . -26.01 -27.58 -31.20
N1 ADP L . -28.13 -26.61 -31.28
C2 ADP L . -29.11 -25.88 -30.73
N3 ADP L . -29.03 -25.37 -29.49
C4 ADP L . -27.94 -25.55 -28.73
H5'1 ADP L . -26.47 -20.97 -25.32
H5'2 ADP L . -26.24 -21.74 -23.74
H4' ADP L . -28.49 -22.24 -24.77
H3' ADP L . -26.53 -24.56 -24.45
HO3' ADP L . -28.83 -24.26 -22.86
H2' ADP L . -28.27 -25.99 -25.16
HO2' ADP L . -30.48 -25.24 -25.23
H1' ADP L . -29.36 -24.17 -27.01
H8 ADP L . -25.79 -25.52 -26.33
HN61 ADP L . -25.16 -27.76 -30.68
HN62 ADP L . -26.12 -27.94 -32.13
H2 ADP L . -30.00 -25.71 -31.31
PB ADP M . -41.77 3.34 -8.59
O1B ADP M . -42.88 2.34 -8.80
O2B ADP M . -41.62 4.33 -9.70
O3B ADP M . -40.50 2.75 -8.05
PA ADP M . -41.72 4.09 -5.89
O1A ADP M . -41.57 2.63 -5.54
O2A ADP M . -40.55 5.03 -5.73
O3A ADP M . -42.31 4.25 -7.37
O5' ADP M . -42.97 4.68 -5.07
C5' ADP M . -43.09 6.08 -4.88
C4' ADP M . -44.41 6.34 -4.18
O4' ADP M . -45.49 5.99 -5.02
C3' ADP M . -44.64 5.49 -2.96
O3' ADP M . -43.92 6.01 -1.84
C2' ADP M . -46.14 5.55 -2.79
O2' ADP M . -46.56 6.71 -2.06
C1' ADP M . -46.65 5.69 -4.22
N9 ADP M . -47.21 4.48 -4.83
C8 ADP M . -46.56 3.31 -4.93
N7 ADP M . -47.30 2.42 -5.63
C5 ADP M . -48.43 3.03 -6.00
C6 ADP M . -49.63 2.67 -6.75
N6 ADP M . -49.77 1.41 -7.24
N1 ADP M . -50.58 3.59 -6.94
C2 ADP M . -50.46 4.83 -6.45
N3 ADP M . -49.38 5.24 -5.75
C4 ADP M . -48.35 4.41 -5.51
H5'1 ADP M . -43.09 6.58 -5.85
H5'2 ADP M . -42.26 6.46 -4.29
H4' ADP M . -44.47 7.40 -3.90
H3' ADP M . -44.34 4.45 -3.17
HO3' ADP M . -43.00 5.72 -1.88
H2' ADP M . -46.52 4.62 -2.34
HO2' ADP M . -45.87 7.00 -1.45
H1' ADP M . -47.37 6.52 -4.28
H8 ADP M . -45.59 3.11 -4.51
HN61 ADP M . -49.04 0.74 -7.09
HN62 ADP M . -50.60 1.18 -7.74
H2 ADP M . -51.25 5.55 -6.63
#